data_3UPF
#
_entry.id   3UPF
#
_cell.length_a   120.860
_cell.length_b   195.950
_cell.length_c   109.240
_cell.angle_alpha   90.00
_cell.angle_beta   114.38
_cell.angle_gamma   90.00
#
_symmetry.space_group_name_H-M   'C 1 2 1'
#
loop_
_entity.id
_entity.type
_entity.pdbx_description
1 polymer 'RNA-dependent RNA polymerase'
2 non-polymer '8-({3-[({3-[(4,6,8-trisulfonaphthalen-1-yl)carbamoyl]phenyl}carbamoyl)amino]benzoyl}amino)naphthalene-1,3,5-trisulfonic acid'
3 non-polymer 'SULFATE ION'
4 water water
#
_entity_poly.entity_id   1
_entity_poly.type   'polypeptide(L)'
_entity_poly.pdbx_seq_one_letter_code
;MKALEFQGPPMLPRPSGTYAGLPIADYGDAPPLSTKTMFWRTSPEKLPPGAWEPAYLGSKDERVDGPSLQQVMRDQLKPY
SEPRGLLPPQEILDAVCDAIENRLENTLEPQKPWTFKKACESLDKNTSSGYPYHKQKSKDWTGSAFIGDLGDQATHANNM
YEMGKSMRPIYTAALKDELVKPDKIYGKIKKRLLWGSDLGTMIRAARAFGPFCDALKETCIFNPIRVGMSMNEDGPFIFA
RHANFRYHMDADYTRWDSTQQRAILKRAGDIMVRLSPEPDLARVVMDDLLAPSLLDVGDYKIVVEEGLPSGCPCTTQLNS
LAHWILTLCAMVEVTRVDPDIVMQESEFSFYGDDEVVSTNLELDMVKYTMALRRYGLLPTRADKEEGPLERRQTLQGISF
LRRAIVGDQFGWYGRLDRASIDRQLLWTKGPNHQNPFETLPGHAQRPSQLMALLGEAAMHGEKYYRTVASRVSKEAAQSG
IEMVVPRHRSVLRWVRFGTMDAETPQERSAVFVNEDELEHHHHHH
;
_entity_poly.pdbx_strand_id   A,B,C
#
# COMPACT_ATOMS: atom_id res chain seq x y z
N LEU A 12 2.47 -8.02 51.03
CA LEU A 12 1.64 -8.89 50.13
C LEU A 12 2.47 -9.76 49.16
N PRO A 13 2.51 -11.10 49.41
CA PRO A 13 3.13 -12.00 48.46
C PRO A 13 2.12 -12.45 47.40
N ARG A 14 2.65 -12.90 46.25
CA ARG A 14 1.83 -13.46 45.16
C ARG A 14 0.97 -14.57 45.76
N PRO A 15 -0.32 -14.64 45.38
CA PRO A 15 -1.08 -15.79 45.85
C PRO A 15 -0.67 -17.06 45.10
N SER A 16 -1.22 -18.20 45.51
CA SER A 16 -0.92 -19.44 44.82
C SER A 16 -2.10 -20.38 44.98
N GLY A 17 -2.04 -21.48 44.26
CA GLY A 17 -3.11 -22.44 44.28
C GLY A 17 -3.61 -22.77 42.90
N THR A 18 -4.85 -23.27 42.86
CA THR A 18 -5.44 -23.75 41.64
C THR A 18 -6.77 -23.08 41.40
N TYR A 19 -6.98 -22.69 40.15
CA TYR A 19 -8.24 -22.13 39.69
C TYR A 19 -8.63 -22.89 38.43
N ALA A 20 -9.83 -23.47 38.46
CA ALA A 20 -10.32 -24.31 37.36
C ALA A 20 -9.24 -25.22 36.77
N GLY A 21 -8.52 -25.93 37.64
CA GLY A 21 -7.50 -26.88 37.20
C GLY A 21 -6.21 -26.25 36.72
N LEU A 22 -6.12 -24.93 36.79
CA LEU A 22 -4.94 -24.19 36.32
C LEU A 22 -4.24 -23.47 37.47
N PRO A 23 -2.89 -23.38 37.41
CA PRO A 23 -2.16 -22.76 38.52
C PRO A 23 -2.41 -21.26 38.60
N ILE A 24 -2.68 -20.76 39.81
CA ILE A 24 -2.72 -19.30 40.08
C ILE A 24 -1.30 -18.79 40.11
N ALA A 25 -1.12 -17.60 39.52
CA ALA A 25 0.17 -16.96 39.41
C ALA A 25 0.19 -15.60 40.06
N ASP A 26 -0.98 -14.96 40.16
CA ASP A 26 -1.07 -13.61 40.71
C ASP A 26 -2.52 -13.17 40.91
N TYR A 27 -2.69 -12.03 41.58
CA TYR A 27 -3.98 -11.38 41.65
C TYR A 27 -4.39 -10.77 40.30
N GLY A 28 -5.71 -10.67 40.10
CA GLY A 28 -6.29 -10.15 38.87
C GLY A 28 -6.58 -8.66 38.93
N ASP A 29 -6.61 -8.04 37.75
CA ASP A 29 -6.86 -6.62 37.61
C ASP A 29 -8.04 -6.41 36.68
N ALA A 30 -8.65 -7.52 36.28
CA ALA A 30 -9.75 -7.52 35.31
C ALA A 30 -11.04 -6.96 35.89
N PRO A 31 -11.82 -6.23 35.07
CA PRO A 31 -13.13 -5.76 35.50
C PRO A 31 -14.14 -6.92 35.46
N PRO A 32 -15.29 -6.78 36.14
CA PRO A 32 -16.14 -7.96 36.24
C PRO A 32 -16.75 -8.36 34.89
N LEU A 33 -17.18 -9.60 34.76
CA LEU A 33 -17.80 -10.05 33.51
C LEU A 33 -19.12 -9.34 33.27
N SER A 34 -19.39 -9.04 32.01
CA SER A 34 -20.61 -8.34 31.61
C SER A 34 -21.87 -9.18 31.83
N THR A 35 -22.85 -8.57 32.48
CA THR A 35 -24.13 -9.24 32.71
C THR A 35 -25.14 -8.68 31.71
N LYS A 36 -24.63 -8.08 30.63
CA LYS A 36 -25.48 -7.45 29.64
C LYS A 36 -25.30 -7.98 28.20
N THR A 37 -26.30 -7.74 27.35
CA THR A 37 -26.23 -8.09 25.94
C THR A 37 -26.49 -6.87 25.07
N MET A 38 -25.88 -6.88 23.89
CA MET A 38 -26.05 -5.82 22.91
C MET A 38 -27.25 -6.06 22.00
N PHE A 39 -27.88 -7.24 22.15
CA PHE A 39 -28.98 -7.63 21.27
C PHE A 39 -30.34 -7.22 21.81
N TRP A 40 -31.20 -6.80 20.90
CA TRP A 40 -32.53 -6.32 21.24
C TRP A 40 -33.48 -6.94 20.22
N ARG A 41 -34.70 -7.27 20.63
CA ARG A 41 -35.70 -7.73 19.68
C ARG A 41 -36.17 -6.60 18.76
N THR A 42 -36.75 -6.98 17.63
CA THR A 42 -37.20 -6.00 16.65
C THR A 42 -38.71 -5.80 16.69
N SER A 43 -39.40 -6.68 17.41
CA SER A 43 -40.84 -6.60 17.62
C SER A 43 -41.15 -7.22 18.99
N PRO A 44 -42.19 -6.73 19.68
CA PRO A 44 -42.53 -7.29 20.99
C PRO A 44 -43.10 -8.72 20.93
N GLU A 45 -43.47 -9.17 19.73
CA GLU A 45 -44.06 -10.49 19.53
C GLU A 45 -43.23 -11.64 20.11
N LYS A 46 -43.91 -12.68 20.61
CA LYS A 46 -43.26 -13.87 21.17
C LYS A 46 -42.45 -14.59 20.10
N LEU A 47 -41.27 -15.04 20.52
CA LEU A 47 -40.31 -15.70 19.67
C LEU A 47 -40.86 -17.05 19.26
N PRO A 48 -40.61 -17.47 18.01
CA PRO A 48 -41.02 -18.80 17.59
C PRO A 48 -40.38 -19.85 18.50
N PRO A 49 -40.91 -21.08 18.49
CA PRO A 49 -40.30 -22.20 19.26
C PRO A 49 -38.85 -22.47 18.83
N GLY A 50 -37.98 -22.72 19.81
CA GLY A 50 -36.57 -23.06 19.55
C GLY A 50 -35.73 -21.97 18.88
N ALA A 51 -36.23 -20.73 18.89
CA ALA A 51 -35.53 -19.59 18.29
C ALA A 51 -34.34 -19.10 19.13
N TRP A 52 -33.24 -18.79 18.44
CA TRP A 52 -32.01 -18.30 19.08
C TRP A 52 -32.18 -17.01 19.87
N GLU A 53 -31.36 -16.87 20.91
CA GLU A 53 -31.42 -15.77 21.83
C GLU A 53 -29.98 -15.46 22.25
N PRO A 54 -29.73 -14.24 22.79
CA PRO A 54 -28.39 -13.90 23.28
C PRO A 54 -27.95 -14.86 24.37
N ALA A 55 -26.65 -15.16 24.41
CA ALA A 55 -26.12 -16.05 25.41
C ALA A 55 -26.42 -15.60 26.85
N TYR A 56 -26.33 -16.55 27.77
CA TYR A 56 -26.69 -16.41 29.18
C TYR A 56 -25.97 -15.25 29.88
N LEU A 57 -26.69 -14.53 30.75
CA LEU A 57 -26.18 -13.28 31.28
C LEU A 57 -25.81 -13.30 32.75
N GLY A 58 -25.79 -14.49 33.36
CA GLY A 58 -25.42 -14.60 34.77
C GLY A 58 -26.58 -14.66 35.75
N SER A 59 -26.25 -14.55 37.03
CA SER A 59 -27.23 -14.68 38.12
C SER A 59 -28.39 -13.69 37.98
N LYS A 60 -28.14 -12.54 37.35
CA LYS A 60 -29.17 -11.52 37.10
C LYS A 60 -30.06 -11.81 35.87
N ASP A 61 -29.79 -12.89 35.16
CA ASP A 61 -30.52 -13.23 33.93
C ASP A 61 -31.95 -13.66 34.24
N GLU A 62 -32.90 -12.83 33.83
CA GLU A 62 -34.32 -13.06 34.08
C GLU A 62 -34.87 -14.35 33.46
N ARG A 63 -34.21 -14.89 32.43
CA ARG A 63 -34.74 -16.05 31.68
C ARG A 63 -34.55 -17.42 32.35
N VAL A 64 -33.50 -17.58 33.13
CA VAL A 64 -33.22 -18.84 33.85
C VAL A 64 -32.32 -18.67 35.06
N ASP A 65 -32.50 -19.56 36.03
CA ASP A 65 -31.60 -19.68 37.17
C ASP A 65 -30.53 -20.69 36.82
N GLY A 66 -29.33 -20.17 36.55
CA GLY A 66 -28.15 -20.98 36.30
C GLY A 66 -27.03 -20.44 37.19
N PRO A 67 -25.79 -20.93 36.98
CA PRO A 67 -24.64 -20.57 37.82
C PRO A 67 -24.10 -19.17 37.51
N SER A 68 -23.18 -18.70 38.34
CA SER A 68 -22.52 -17.41 38.13
C SER A 68 -21.65 -17.46 36.87
N LEU A 69 -21.44 -16.32 36.24
CA LEU A 69 -20.63 -16.27 35.02
C LEU A 69 -19.21 -16.80 35.19
N GLN A 70 -18.61 -16.49 36.34
CA GLN A 70 -17.25 -16.96 36.67
C GLN A 70 -17.22 -18.48 36.67
N GLN A 71 -18.33 -19.08 37.12
CA GLN A 71 -18.48 -20.52 37.09
C GLN A 71 -18.69 -21.00 35.66
N VAL A 72 -19.36 -20.19 34.83
CA VAL A 72 -19.54 -20.53 33.42
C VAL A 72 -18.19 -20.44 32.69
N MET A 73 -17.45 -19.39 33.03
CA MET A 73 -16.10 -19.21 32.54
C MET A 73 -15.19 -20.36 32.95
N ARG A 74 -15.18 -20.69 34.23
CA ARG A 74 -14.39 -21.82 34.74
C ARG A 74 -14.59 -23.10 33.93
N ASP A 75 -15.84 -23.38 33.53
CA ASP A 75 -16.19 -24.50 32.65
C ASP A 75 -15.44 -24.44 31.32
N GLN A 76 -15.42 -23.25 30.74
CA GLN A 76 -14.74 -23.03 29.46
C GLN A 76 -13.22 -23.26 29.51
N LEU A 77 -12.61 -23.07 30.68
CA LEU A 77 -11.17 -23.29 30.89
C LEU A 77 -10.78 -24.75 31.10
N LYS A 78 -11.78 -25.59 31.42
CA LYS A 78 -11.50 -26.98 31.76
C LYS A 78 -10.65 -27.69 30.72
N PRO A 79 -11.04 -27.63 29.40
CA PRO A 79 -10.25 -28.38 28.41
C PRO A 79 -8.86 -27.83 28.19
N TYR A 80 -8.53 -26.71 28.85
CA TYR A 80 -7.18 -26.14 28.75
C TYR A 80 -6.17 -26.86 29.65
N SER A 81 -6.68 -27.62 30.59
CA SER A 81 -5.85 -28.44 31.44
C SER A 81 -5.86 -29.89 30.95
N GLU A 82 -6.73 -30.20 30.00
CA GLU A 82 -6.81 -31.54 29.42
C GLU A 82 -5.47 -31.93 28.79
N PRO A 83 -5.11 -33.23 28.82
CA PRO A 83 -3.84 -33.65 28.20
C PRO A 83 -3.82 -33.34 26.71
N ARG A 84 -2.68 -32.96 26.15
CA ARG A 84 -2.59 -32.74 24.71
C ARG A 84 -2.77 -34.05 23.99
N GLY A 85 -3.20 -33.99 22.73
CA GLY A 85 -3.12 -35.13 21.83
C GLY A 85 -1.68 -35.34 21.45
N LEU A 86 -1.44 -36.16 20.44
CA LEU A 86 -0.10 -36.47 19.99
C LEU A 86 0.40 -35.67 18.81
N LEU A 87 1.66 -35.29 18.90
CA LEU A 87 2.38 -34.71 17.81
C LEU A 87 2.38 -35.65 16.57
N PRO A 88 2.13 -35.09 15.38
CA PRO A 88 2.34 -35.87 14.17
C PRO A 88 3.79 -36.38 14.06
N PRO A 89 4.00 -37.46 13.28
CA PRO A 89 5.32 -38.08 13.24
C PRO A 89 6.34 -37.10 12.72
N GLN A 90 7.45 -36.94 13.45
CA GLN A 90 8.48 -35.97 13.10
C GLN A 90 8.82 -35.97 11.60
N GLU A 91 9.02 -37.15 11.02
CA GLU A 91 9.30 -37.32 9.61
C GLU A 91 8.27 -36.59 8.74
N ILE A 92 7.02 -36.62 9.19
CA ILE A 92 5.91 -35.98 8.47
C ILE A 92 5.80 -34.48 8.79
N LEU A 93 5.92 -34.12 10.07
CA LEU A 93 5.85 -32.72 10.46
C LEU A 93 6.82 -31.89 9.60
N ASP A 94 8.05 -32.38 9.49
CA ASP A 94 9.12 -31.60 8.90
C ASP A 94 8.93 -31.35 7.40
N ALA A 95 8.53 -32.39 6.67
CA ALA A 95 8.29 -32.30 5.24
C ALA A 95 7.12 -31.37 4.92
N VAL A 96 6.07 -31.49 5.74
CA VAL A 96 4.87 -30.67 5.64
C VAL A 96 5.27 -29.22 5.88
N CYS A 97 5.92 -28.99 7.01
CA CYS A 97 6.46 -27.69 7.38
C CYS A 97 7.26 -27.05 6.28
N ASP A 98 8.19 -27.83 5.72
CA ASP A 98 9.06 -27.35 4.65
C ASP A 98 8.27 -27.02 3.39
N ALA A 99 7.23 -27.80 3.12
CA ALA A 99 6.47 -27.60 1.90
C ALA A 99 5.67 -26.31 1.98
N ILE A 100 5.05 -26.09 3.13
CA ILE A 100 4.29 -24.89 3.38
C ILE A 100 5.21 -23.68 3.34
N GLU A 101 6.37 -23.79 3.97
CA GLU A 101 7.32 -22.67 3.99
C GLU A 101 7.78 -22.33 2.58
N ASN A 102 8.15 -23.36 1.83
CA ASN A 102 8.46 -23.21 0.42
C ASN A 102 7.30 -22.54 -0.36
N ARG A 103 6.08 -23.06 -0.20
CA ARG A 103 4.91 -22.46 -0.86
C ARG A 103 4.68 -20.97 -0.58
N LEU A 104 4.86 -20.54 0.66
CA LEU A 104 4.71 -19.13 0.99
C LEU A 104 5.90 -18.32 0.44
N GLU A 105 7.10 -18.89 0.54
CA GLU A 105 8.29 -18.32 -0.10
C GLU A 105 8.00 -17.95 -1.56
N ASN A 106 7.51 -18.91 -2.33
CA ASN A 106 7.24 -18.73 -3.75
C ASN A 106 6.10 -17.77 -4.05
N THR A 107 5.21 -17.56 -3.08
CA THR A 107 4.00 -16.79 -3.36
C THR A 107 3.92 -15.41 -2.71
N LEU A 108 4.55 -15.24 -1.57
CA LEU A 108 4.46 -13.97 -0.86
C LEU A 108 5.47 -12.93 -1.32
N GLU A 109 4.99 -11.70 -1.47
CA GLU A 109 5.84 -10.55 -1.77
C GLU A 109 6.55 -10.06 -0.50
N PRO A 110 7.90 -10.00 -0.52
CA PRO A 110 8.68 -9.44 0.60
C PRO A 110 8.15 -8.07 1.02
N GLN A 111 8.17 -7.78 2.31
CA GLN A 111 7.61 -6.51 2.80
C GLN A 111 8.64 -5.59 3.45
N LYS A 112 8.28 -4.31 3.55
CA LYS A 112 9.02 -3.32 4.33
C LYS A 112 8.42 -3.39 5.73
N PRO A 113 9.27 -3.29 6.76
CA PRO A 113 8.84 -3.31 8.16
C PRO A 113 7.65 -2.41 8.45
N TRP A 114 6.82 -2.84 9.39
CA TRP A 114 5.71 -2.01 9.81
C TRP A 114 6.24 -0.99 10.78
N THR A 115 5.87 0.27 10.58
CA THR A 115 6.23 1.30 11.55
C THR A 115 5.36 1.21 12.78
N PHE A 116 5.70 2.02 13.78
CA PHE A 116 4.94 2.17 15.00
C PHE A 116 3.62 2.87 14.70
N LYS A 117 3.70 3.92 13.89
CA LYS A 117 2.50 4.60 13.37
C LYS A 117 1.53 3.59 12.77
N LYS A 118 2.05 2.74 11.88
CA LYS A 118 1.27 1.70 11.20
C LYS A 118 0.49 0.84 12.19
N ALA A 119 1.25 0.17 13.06
CA ALA A 119 0.74 -0.70 14.11
C ALA A 119 -0.34 -0.04 14.95
N CYS A 120 -0.11 1.23 15.27
CA CYS A 120 -1.09 2.01 16.01
C CYS A 120 -2.40 2.24 15.23
N GLU A 121 -2.29 2.52 13.92
CA GLU A 121 -3.48 2.74 13.10
C GLU A 121 -4.26 1.44 12.89
N SER A 122 -3.54 0.33 12.76
CA SER A 122 -4.18 -0.99 12.53
C SER A 122 -5.05 -1.55 13.66
N LEU A 123 -4.87 -1.09 14.88
CA LEU A 123 -5.66 -1.60 15.99
C LEU A 123 -7.14 -1.22 15.90
N ASP A 124 -8.00 -2.17 16.21
CA ASP A 124 -9.44 -1.92 16.27
C ASP A 124 -9.69 -1.00 17.46
N LYS A 125 -10.12 0.21 17.18
CA LYS A 125 -10.24 1.24 18.21
C LYS A 125 -11.49 1.13 19.09
N ASN A 126 -12.43 0.28 18.68
CA ASN A 126 -13.71 0.16 19.41
C ASN A 126 -13.64 -0.83 20.59
N THR A 127 -12.72 -1.79 20.51
CA THR A 127 -12.55 -2.75 21.58
C THR A 127 -11.66 -2.22 22.71
N SER A 128 -11.69 -2.92 23.86
CA SER A 128 -10.82 -2.64 25.00
C SER A 128 -9.30 -2.73 24.77
N SER A 129 -8.57 -2.00 25.61
CA SER A 129 -7.11 -2.00 25.56
C SER A 129 -6.51 -3.12 26.45
N GLY A 130 -7.36 -3.72 27.28
CA GLY A 130 -6.98 -4.79 28.20
C GLY A 130 -6.04 -4.33 29.32
N TYR A 131 -5.31 -5.27 29.90
CA TYR A 131 -4.29 -4.97 30.92
C TYR A 131 -3.35 -3.84 30.49
N PRO A 132 -3.17 -2.82 31.33
CA PRO A 132 -3.83 -2.71 32.63
C PRO A 132 -4.91 -1.62 32.71
N TYR A 133 -5.10 -0.85 31.64
CA TYR A 133 -6.02 0.28 31.75
C TYR A 133 -7.47 -0.04 31.42
N HIS A 134 -7.73 -1.19 30.79
CA HIS A 134 -9.10 -1.64 30.47
C HIS A 134 -10.08 -0.55 30.01
N LYS A 135 -9.62 0.31 29.10
CA LYS A 135 -10.46 1.36 28.56
C LYS A 135 -10.52 1.16 27.07
N GLN A 136 -11.64 1.54 26.45
CA GLN A 136 -11.78 1.44 25.02
C GLN A 136 -10.62 2.21 24.37
N LYS A 137 -9.94 1.59 23.40
CA LYS A 137 -8.77 2.19 22.73
C LYS A 137 -9.03 3.60 22.16
N SER A 138 -10.28 3.90 21.87
CA SER A 138 -10.68 5.22 21.36
C SER A 138 -10.51 6.35 22.39
N LYS A 139 -10.74 6.06 23.68
CA LYS A 139 -10.60 7.06 24.74
C LYS A 139 -9.25 7.80 24.77
N ASP A 140 -8.26 7.26 24.05
CA ASP A 140 -6.89 7.78 24.05
C ASP A 140 -6.37 7.99 22.62
N TRP A 141 -7.24 7.84 21.62
CA TRP A 141 -6.83 7.97 20.22
C TRP A 141 -7.22 9.36 19.66
N THR A 142 -6.42 9.86 18.72
CA THR A 142 -6.58 11.22 18.23
C THR A 142 -6.65 11.27 16.70
N GLY A 143 -7.14 10.18 16.10
CA GLY A 143 -7.12 10.05 14.65
C GLY A 143 -5.75 9.60 14.16
N SER A 144 -4.70 10.04 14.85
CA SER A 144 -3.32 9.79 14.39
C SER A 144 -2.46 8.96 15.36
N ALA A 145 -2.65 9.15 16.66
CA ALA A 145 -1.80 8.49 17.67
C ALA A 145 -2.49 8.29 19.02
N PHE A 146 -1.86 7.48 19.86
CA PHE A 146 -2.35 7.26 21.21
C PHE A 146 -1.76 8.32 22.11
N ILE A 147 -2.59 8.83 23.02
CA ILE A 147 -2.12 9.79 24.00
C ILE A 147 -2.42 9.23 25.36
N GLY A 148 -2.05 9.98 26.40
CA GLY A 148 -2.26 9.57 27.80
C GLY A 148 -1.72 8.20 28.11
N ASP A 149 -2.45 7.48 28.97
CA ASP A 149 -2.09 6.14 29.40
C ASP A 149 -1.74 5.22 28.24
N LEU A 150 -2.71 5.00 27.36
CA LEU A 150 -2.50 4.16 26.19
C LEU A 150 -1.30 4.62 25.36
N GLY A 151 -1.12 5.94 25.23
CA GLY A 151 0.08 6.52 24.65
C GLY A 151 1.34 5.95 25.29
N ASP A 152 1.40 5.97 26.62
CA ASP A 152 2.56 5.47 27.35
C ASP A 152 2.75 3.97 27.18
N GLN A 153 1.66 3.20 27.31
CA GLN A 153 1.72 1.76 27.19
C GLN A 153 2.27 1.37 25.84
N ALA A 154 1.82 2.09 24.81
CA ALA A 154 2.25 1.85 23.44
C ALA A 154 3.73 2.21 23.22
N THR A 155 4.15 3.34 23.78
CA THR A 155 5.53 3.80 23.62
C THR A 155 6.50 2.82 24.30
N HIS A 156 6.21 2.48 25.55
CA HIS A 156 7.05 1.50 26.23
C HIS A 156 7.15 0.17 25.47
N ALA A 157 6.01 -0.36 25.00
CA ALA A 157 5.98 -1.63 24.26
C ALA A 157 6.79 -1.56 22.98
N ASN A 158 6.64 -0.44 22.28
CA ASN A 158 7.40 -0.21 21.05
C ASN A 158 8.92 -0.21 21.31
N ASN A 159 9.33 0.41 22.42
CA ASN A 159 10.75 0.42 22.79
C ASN A 159 11.31 -0.98 23.00
N MET A 160 10.51 -1.85 23.63
CA MET A 160 10.94 -3.22 23.89
C MET A 160 11.11 -3.98 22.60
N TYR A 161 10.24 -3.69 21.64
CA TYR A 161 10.23 -4.40 20.37
C TYR A 161 11.49 -4.06 19.58
N GLU A 162 11.83 -2.77 19.52
CA GLU A 162 13.02 -2.35 18.76
C GLU A 162 14.32 -2.84 19.40
N MET A 163 14.31 -3.00 20.73
CA MET A 163 15.47 -3.51 21.48
C MET A 163 15.54 -5.04 21.59
N GLY A 164 14.57 -5.75 21.03
CA GLY A 164 14.48 -7.20 21.13
C GLY A 164 14.31 -7.75 22.54
N LYS A 165 13.71 -6.95 23.43
CA LYS A 165 13.52 -7.35 24.83
C LYS A 165 12.14 -7.97 25.06
N SER A 166 12.10 -8.94 25.96
CA SER A 166 10.90 -9.74 26.18
C SER A 166 9.90 -9.05 27.08
N MET A 167 8.62 -9.19 26.75
CA MET A 167 7.52 -8.72 27.60
C MET A 167 6.51 -9.83 27.74
N ARG A 168 5.97 -9.97 28.93
CA ARG A 168 4.94 -11.00 29.22
C ARG A 168 3.52 -10.51 28.88
N PRO A 169 2.91 -11.06 27.82
CA PRO A 169 1.53 -10.70 27.51
C PRO A 169 0.64 -11.09 28.68
N ILE A 170 -0.31 -10.23 28.99
CA ILE A 170 -1.33 -10.54 30.00
C ILE A 170 -2.69 -10.50 29.30
N TYR A 171 -3.47 -11.56 29.46
CA TYR A 171 -4.73 -11.70 28.76
C TYR A 171 -5.88 -11.52 29.75
N THR A 172 -6.99 -10.96 29.28
CA THR A 172 -8.15 -10.66 30.09
C THR A 172 -9.27 -11.54 29.60
N ALA A 173 -9.69 -12.48 30.44
CA ALA A 173 -10.76 -13.39 30.05
C ALA A 173 -12.07 -12.64 29.93
N ALA A 174 -12.85 -12.99 28.94
CA ALA A 174 -14.22 -12.50 28.88
C ALA A 174 -15.09 -13.60 28.26
N LEU A 175 -16.40 -13.42 28.31
CA LEU A 175 -17.31 -14.37 27.65
C LEU A 175 -18.10 -13.71 26.50
N LYS A 176 -18.30 -14.44 25.41
CA LYS A 176 -18.86 -13.88 24.18
C LYS A 176 -20.37 -13.65 24.17
N ASP A 177 -20.72 -12.38 24.04
CA ASP A 177 -22.09 -11.96 23.88
C ASP A 177 -22.54 -12.23 22.45
N GLU A 178 -23.32 -13.30 22.25
CA GLU A 178 -23.76 -13.69 20.91
C GLU A 178 -25.06 -14.47 20.96
N LEU A 179 -25.69 -14.62 19.80
CA LEU A 179 -26.90 -15.44 19.65
C LEU A 179 -26.55 -16.93 19.65
N VAL A 180 -27.23 -17.70 20.50
CA VAL A 180 -26.94 -19.14 20.60
C VAL A 180 -28.22 -19.96 20.47
N LYS A 181 -28.07 -21.24 20.13
CA LYS A 181 -29.22 -22.15 20.12
C LYS A 181 -29.78 -22.28 21.56
N PRO A 182 -31.13 -22.25 21.69
CA PRO A 182 -31.81 -22.16 22.99
C PRO A 182 -31.28 -23.11 24.06
N ASP A 183 -30.85 -24.30 23.65
CA ASP A 183 -30.34 -25.34 24.56
C ASP A 183 -29.12 -24.89 25.38
N LYS A 184 -28.43 -23.86 24.90
CA LYS A 184 -27.27 -23.29 25.60
C LYS A 184 -27.67 -22.24 26.64
N ILE A 185 -28.94 -21.87 26.66
CA ILE A 185 -29.47 -20.96 27.67
C ILE A 185 -30.30 -21.74 28.68
N TYR A 186 -31.11 -22.67 28.19
CA TYR A 186 -32.10 -23.33 29.03
C TYR A 186 -31.65 -24.71 29.44
N GLY A 187 -30.92 -25.38 28.56
CA GLY A 187 -30.28 -26.66 28.87
C GLY A 187 -28.95 -26.45 29.56
N LYS A 188 -27.94 -27.25 29.20
CA LYS A 188 -26.59 -27.10 29.75
C LYS A 188 -26.01 -25.77 29.26
N ILE A 189 -25.94 -24.83 30.19
CA ILE A 189 -25.51 -23.46 29.91
C ILE A 189 -24.04 -23.39 29.46
N LYS A 190 -23.79 -22.62 28.40
CA LYS A 190 -22.45 -22.41 27.86
C LYS A 190 -22.34 -21.00 27.26
N LYS A 191 -21.10 -20.49 27.18
CA LYS A 191 -20.82 -19.18 26.63
C LYS A 191 -19.35 -19.13 26.26
N ARG A 192 -19.03 -18.80 25.00
CA ARG A 192 -17.65 -18.87 24.53
C ARG A 192 -16.72 -17.91 25.23
N LEU A 193 -15.59 -18.44 25.67
CA LEU A 193 -14.52 -17.67 26.30
C LEU A 193 -13.69 -16.92 25.26
N LEU A 194 -13.37 -15.66 25.57
CA LEU A 194 -12.46 -14.88 24.74
C LEU A 194 -11.26 -14.43 25.56
N TRP A 195 -10.12 -14.28 24.89
CA TRP A 195 -8.88 -13.78 25.50
C TRP A 195 -8.64 -12.35 25.03
N GLY A 196 -8.74 -11.38 25.94
CA GLY A 196 -8.52 -9.99 25.56
C GLY A 196 -7.05 -9.68 25.77
N SER A 197 -6.33 -9.58 24.67
CA SER A 197 -4.91 -9.29 24.70
C SER A 197 -4.66 -7.86 25.19
N ASP A 198 -3.49 -7.60 25.78
CA ASP A 198 -3.16 -6.25 26.22
C ASP A 198 -2.56 -5.42 25.07
N LEU A 199 -2.61 -4.10 25.20
CA LEU A 199 -2.22 -3.22 24.11
C LEU A 199 -0.74 -3.34 23.75
N GLY A 200 0.12 -3.47 24.76
CA GLY A 200 1.55 -3.60 24.51
C GLY A 200 1.81 -4.74 23.55
N THR A 201 1.30 -5.90 23.91
CA THR A 201 1.27 -7.10 23.06
C THR A 201 0.68 -6.82 21.68
N MET A 202 -0.49 -6.17 21.66
CA MET A 202 -1.17 -5.84 20.41
C MET A 202 -0.26 -5.03 19.51
N ILE A 203 0.49 -4.12 20.11
CA ILE A 203 1.45 -3.30 19.38
C ILE A 203 2.63 -4.12 18.85
N ARG A 204 3.28 -4.87 19.73
CA ARG A 204 4.46 -5.63 19.33
C ARG A 204 4.11 -6.67 18.26
N ALA A 205 2.94 -7.30 18.42
CA ALA A 205 2.48 -8.33 17.48
C ALA A 205 2.19 -7.67 16.15
N ALA A 206 1.53 -6.50 16.22
CA ALA A 206 1.21 -5.73 15.03
C ALA A 206 2.46 -5.41 14.23
N ARG A 207 3.46 -4.80 14.88
CA ARG A 207 4.72 -4.45 14.20
C ARG A 207 5.42 -5.66 13.60
N ALA A 208 5.52 -6.70 14.42
CA ALA A 208 6.25 -7.91 14.08
C ALA A 208 5.61 -8.68 12.93
N PHE A 209 4.29 -8.88 12.98
CA PHE A 209 3.62 -9.81 12.05
C PHE A 209 2.64 -9.17 11.07
N GLY A 210 2.35 -7.89 11.26
CA GLY A 210 1.52 -7.15 10.32
C GLY A 210 2.02 -7.33 8.89
N PRO A 211 3.32 -7.07 8.65
CA PRO A 211 3.89 -7.29 7.32
C PRO A 211 3.49 -8.64 6.72
N PHE A 212 3.84 -9.73 7.41
CA PHE A 212 3.42 -11.06 7.00
C PHE A 212 1.90 -11.16 6.76
N CYS A 213 1.10 -10.66 7.70
CA CYS A 213 -0.37 -10.66 7.56
C CYS A 213 -0.84 -9.97 6.27
N ASP A 214 -0.12 -8.91 5.86
CA ASP A 214 -0.37 -8.18 4.60
C ASP A 214 -0.06 -9.06 3.40
N ALA A 215 1.17 -9.59 3.37
CA ALA A 215 1.63 -10.44 2.27
C ALA A 215 0.65 -11.59 2.06
N LEU A 216 0.33 -12.28 3.15
CA LEU A 216 -0.60 -13.38 3.11
C LEU A 216 -1.93 -12.93 2.55
N LYS A 217 -2.42 -11.77 2.99
CA LYS A 217 -3.74 -11.27 2.62
C LYS A 217 -3.85 -10.97 1.11
N GLU A 218 -2.75 -10.47 0.54
CA GLU A 218 -2.66 -10.13 -0.88
C GLU A 218 -2.85 -11.35 -1.77
N THR A 219 -2.49 -12.51 -1.23
CA THR A 219 -2.63 -13.79 -1.93
C THR A 219 -3.66 -14.72 -1.26
N CYS A 220 -4.71 -14.13 -0.67
CA CYS A 220 -5.75 -14.92 0.01
C CYS A 220 -6.54 -15.84 -0.93
N ILE A 221 -6.11 -15.92 -2.20
CA ILE A 221 -6.79 -16.71 -3.24
C ILE A 221 -5.93 -17.84 -3.79
N PHE A 222 -4.64 -17.58 -3.99
CA PHE A 222 -3.71 -18.59 -4.49
C PHE A 222 -3.27 -19.49 -3.36
N ASN A 223 -3.18 -18.92 -2.16
CA ASN A 223 -2.78 -19.63 -0.94
C ASN A 223 -4.02 -19.88 -0.08
N PRO A 224 -4.02 -20.98 0.69
CA PRO A 224 -5.23 -21.43 1.39
C PRO A 224 -5.63 -20.65 2.64
N ILE A 225 -4.82 -19.71 3.10
CA ILE A 225 -5.27 -18.92 4.24
C ILE A 225 -6.19 -17.78 3.76
N ARG A 226 -7.48 -17.97 4.01
CA ARG A 226 -8.54 -17.13 3.47
CA ARG A 226 -8.52 -17.12 3.44
C ARG A 226 -8.82 -15.86 4.26
N VAL A 227 -8.04 -15.60 5.30
CA VAL A 227 -8.26 -14.39 6.12
C VAL A 227 -8.10 -13.10 5.29
N GLY A 228 -9.13 -12.24 5.34
CA GLY A 228 -9.14 -10.99 4.58
C GLY A 228 -9.97 -11.07 3.31
N MET A 229 -10.37 -12.28 2.92
CA MET A 229 -11.17 -12.43 1.70
C MET A 229 -12.53 -11.71 1.80
N SER A 230 -13.07 -11.33 0.64
CA SER A 230 -14.44 -10.85 0.56
C SER A 230 -15.26 -11.98 0.00
N MET A 231 -16.30 -12.37 0.73
CA MET A 231 -17.16 -13.48 0.30
C MET A 231 -17.75 -13.25 -1.09
N ASN A 232 -18.07 -11.98 -1.38
CA ASN A 232 -18.80 -11.62 -2.59
C ASN A 232 -17.88 -11.51 -3.78
N GLU A 233 -16.75 -10.85 -3.57
CA GLU A 233 -15.78 -10.63 -4.63
C GLU A 233 -14.87 -11.86 -4.83
N ASP A 234 -14.49 -12.52 -3.73
CA ASP A 234 -13.52 -13.61 -3.82
C ASP A 234 -14.13 -14.99 -3.67
N GLY A 235 -15.33 -15.06 -3.11
CA GLY A 235 -16.05 -16.32 -3.04
C GLY A 235 -16.04 -17.08 -4.36
N PRO A 236 -16.56 -16.45 -5.43
CA PRO A 236 -16.67 -17.14 -6.72
C PRO A 236 -15.36 -17.73 -7.26
N PHE A 237 -14.25 -17.00 -7.12
CA PHE A 237 -12.98 -17.49 -7.62
C PHE A 237 -12.51 -18.62 -6.74
N ILE A 238 -12.57 -18.40 -5.42
CA ILE A 238 -12.13 -19.38 -4.43
C ILE A 238 -12.86 -20.72 -4.58
N PHE A 239 -14.19 -20.69 -4.59
CA PHE A 239 -14.92 -21.94 -4.76
C PHE A 239 -14.73 -22.57 -6.14
N ALA A 240 -14.40 -21.75 -7.14
CA ALA A 240 -14.15 -22.26 -8.50
C ALA A 240 -12.90 -23.10 -8.48
N ARG A 241 -11.88 -22.63 -7.76
CA ARG A 241 -10.64 -23.42 -7.56
C ARG A 241 -10.93 -24.75 -6.86
N HIS A 242 -11.78 -24.71 -5.82
CA HIS A 242 -12.16 -25.91 -5.06
C HIS A 242 -12.85 -26.96 -5.95
N ALA A 243 -13.78 -26.49 -6.79
CA ALA A 243 -14.53 -27.39 -7.67
C ALA A 243 -13.70 -28.09 -8.76
N ASN A 244 -12.44 -27.66 -8.92
CA ASN A 244 -11.50 -28.32 -9.84
C ASN A 244 -11.02 -29.69 -9.35
N PHE A 245 -11.44 -30.09 -8.14
CA PHE A 245 -10.98 -31.34 -7.50
C PHE A 245 -12.13 -32.29 -7.15
N ARG A 246 -11.87 -33.60 -7.18
CA ARG A 246 -12.95 -34.61 -7.13
C ARG A 246 -13.72 -34.66 -5.82
N TYR A 247 -12.98 -34.71 -4.72
CA TYR A 247 -13.54 -34.94 -3.40
C TYR A 247 -13.51 -33.69 -2.57
N HIS A 248 -14.55 -33.49 -1.77
CA HIS A 248 -14.69 -32.30 -0.92
C HIS A 248 -15.18 -32.65 0.49
N MET A 249 -14.60 -32.02 1.52
CA MET A 249 -14.96 -32.29 2.92
C MET A 249 -14.69 -31.12 3.89
N ASP A 250 -15.42 -31.14 4.99
CA ASP A 250 -15.29 -30.20 6.09
C ASP A 250 -15.23 -31.02 7.35
N ALA A 251 -14.17 -30.84 8.13
CA ALA A 251 -13.96 -31.66 9.33
C ALA A 251 -14.78 -31.21 10.55
N ASP A 252 -15.32 -29.98 10.49
CA ASP A 252 -16.22 -29.43 11.51
C ASP A 252 -15.78 -29.60 12.97
N TYR A 253 -14.63 -29.01 13.30
CA TYR A 253 -14.03 -29.11 14.63
C TYR A 253 -14.83 -28.53 15.78
N THR A 254 -14.81 -29.25 16.90
CA THR A 254 -15.32 -28.81 18.19
C THR A 254 -14.12 -28.35 19.03
N ARG A 255 -14.27 -27.24 19.74
CA ARG A 255 -13.22 -26.72 20.66
C ARG A 255 -11.83 -26.73 20.03
N TRP A 256 -11.70 -26.02 18.92
CA TRP A 256 -10.45 -26.04 18.17
C TRP A 256 -9.35 -25.45 19.00
N ASP A 257 -9.57 -24.25 19.51
CA ASP A 257 -8.56 -23.48 20.19
C ASP A 257 -8.04 -24.21 21.42
N SER A 258 -8.95 -24.78 22.18
CA SER A 258 -8.56 -25.39 23.45
C SER A 258 -7.79 -26.69 23.22
N THR A 259 -8.04 -27.37 22.11
CA THR A 259 -7.37 -28.64 21.83
C THR A 259 -6.05 -28.47 21.12
N GLN A 260 -5.59 -27.23 20.96
CA GLN A 260 -4.35 -26.98 20.20
C GLN A 260 -3.11 -27.31 20.99
N GLN A 261 -2.05 -27.63 20.25
CA GLN A 261 -0.75 -27.94 20.81
C GLN A 261 0.21 -26.77 20.63
N ARG A 262 0.82 -26.31 21.71
CA ARG A 262 1.84 -25.29 21.59
C ARG A 262 2.94 -25.77 20.64
N ALA A 263 3.24 -27.07 20.66
CA ALA A 263 4.26 -27.66 19.78
C ALA A 263 3.97 -27.37 18.31
N ILE A 264 2.69 -27.48 17.94
CA ILE A 264 2.25 -27.20 16.60
C ILE A 264 2.30 -25.69 16.33
N LEU A 265 1.75 -24.92 17.28
CA LEU A 265 1.76 -23.45 17.19
C LEU A 265 3.19 -22.91 17.04
N LYS A 266 4.13 -23.47 17.78
CA LYS A 266 5.53 -23.08 17.62
C LYS A 266 6.06 -23.34 16.20
N ARG A 267 5.66 -24.45 15.57
CA ARG A 267 6.07 -24.69 14.18
C ARG A 267 5.44 -23.66 13.25
N ALA A 268 4.18 -23.32 13.50
CA ALA A 268 3.51 -22.30 12.72
C ALA A 268 4.18 -20.97 12.93
N GLY A 269 4.46 -20.66 14.20
CA GLY A 269 5.13 -19.43 14.61
C GLY A 269 6.47 -19.25 13.95
N ASP A 270 7.25 -20.33 13.88
CA ASP A 270 8.53 -20.35 13.14
C ASP A 270 8.35 -19.82 11.72
N ILE A 271 7.38 -20.37 11.01
CA ILE A 271 7.19 -20.02 9.61
C ILE A 271 6.92 -18.51 9.51
N MET A 272 6.14 -17.99 10.44
CA MET A 272 5.82 -16.57 10.43
C MET A 272 7.06 -15.74 10.74
N VAL A 273 7.83 -16.19 11.73
CA VAL A 273 9.08 -15.53 12.08
C VAL A 273 10.06 -15.51 10.88
N ARG A 274 10.30 -16.68 10.28
CA ARG A 274 11.21 -16.80 9.15
C ARG A 274 10.77 -15.93 7.99
N LEU A 275 9.46 -15.78 7.78
CA LEU A 275 8.96 -14.99 6.67
C LEU A 275 8.52 -13.58 7.03
N SER A 276 9.18 -13.00 8.02
CA SER A 276 8.93 -11.63 8.45
C SER A 276 10.10 -10.72 8.08
N PRO A 277 9.83 -9.44 7.80
CA PRO A 277 10.93 -8.60 7.34
C PRO A 277 12.00 -8.37 8.42
N GLU A 278 11.59 -8.46 9.70
CA GLU A 278 12.52 -8.36 10.84
C GLU A 278 12.50 -9.62 11.72
N PRO A 279 13.08 -10.74 11.22
CA PRO A 279 12.95 -12.03 11.91
C PRO A 279 13.46 -12.05 13.36
N ASP A 280 14.49 -11.26 13.66
CA ASP A 280 15.06 -11.25 15.02
C ASP A 280 14.08 -10.64 16.01
N LEU A 281 13.54 -9.48 15.65
CA LEU A 281 12.57 -8.81 16.47
C LEU A 281 11.29 -9.65 16.57
N ALA A 282 10.88 -10.20 15.44
CA ALA A 282 9.73 -11.10 15.38
C ALA A 282 9.90 -12.31 16.30
N ARG A 283 11.09 -12.90 16.29
CA ARG A 283 11.39 -14.08 17.12
C ARG A 283 11.00 -13.81 18.57
N VAL A 284 11.51 -12.71 19.11
CA VAL A 284 11.22 -12.32 20.49
C VAL A 284 9.69 -12.24 20.76
N VAL A 285 8.95 -11.67 19.82
CA VAL A 285 7.51 -11.53 19.99
C VAL A 285 6.81 -12.89 19.99
N MET A 286 7.16 -13.74 19.03
CA MET A 286 6.57 -15.05 18.90
C MET A 286 6.78 -15.89 20.16
N ASP A 287 8.00 -15.88 20.69
CA ASP A 287 8.30 -16.64 21.88
C ASP A 287 7.46 -16.13 23.06
N ASP A 288 7.23 -14.82 23.12
CA ASP A 288 6.38 -14.23 24.16
C ASP A 288 4.95 -14.71 23.99
N LEU A 289 4.49 -14.74 22.74
CA LEU A 289 3.14 -15.13 22.43
C LEU A 289 2.89 -16.58 22.82
N LEU A 290 3.92 -17.42 22.73
CA LEU A 290 3.75 -18.87 22.89
C LEU A 290 4.17 -19.46 24.22
N ALA A 291 4.90 -18.67 25.01
CA ALA A 291 5.23 -19.04 26.40
C ALA A 291 3.97 -19.15 27.28
N PRO A 292 4.03 -19.97 28.34
CA PRO A 292 2.80 -20.18 29.11
C PRO A 292 2.04 -18.88 29.29
N SER A 293 0.75 -18.90 29.00
CA SER A 293 -0.03 -17.67 28.92
C SER A 293 -0.59 -17.26 30.28
N LEU A 294 -0.41 -15.99 30.63
CA LEU A 294 -0.97 -15.38 31.83
C LEU A 294 -2.39 -14.88 31.51
N LEU A 295 -3.38 -15.44 32.21
CA LEU A 295 -4.78 -15.15 31.93
C LEU A 295 -5.47 -14.58 33.16
N ASP A 296 -5.94 -13.34 33.04
CA ASP A 296 -6.65 -12.63 34.10
C ASP A 296 -8.14 -13.03 34.10
N VAL A 297 -8.56 -13.80 35.10
CA VAL A 297 -9.95 -14.28 35.21
C VAL A 297 -10.76 -13.49 36.22
N GLY A 298 -10.23 -12.35 36.63
CA GLY A 298 -10.93 -11.48 37.57
C GLY A 298 -10.15 -11.32 38.86
N ASP A 299 -10.36 -12.24 39.79
CA ASP A 299 -9.69 -12.18 41.09
C ASP A 299 -8.22 -12.54 40.95
N TYR A 300 -7.91 -13.32 39.92
CA TYR A 300 -6.62 -13.95 39.81
C TYR A 300 -6.09 -13.92 38.38
N LYS A 301 -4.77 -13.88 38.25
CA LYS A 301 -4.12 -14.18 36.98
C LYS A 301 -3.60 -15.62 37.05
N ILE A 302 -4.06 -16.47 36.14
CA ILE A 302 -3.63 -17.87 36.07
C ILE A 302 -2.65 -18.12 34.90
N VAL A 303 -1.96 -19.26 34.92
CA VAL A 303 -1.00 -19.58 33.87
C VAL A 303 -1.53 -20.73 33.03
N VAL A 304 -1.77 -20.47 31.75
CA VAL A 304 -2.22 -21.56 30.91
C VAL A 304 -1.15 -21.96 29.89
N GLU A 305 -0.62 -23.17 30.12
CA GLU A 305 0.55 -23.73 29.43
C GLU A 305 0.20 -24.11 27.98
N GLU A 306 -1.03 -24.55 27.74
CA GLU A 306 -1.40 -25.14 26.45
C GLU A 306 -2.60 -24.50 25.76
N GLY A 307 -2.91 -25.00 24.57
CA GLY A 307 -4.00 -24.48 23.77
C GLY A 307 -3.67 -23.15 23.13
N LEU A 308 -4.55 -22.70 22.23
CA LEU A 308 -4.44 -21.40 21.57
C LEU A 308 -5.20 -20.31 22.36
N PRO A 309 -4.51 -19.19 22.68
CA PRO A 309 -5.18 -17.99 23.24
C PRO A 309 -6.27 -17.39 22.32
N SER A 310 -7.52 -17.82 22.49
CA SER A 310 -8.69 -17.38 21.69
C SER A 310 -8.87 -15.85 21.68
N CYS A 312 -5.95 -12.27 21.37
CA CYS A 312 -5.05 -11.55 20.47
C CYS A 312 -5.44 -11.78 19.00
N PRO A 313 -5.98 -10.73 18.32
CA PRO A 313 -6.50 -10.79 16.94
C PRO A 313 -5.54 -11.29 15.83
N CYS A 314 -4.23 -11.09 15.97
CA CYS A 314 -3.26 -11.57 14.98
C CYS A 314 -3.13 -13.10 14.90
N THR A 315 -3.63 -13.79 15.92
CA THR A 315 -3.49 -15.24 16.01
C THR A 315 -4.38 -16.01 15.04
N THR A 316 -5.21 -15.32 14.27
CA THR A 316 -6.05 -16.01 13.30
C THR A 316 -5.19 -16.63 12.21
N GLN A 317 -4.12 -15.94 11.84
CA GLN A 317 -3.23 -16.42 10.81
C GLN A 317 -2.37 -17.55 11.34
N LEU A 318 -1.90 -17.38 12.57
CA LEU A 318 -1.18 -18.44 13.28
C LEU A 318 -2.10 -19.64 13.46
N ASN A 319 -3.35 -19.38 13.82
CA ASN A 319 -4.33 -20.44 13.92
C ASN A 319 -4.57 -21.15 12.59
N SER A 320 -4.81 -20.38 11.52
CA SER A 320 -5.02 -20.95 10.18
C SER A 320 -3.83 -21.78 9.73
N LEU A 321 -2.64 -21.34 10.14
CA LEU A 321 -1.37 -21.94 9.73
C LEU A 321 -1.09 -23.27 10.43
N ALA A 322 -1.30 -23.34 11.75
CA ALA A 322 -1.37 -24.61 12.46
C ALA A 322 -2.41 -25.53 11.80
N HIS A 323 -3.59 -24.98 11.52
CA HIS A 323 -4.65 -25.73 10.85
C HIS A 323 -4.11 -26.36 9.57
N TRP A 324 -3.53 -25.52 8.71
CA TRP A 324 -2.82 -25.96 7.49
C TRP A 324 -1.87 -27.13 7.77
N ILE A 325 -0.96 -26.93 8.73
CA ILE A 325 0.01 -27.96 9.13
C ILE A 325 -0.69 -29.27 9.53
N LEU A 326 -1.67 -29.15 10.41
CA LEU A 326 -2.38 -30.32 10.92
C LEU A 326 -3.04 -31.14 9.81
N THR A 327 -3.84 -30.48 8.98
CA THR A 327 -4.54 -31.10 7.87
C THR A 327 -3.58 -31.70 6.84
N LEU A 328 -2.51 -31.02 6.51
CA LEU A 328 -1.56 -31.57 5.54
C LEU A 328 -0.90 -32.83 6.12
N CYS A 329 -0.49 -32.77 7.38
CA CYS A 329 0.06 -33.92 8.10
C CYS A 329 -0.82 -35.15 8.01
N ALA A 330 -2.05 -35.04 8.49
CA ALA A 330 -3.04 -36.15 8.48
C ALA A 330 -3.24 -36.77 7.10
N MET A 331 -3.20 -35.96 6.06
CA MET A 331 -3.32 -36.44 4.70
C MET A 331 -2.03 -37.16 4.28
N VAL A 332 -0.90 -36.50 4.49
CA VAL A 332 0.41 -37.10 4.19
C VAL A 332 0.56 -38.44 4.92
N GLU A 333 0.06 -38.51 6.15
CA GLU A 333 0.09 -39.74 6.93
C GLU A 333 -0.65 -40.84 6.19
N VAL A 334 -1.88 -40.53 5.78
CA VAL A 334 -2.80 -41.51 5.23
C VAL A 334 -2.44 -41.94 3.82
N THR A 335 -2.27 -40.98 2.90
CA THR A 335 -2.00 -41.24 1.49
C THR A 335 -0.54 -41.64 1.22
N ARG A 336 0.33 -41.42 2.20
CA ARG A 336 1.76 -41.67 2.06
C ARG A 336 2.36 -40.92 0.85
N VAL A 337 1.74 -39.82 0.46
CA VAL A 337 2.23 -38.99 -0.63
C VAL A 337 2.96 -37.74 -0.09
N ASP A 338 3.94 -37.23 -0.82
CA ASP A 338 4.65 -36.00 -0.41
C ASP A 338 3.69 -34.81 -0.29
N PRO A 339 3.87 -34.00 0.79
CA PRO A 339 3.04 -32.82 1.04
C PRO A 339 2.93 -31.95 -0.20
N ASP A 340 4.04 -31.85 -0.93
CA ASP A 340 4.07 -31.15 -2.21
C ASP A 340 3.08 -31.70 -3.23
N ILE A 341 3.06 -33.01 -3.39
CA ILE A 341 2.11 -33.63 -4.31
C ILE A 341 0.68 -33.49 -3.75
N VAL A 342 0.52 -33.61 -2.44
CA VAL A 342 -0.80 -33.50 -1.84
C VAL A 342 -1.36 -32.11 -2.18
N MET A 343 -0.53 -31.08 -2.08
CA MET A 343 -0.95 -29.73 -2.45
C MET A 343 -1.16 -29.56 -3.94
N GLN A 344 -0.42 -30.30 -4.76
CA GLN A 344 -0.71 -30.32 -6.20
C GLN A 344 -2.08 -30.90 -6.49
N GLU A 345 -2.52 -31.84 -5.66
CA GLU A 345 -3.77 -32.57 -5.89
C GLU A 345 -4.95 -32.11 -5.00
N SER A 346 -4.77 -30.98 -4.33
CA SER A 346 -5.81 -30.47 -3.44
C SER A 346 -5.98 -28.96 -3.56
N GLU A 347 -7.06 -28.49 -2.96
CA GLU A 347 -7.24 -27.06 -2.71
C GLU A 347 -7.82 -26.92 -1.30
N PHE A 348 -7.21 -26.04 -0.51
CA PHE A 348 -7.61 -25.85 0.89
C PHE A 348 -8.18 -24.47 1.12
N SER A 349 -9.00 -24.35 2.16
CA SER A 349 -9.46 -23.05 2.65
C SER A 349 -9.49 -23.10 4.15
N PHE A 350 -8.69 -22.26 4.78
CA PHE A 350 -8.70 -22.18 6.25
C PHE A 350 -9.01 -20.79 6.68
N TYR A 351 -9.81 -20.67 7.73
CA TYR A 351 -9.98 -19.43 8.46
C TYR A 351 -10.11 -19.77 9.91
N GLY A 352 -8.99 -19.78 10.63
CA GLY A 352 -9.01 -20.22 12.02
C GLY A 352 -9.37 -21.69 12.06
N ASP A 353 -10.47 -22.02 12.73
CA ASP A 353 -10.92 -23.40 12.74
C ASP A 353 -11.73 -23.80 11.50
N ASP A 354 -12.23 -22.82 10.75
CA ASP A 354 -13.09 -23.12 9.62
C ASP A 354 -12.28 -23.61 8.42
N GLU A 355 -12.81 -24.62 7.74
CA GLU A 355 -12.09 -25.25 6.64
C GLU A 355 -12.96 -25.81 5.52
N VAL A 356 -12.41 -25.83 4.32
CA VAL A 356 -12.91 -26.69 3.25
C VAL A 356 -11.67 -27.36 2.71
N VAL A 357 -11.76 -28.67 2.48
CA VAL A 357 -10.66 -29.46 1.95
C VAL A 357 -11.13 -30.11 0.65
N SER A 358 -10.38 -29.88 -0.42
CA SER A 358 -10.73 -30.44 -1.71
C SER A 358 -9.53 -31.16 -2.30
N THR A 359 -9.75 -32.40 -2.71
CA THR A 359 -8.64 -33.16 -3.23
C THR A 359 -9.09 -34.22 -4.21
N ASN A 360 -8.17 -34.57 -5.11
CA ASN A 360 -8.33 -35.67 -6.03
C ASN A 360 -8.04 -37.03 -5.40
N LEU A 361 -7.11 -37.02 -4.44
CA LEU A 361 -6.61 -38.22 -3.77
C LEU A 361 -7.71 -39.00 -3.05
N GLU A 362 -7.70 -40.32 -3.25
CA GLU A 362 -8.58 -41.23 -2.50
C GLU A 362 -8.11 -41.24 -1.05
N LEU A 363 -8.86 -40.56 -0.19
CA LEU A 363 -8.53 -40.48 1.22
C LEU A 363 -9.24 -41.56 2.03
N ASP A 364 -8.47 -42.39 2.72
CA ASP A 364 -9.04 -43.33 3.65
C ASP A 364 -9.64 -42.53 4.81
N MET A 365 -10.92 -42.20 4.69
CA MET A 365 -11.58 -41.36 5.68
C MET A 365 -11.48 -41.89 7.12
N VAL A 366 -11.42 -43.21 7.28
CA VAL A 366 -11.20 -43.83 8.58
C VAL A 366 -9.81 -43.48 9.15
N LYS A 367 -8.76 -43.84 8.43
CA LYS A 367 -7.39 -43.51 8.82
C LYS A 367 -7.16 -42.01 8.98
N TYR A 368 -7.88 -41.21 8.19
CA TYR A 368 -7.83 -39.74 8.29
C TYR A 368 -8.45 -39.19 9.59
N THR A 369 -9.70 -39.56 9.88
CA THR A 369 -10.41 -39.18 11.11
C THR A 369 -9.66 -39.69 12.34
N MET A 370 -9.11 -40.89 12.21
CA MET A 370 -8.30 -41.49 13.25
C MET A 370 -7.17 -40.50 13.59
N ALA A 371 -6.44 -40.09 12.55
CA ALA A 371 -5.26 -39.27 12.70
C ALA A 371 -5.56 -37.93 13.34
N LEU A 372 -6.65 -37.31 12.88
CA LEU A 372 -7.09 -36.02 13.42
C LEU A 372 -7.43 -36.14 14.91
N ARG A 373 -8.04 -37.25 15.32
CA ARG A 373 -8.43 -37.39 16.72
C ARG A 373 -7.19 -37.57 17.59
N ARG A 374 -6.19 -38.19 17.00
CA ARG A 374 -4.95 -38.51 17.67
C ARG A 374 -4.06 -37.27 17.84
N TYR A 375 -4.25 -36.27 16.97
CA TYR A 375 -3.52 -35.03 17.13
C TYR A 375 -4.11 -34.19 18.27
N GLY A 376 -5.26 -34.65 18.78
CA GLY A 376 -5.96 -33.99 19.88
C GLY A 376 -7.23 -33.29 19.44
N LEU A 377 -7.51 -33.33 18.13
CA LEU A 377 -8.63 -32.56 17.57
C LEU A 377 -9.94 -33.30 17.65
N LEU A 378 -11.03 -32.53 17.72
CA LEU A 378 -12.38 -33.09 17.82
C LEU A 378 -13.24 -32.82 16.59
N PRO A 379 -12.94 -33.51 15.45
CA PRO A 379 -13.80 -33.44 14.29
C PRO A 379 -15.13 -34.13 14.57
N THR A 380 -16.19 -33.63 13.93
CA THR A 380 -17.53 -34.15 14.14
C THR A 380 -18.19 -34.45 12.79
N ARG A 381 -18.96 -35.52 12.71
CA ARG A 381 -19.68 -35.84 11.46
C ARG A 381 -20.81 -34.82 11.23
N ALA A 382 -21.18 -34.60 9.98
CA ALA A 382 -22.28 -33.67 9.65
C ALA A 382 -23.54 -34.00 10.44
N ASP A 383 -23.82 -35.30 10.60
CA ASP A 383 -24.99 -35.79 11.32
C ASP A 383 -24.81 -35.86 12.85
N LYS A 384 -23.56 -35.95 13.29
CA LYS A 384 -23.14 -36.01 14.71
C LYS A 384 -23.01 -37.43 15.29
N GLU A 385 -23.35 -38.44 14.49
CA GLU A 385 -23.27 -39.85 14.90
C GLU A 385 -21.80 -40.31 15.06
N GLU A 386 -21.62 -41.57 15.46
CA GLU A 386 -20.29 -42.16 15.61
C GLU A 386 -19.67 -42.46 14.24
N PRO A 388 -16.48 -41.79 11.73
CA PRO A 388 -15.56 -41.41 10.65
C PRO A 388 -16.16 -40.35 9.71
N LEU A 389 -15.40 -39.29 9.43
CA LEU A 389 -15.85 -38.20 8.55
C LEU A 389 -16.21 -38.68 7.16
N GLU A 390 -17.29 -38.13 6.59
CA GLU A 390 -17.66 -38.49 5.22
C GLU A 390 -17.02 -37.50 4.24
N ARG A 391 -17.01 -37.86 2.96
CA ARG A 391 -16.56 -36.95 1.92
C ARG A 391 -17.49 -37.08 0.70
N ARG A 392 -17.66 -35.97 -0.03
CA ARG A 392 -18.57 -35.92 -1.16
C ARG A 392 -17.86 -35.68 -2.49
N GLN A 393 -18.56 -36.01 -3.57
CA GLN A 393 -18.12 -35.72 -4.93
C GLN A 393 -18.72 -34.42 -5.45
N THR A 394 -19.58 -33.80 -4.65
CA THR A 394 -20.12 -32.48 -4.95
C THR A 394 -19.70 -31.45 -3.91
N LEU A 395 -19.28 -30.28 -4.37
CA LEU A 395 -18.90 -29.20 -3.48
C LEU A 395 -20.12 -28.50 -2.89
N GLN A 396 -21.24 -28.59 -3.61
CA GLN A 396 -22.50 -28.03 -3.14
C GLN A 396 -22.90 -28.70 -1.84
N GLY A 397 -23.04 -27.89 -0.79
CA GLY A 397 -23.47 -28.38 0.53
C GLY A 397 -22.53 -27.90 1.61
N ILE A 398 -21.24 -28.04 1.35
CA ILE A 398 -20.19 -27.58 2.25
C ILE A 398 -20.35 -26.09 2.53
N SER A 399 -19.96 -25.69 3.74
CA SER A 399 -20.03 -24.28 4.13
C SER A 399 -18.69 -23.71 4.52
N PHE A 400 -18.56 -22.40 4.32
CA PHE A 400 -17.36 -21.66 4.68
C PHE A 400 -17.76 -20.25 5.09
N LEU A 401 -17.13 -19.75 6.16
CA LEU A 401 -17.47 -18.44 6.75
C LEU A 401 -18.96 -18.16 6.93
N ARG A 402 -19.67 -19.12 7.55
CA ARG A 402 -21.07 -18.99 7.97
C ARG A 402 -22.05 -18.96 6.78
N ARG A 403 -21.52 -19.15 5.57
CA ARG A 403 -22.29 -19.09 4.33
C ARG A 403 -22.28 -20.46 3.72
N ALA A 404 -23.34 -20.79 3.00
CA ALA A 404 -23.40 -22.05 2.25
C ALA A 404 -22.93 -21.87 0.80
N ILE A 405 -21.96 -22.71 0.40
CA ILE A 405 -21.39 -22.67 -0.94
C ILE A 405 -22.43 -23.18 -1.93
N VAL A 406 -22.76 -22.34 -2.91
CA VAL A 406 -23.78 -22.67 -3.92
C VAL A 406 -23.25 -22.45 -5.33
N GLY A 407 -23.76 -23.25 -6.28
CA GLY A 407 -23.31 -23.20 -7.66
C GLY A 407 -24.45 -23.21 -8.68
N ASP A 408 -24.42 -22.22 -9.57
CA ASP A 408 -25.37 -22.14 -10.66
C ASP A 408 -24.66 -21.83 -11.98
N GLN A 409 -25.44 -21.54 -13.01
CA GLN A 409 -24.91 -21.35 -14.35
C GLN A 409 -23.90 -20.16 -14.47
N PHE A 410 -23.87 -19.30 -13.44
CA PHE A 410 -22.99 -18.15 -13.44
C PHE A 410 -21.74 -18.42 -12.62
N GLY A 411 -21.80 -19.46 -11.81
CA GLY A 411 -20.67 -19.87 -11.01
C GLY A 411 -21.04 -20.14 -9.57
N TRP A 412 -20.06 -19.97 -8.70
CA TRP A 412 -20.17 -20.32 -7.30
C TRP A 412 -20.32 -19.09 -6.43
N TYR A 413 -21.10 -19.20 -5.37
CA TYR A 413 -21.19 -18.14 -4.38
C TYR A 413 -21.47 -18.69 -2.99
N GLY A 414 -21.29 -17.84 -1.99
CA GLY A 414 -21.64 -18.17 -0.63
C GLY A 414 -22.95 -17.49 -0.38
N ARG A 415 -23.92 -18.28 0.07
CA ARG A 415 -25.24 -17.77 0.39
C ARG A 415 -25.49 -17.96 1.89
N LEU A 416 -25.93 -16.90 2.55
CA LEU A 416 -26.34 -16.99 3.96
C LEU A 416 -27.66 -17.76 4.05
N ASP A 417 -27.74 -18.70 4.98
CA ASP A 417 -28.89 -19.61 5.06
C ASP A 417 -30.14 -18.89 5.55
N ARG A 418 -31.30 -19.47 5.22
CA ARG A 418 -32.61 -18.89 5.53
C ARG A 418 -32.73 -18.57 7.01
N ALA A 419 -32.25 -19.49 7.85
CA ALA A 419 -32.24 -19.31 9.30
C ALA A 419 -31.44 -18.10 9.79
N SER A 420 -30.25 -17.89 9.23
CA SER A 420 -29.42 -16.76 9.64
C SER A 420 -30.05 -15.46 9.22
N ILE A 421 -30.78 -15.49 8.12
CA ILE A 421 -31.49 -14.33 7.65
C ILE A 421 -32.64 -14.03 8.62
N ASP A 422 -33.49 -15.03 8.86
CA ASP A 422 -34.62 -14.85 9.78
C ASP A 422 -34.16 -14.41 11.16
N ARG A 423 -33.09 -15.03 11.66
CA ARG A 423 -32.45 -14.65 12.92
C ARG A 423 -31.97 -13.18 12.96
N GLN A 424 -31.48 -12.66 11.84
CA GLN A 424 -30.97 -11.29 11.79
C GLN A 424 -32.12 -10.31 11.73
N LEU A 425 -33.32 -10.82 11.48
CA LEU A 425 -34.52 -9.99 11.39
C LEU A 425 -35.14 -9.80 12.76
N LEU A 426 -35.00 -10.81 13.60
CA LEU A 426 -35.57 -10.79 14.94
C LEU A 426 -34.76 -9.94 15.91
N TRP A 427 -33.46 -9.82 15.64
CA TRP A 427 -32.53 -9.14 16.55
C TRP A 427 -31.78 -8.04 15.85
N THR A 428 -31.50 -6.97 16.60
CA THR A 428 -30.64 -5.91 16.13
C THR A 428 -29.64 -5.55 17.24
N LYS A 429 -28.56 -4.86 16.89
CA LYS A 429 -27.55 -4.50 17.87
C LYS A 429 -27.83 -3.11 18.45
N GLY A 430 -27.48 -2.91 19.71
CA GLY A 430 -27.71 -1.64 20.36
C GLY A 430 -26.85 -1.48 21.60
N PRO A 431 -27.16 -0.48 22.43
CA PRO A 431 -26.48 -0.33 23.71
C PRO A 431 -26.72 -1.54 24.59
N ASN A 432 -25.82 -1.77 25.55
CA ASN A 432 -25.93 -2.92 26.42
C ASN A 432 -27.09 -2.77 27.39
N HIS A 433 -27.83 -3.86 27.57
CA HIS A 433 -28.96 -3.88 28.50
C HIS A 433 -29.19 -5.26 29.09
N GLN A 434 -29.95 -5.31 30.19
CA GLN A 434 -30.17 -6.54 30.95
C GLN A 434 -31.17 -7.49 30.30
N ASN A 435 -32.19 -6.97 29.63
CA ASN A 435 -33.26 -7.84 29.11
C ASN A 435 -33.35 -7.93 27.59
N PRO A 436 -32.83 -9.02 27.00
CA PRO A 436 -32.77 -9.15 25.55
C PRO A 436 -34.12 -9.07 24.85
N PHE A 437 -35.21 -9.26 25.59
CA PHE A 437 -36.55 -9.23 24.99
C PHE A 437 -37.13 -7.82 24.81
N GLU A 438 -36.58 -6.83 25.53
CA GLU A 438 -36.92 -5.43 25.28
C GLU A 438 -36.73 -5.11 23.80
N THR A 439 -37.66 -4.37 23.21
CA THR A 439 -37.38 -3.82 21.88
C THR A 439 -36.73 -2.43 22.04
N LEU A 440 -36.06 -1.99 20.99
CA LEU A 440 -35.26 -0.80 21.04
C LEU A 440 -36.05 0.32 20.42
N PRO A 441 -36.29 1.42 21.16
CA PRO A 441 -36.90 2.57 20.48
C PRO A 441 -35.95 3.18 19.41
N GLY A 442 -36.52 3.67 18.30
CA GLY A 442 -35.69 4.33 17.27
C GLY A 442 -35.35 3.54 16.01
N HIS A 443 -34.26 2.78 16.05
CA HIS A 443 -33.69 2.08 14.87
C HIS A 443 -33.34 3.06 13.73
N ARG A 446 -32.34 0.41 9.77
CA ARG A 446 -31.07 0.45 10.49
C ARG A 446 -29.79 0.55 9.63
N PRO A 447 -29.91 0.58 8.28
CA PRO A 447 -28.70 0.82 7.49
C PRO A 447 -28.60 2.27 7.04
N GLN A 449 -27.35 -2.21 7.60
CA GLN A 449 -27.18 -3.65 7.53
C GLN A 449 -28.49 -4.34 7.10
N LEU A 450 -29.56 -3.57 6.95
CA LEU A 450 -30.82 -4.06 6.42
C LEU A 450 -30.71 -4.16 4.89
N MET A 451 -29.84 -3.30 4.37
CA MET A 451 -29.41 -3.30 2.97
C MET A 451 -28.97 -4.69 2.51
N ALA A 452 -27.89 -5.19 3.13
CA ALA A 452 -27.29 -6.48 2.77
C ALA A 452 -28.19 -7.68 3.03
N LEU A 453 -29.20 -7.48 3.87
CA LEU A 453 -30.09 -8.55 4.32
C LEU A 453 -31.11 -8.87 3.25
N LEU A 454 -31.48 -7.85 2.50
CA LEU A 454 -32.35 -8.00 1.34
C LEU A 454 -31.57 -8.68 0.20
N GLY A 455 -30.27 -8.38 0.11
CA GLY A 455 -29.36 -9.01 -0.85
C GLY A 455 -29.13 -10.50 -0.65
N GLU A 456 -29.07 -10.93 0.60
CA GLU A 456 -28.92 -12.34 0.92
C GLU A 456 -30.18 -13.14 0.60
N ALA A 457 -31.34 -12.53 0.79
CA ALA A 457 -32.62 -13.19 0.54
C ALA A 457 -32.88 -13.38 -0.95
N ALA A 458 -32.35 -12.47 -1.76
CA ALA A 458 -32.52 -12.51 -3.20
C ALA A 458 -32.01 -13.81 -3.81
N MET A 459 -30.89 -14.30 -3.26
CA MET A 459 -30.22 -15.51 -3.74
C MET A 459 -30.90 -16.81 -3.33
N HIS A 460 -32.02 -16.71 -2.61
CA HIS A 460 -32.93 -17.85 -2.40
C HIS A 460 -34.15 -17.82 -3.32
N GLY A 461 -34.13 -16.98 -4.35
CA GLY A 461 -35.24 -16.86 -5.30
C GLY A 461 -36.30 -15.86 -4.87
N GLU A 462 -37.33 -15.69 -5.71
CA GLU A 462 -38.35 -14.63 -5.54
C GLU A 462 -39.33 -14.88 -4.39
N LYS A 463 -39.90 -16.09 -4.33
CA LYS A 463 -40.97 -16.40 -3.38
C LYS A 463 -40.52 -16.38 -1.91
N TYR A 464 -39.21 -16.51 -1.72
CA TYR A 464 -38.57 -16.26 -0.43
C TYR A 464 -38.18 -14.79 -0.29
N TYR A 465 -37.86 -14.13 -1.40
CA TYR A 465 -37.50 -12.72 -1.37
C TYR A 465 -38.70 -11.82 -1.03
N ARG A 466 -39.83 -12.01 -1.72
CA ARG A 466 -41.02 -11.20 -1.43
C ARG A 466 -41.37 -11.22 0.06
N THR A 467 -41.33 -12.41 0.68
CA THR A 467 -41.67 -12.56 2.10
C THR A 467 -40.64 -11.92 3.04
N VAL A 468 -39.39 -11.85 2.61
CA VAL A 468 -38.35 -11.16 3.38
C VAL A 468 -38.48 -9.65 3.19
N ALA A 469 -38.75 -9.25 1.95
CA ALA A 469 -39.05 -7.85 1.61
C ALA A 469 -40.29 -7.35 2.34
N SER A 470 -41.24 -8.26 2.56
CA SER A 470 -42.44 -8.03 3.33
C SER A 470 -42.11 -7.61 4.78
N ARG A 471 -41.22 -8.37 5.43
CA ARG A 471 -40.75 -8.07 6.78
C ARG A 471 -39.85 -6.83 6.83
N VAL A 472 -39.10 -6.61 5.74
CA VAL A 472 -38.19 -5.46 5.62
C VAL A 472 -38.95 -4.12 5.44
N SER A 473 -39.92 -4.09 4.53
CA SER A 473 -40.78 -2.91 4.34
C SER A 473 -41.50 -2.54 5.65
N LYS A 474 -42.12 -3.55 6.27
CA LYS A 474 -42.87 -3.40 7.51
C LYS A 474 -41.99 -3.02 8.71
N GLU A 475 -40.69 -2.84 8.47
CA GLU A 475 -39.79 -2.25 9.47
C GLU A 475 -39.62 -0.73 9.25
N ALA A 476 -40.53 -0.12 8.49
CA ALA A 476 -40.60 1.35 8.38
C ALA A 476 -41.06 1.94 9.72
N ALA A 477 -41.96 1.21 10.38
CA ALA A 477 -42.47 1.54 11.72
C ALA A 477 -41.36 1.71 12.75
N VAL A 484 -37.49 2.94 -1.75
CA VAL A 484 -37.90 1.76 -2.50
C VAL A 484 -37.31 0.47 -1.92
N VAL A 485 -38.15 -0.57 -1.86
CA VAL A 485 -37.66 -1.93 -1.72
C VAL A 485 -37.47 -2.47 -3.13
N PRO A 486 -36.22 -2.48 -3.63
CA PRO A 486 -35.96 -2.72 -5.06
C PRO A 486 -36.52 -4.05 -5.54
N ARG A 487 -36.78 -4.15 -6.85
CA ARG A 487 -37.30 -5.38 -7.44
C ARG A 487 -36.30 -6.52 -7.20
N HIS A 488 -36.81 -7.74 -7.06
CA HIS A 488 -35.97 -8.92 -6.93
C HIS A 488 -34.88 -8.99 -8.02
N ARG A 489 -35.34 -8.88 -9.29
CA ARG A 489 -34.47 -8.81 -10.47
C ARG A 489 -33.26 -7.89 -10.23
N SER A 490 -33.55 -6.63 -9.86
CA SER A 490 -32.55 -5.60 -9.64
C SER A 490 -31.56 -5.98 -8.54
N VAL A 491 -32.06 -6.52 -7.43
CA VAL A 491 -31.21 -6.77 -6.29
C VAL A 491 -30.38 -8.07 -6.42
N LEU A 492 -30.91 -9.05 -7.14
CA LEU A 492 -30.19 -10.29 -7.38
C LEU A 492 -28.90 -10.08 -8.20
N ARG A 493 -28.97 -9.18 -9.18
CA ARG A 493 -27.84 -8.88 -10.07
C ARG A 493 -26.77 -8.06 -9.37
N TRP A 494 -27.21 -7.09 -8.56
CA TRP A 494 -26.31 -6.25 -7.79
C TRP A 494 -25.45 -7.08 -6.83
N VAL A 495 -26.09 -7.99 -6.09
CA VAL A 495 -25.38 -8.78 -5.09
C VAL A 495 -24.58 -9.93 -5.71
N ARG A 496 -25.07 -10.50 -6.81
CA ARG A 496 -24.31 -11.50 -7.55
C ARG A 496 -23.14 -10.91 -8.33
N PHE A 497 -23.43 -9.95 -9.20
CA PHE A 497 -22.46 -9.53 -10.20
C PHE A 497 -21.89 -8.12 -10.00
N GLY A 498 -22.44 -7.37 -9.05
CA GLY A 498 -21.94 -6.02 -8.74
C GLY A 498 -22.64 -4.91 -9.50
N LEU B 12 -19.45 9.57 -65.84
CA LEU B 12 -20.60 10.53 -65.69
C LEU B 12 -21.89 9.90 -65.13
N PRO B 13 -22.31 8.70 -65.65
CA PRO B 13 -23.37 7.97 -64.94
C PRO B 13 -22.75 6.96 -63.98
N ARG B 14 -23.47 6.55 -62.93
CA ARG B 14 -22.93 5.59 -61.96
C ARG B 14 -22.76 4.19 -62.57
N PRO B 15 -21.53 3.63 -62.52
CA PRO B 15 -21.10 2.44 -63.27
C PRO B 15 -21.84 1.16 -62.94
N SER B 16 -21.49 0.08 -63.61
CA SER B 16 -22.15 -1.21 -63.42
C SER B 16 -21.25 -2.40 -63.67
N GLY B 17 -21.74 -3.56 -63.25
CA GLY B 17 -21.01 -4.81 -63.40
C GLY B 17 -20.49 -5.40 -62.11
N THR B 18 -19.36 -6.10 -62.24
CA THR B 18 -18.80 -6.90 -61.20
C THR B 18 -17.34 -6.49 -60.98
N TYR B 19 -17.00 -6.27 -59.71
CA TYR B 19 -15.62 -6.14 -59.24
C TYR B 19 -15.39 -7.21 -58.19
N ALA B 20 -14.38 -8.06 -58.43
CA ALA B 20 -13.95 -9.11 -57.52
C ALA B 20 -15.06 -10.02 -57.03
N GLY B 21 -16.05 -10.26 -57.91
CA GLY B 21 -17.17 -11.16 -57.61
C GLY B 21 -18.45 -10.50 -57.16
N LEU B 22 -18.38 -9.19 -56.94
CA LEU B 22 -19.42 -8.45 -56.24
C LEU B 22 -20.00 -7.35 -57.10
N PRO B 23 -21.29 -7.03 -56.87
CA PRO B 23 -21.90 -5.93 -57.64
C PRO B 23 -21.20 -4.59 -57.40
N ILE B 24 -21.02 -3.82 -58.46
CA ILE B 24 -20.51 -2.44 -58.40
C ILE B 24 -21.69 -1.48 -58.26
N ALA B 25 -21.53 -0.46 -57.41
CA ALA B 25 -22.59 0.49 -57.12
C ALA B 25 -22.19 1.89 -57.57
N ASP B 26 -20.91 2.19 -57.52
CA ASP B 26 -20.42 3.52 -57.84
C ASP B 26 -18.90 3.53 -57.97
N TYR B 27 -18.35 4.65 -58.42
CA TYR B 27 -16.90 4.86 -58.43
C TYR B 27 -16.45 5.04 -56.99
N GLY B 28 -15.16 4.87 -56.74
CA GLY B 28 -14.63 4.99 -55.38
C GLY B 28 -13.88 6.28 -55.10
N ASP B 29 -13.85 6.66 -53.83
CA ASP B 29 -13.21 7.91 -53.40
C ASP B 29 -12.09 7.59 -52.43
N ALA B 30 -11.80 6.30 -52.30
CA ALA B 30 -10.79 5.81 -51.37
C ALA B 30 -9.40 6.16 -51.89
N PRO B 31 -8.51 6.61 -50.99
CA PRO B 31 -7.12 6.85 -51.39
C PRO B 31 -6.42 5.52 -51.70
N PRO B 32 -5.20 5.56 -52.30
CA PRO B 32 -4.59 4.28 -52.59
C PRO B 32 -4.17 3.53 -51.32
N LEU B 33 -4.21 2.21 -51.40
CA LEU B 33 -3.69 1.33 -50.35
C LEU B 33 -2.27 1.70 -49.95
N SER B 34 -2.02 1.73 -48.65
CA SER B 34 -0.73 2.08 -48.12
C SER B 34 0.35 1.10 -48.58
N THR B 35 1.50 1.62 -48.98
CA THR B 35 2.63 0.79 -49.38
C THR B 35 3.71 0.78 -48.28
N LYS B 36 3.35 1.22 -47.08
CA LYS B 36 4.31 1.39 -46.01
C LYS B 36 3.96 0.54 -44.79
N THR B 37 4.94 0.33 -43.92
CA THR B 37 4.75 -0.41 -42.68
C THR B 37 5.19 0.46 -41.51
N MET B 38 4.69 0.12 -40.32
CA MET B 38 5.04 0.83 -39.08
C MET B 38 6.12 0.08 -38.30
N PHE B 39 6.48 -1.11 -38.77
CA PHE B 39 7.46 -1.93 -38.07
C PHE B 39 8.90 -1.66 -38.57
N TRP B 40 9.80 -1.50 -37.60
CA TRP B 40 11.23 -1.21 -37.80
C TRP B 40 12.06 -2.22 -37.04
N ARG B 41 13.17 -2.66 -37.64
CA ARG B 41 14.07 -3.57 -36.95
C ARG B 41 14.71 -2.91 -35.74
N THR B 42 15.06 -3.74 -34.76
CA THR B 42 15.60 -3.29 -33.49
C THR B 42 17.13 -3.41 -33.47
N SER B 43 17.67 -4.26 -34.34
CA SER B 43 19.11 -4.38 -34.55
C SER B 43 19.39 -4.44 -36.05
N PRO B 44 20.62 -4.07 -36.47
CA PRO B 44 20.91 -4.12 -37.91
C PRO B 44 21.23 -5.54 -38.36
N GLU B 45 21.37 -6.45 -37.38
CA GLU B 45 21.74 -7.85 -37.59
C GLU B 45 20.75 -8.54 -38.51
N LYS B 46 21.27 -9.40 -39.38
CA LYS B 46 20.44 -10.19 -40.28
C LYS B 46 19.43 -11.03 -39.49
N LEU B 47 18.25 -11.21 -40.07
CA LEU B 47 17.15 -11.92 -39.41
C LEU B 47 17.41 -13.44 -39.39
N PRO B 48 16.85 -14.17 -38.39
CA PRO B 48 16.83 -15.65 -38.42
C PRO B 48 16.07 -16.21 -39.64
N PRO B 49 16.27 -17.50 -39.98
CA PRO B 49 15.44 -18.03 -41.07
C PRO B 49 14.09 -18.53 -40.56
N GLY B 50 13.05 -18.29 -41.35
CA GLY B 50 11.68 -18.58 -40.95
C GLY B 50 11.11 -17.54 -40.01
N ALA B 51 11.77 -16.38 -39.92
CA ALA B 51 11.35 -15.30 -39.02
C ALA B 51 10.25 -14.41 -39.61
N TRP B 52 9.27 -14.08 -38.79
CA TRP B 52 8.18 -13.19 -39.20
C TRP B 52 8.61 -11.77 -39.61
N GLU B 53 7.97 -11.28 -40.68
CA GLU B 53 8.22 -9.95 -41.19
C GLU B 53 6.90 -9.22 -41.48
N PRO B 54 6.94 -7.88 -41.60
CA PRO B 54 5.72 -7.16 -41.98
C PRO B 54 5.14 -7.67 -43.31
N ALA B 55 3.82 -7.81 -43.35
CA ALA B 55 3.08 -8.23 -44.53
C ALA B 55 3.47 -7.46 -45.81
N TYR B 56 3.22 -8.09 -46.95
CA TYR B 56 3.57 -7.55 -48.26
C TYR B 56 3.15 -6.07 -48.42
N LEU B 57 4.00 -5.30 -49.10
CA LEU B 57 3.82 -3.85 -49.19
C LEU B 57 3.44 -3.35 -50.58
N GLY B 58 3.42 -4.26 -51.54
CA GLY B 58 2.91 -3.95 -52.86
C GLY B 58 3.99 -4.05 -53.89
N SER B 59 3.83 -3.28 -54.96
CA SER B 59 4.79 -3.29 -56.06
C SER B 59 6.15 -2.64 -55.70
N LYS B 60 6.18 -1.85 -54.63
CA LYS B 60 7.41 -1.16 -54.21
C LYS B 60 8.23 -1.96 -53.20
N ASP B 61 7.57 -2.92 -52.57
CA ASP B 61 8.21 -3.86 -51.65
C ASP B 61 9.45 -4.49 -52.27
N GLU B 62 10.60 -4.03 -51.81
CA GLU B 62 11.90 -4.50 -52.30
C GLU B 62 12.10 -6.01 -52.10
N ARG B 63 11.54 -6.56 -51.03
CA ARG B 63 11.77 -7.98 -50.62
C ARG B 63 11.42 -9.08 -51.64
N VAL B 64 10.31 -8.90 -52.36
CA VAL B 64 9.81 -9.90 -53.31
C VAL B 64 8.97 -9.22 -54.36
N ASP B 65 9.19 -9.59 -55.61
CA ASP B 65 8.33 -9.07 -56.66
C ASP B 65 7.07 -9.94 -56.66
N GLY B 66 5.93 -9.30 -56.38
CA GLY B 66 4.65 -10.00 -56.26
C GLY B 66 3.54 -9.21 -56.89
N PRO B 67 2.28 -9.61 -56.64
CA PRO B 67 1.12 -8.94 -57.24
C PRO B 67 0.91 -7.50 -56.70
N SER B 68 -0.03 -6.78 -57.28
CA SER B 68 -0.39 -5.45 -56.78
C SER B 68 -1.30 -5.54 -55.54
N LEU B 69 -1.28 -4.50 -54.71
CA LEU B 69 -2.14 -4.48 -53.54
C LEU B 69 -3.62 -4.59 -53.90
N GLN B 70 -4.00 -4.06 -55.07
CA GLN B 70 -5.39 -4.21 -55.53
C GLN B 70 -5.75 -5.67 -55.75
N GLN B 71 -4.81 -6.45 -56.29
CA GLN B 71 -5.07 -7.86 -56.54
C GLN B 71 -5.15 -8.65 -55.23
N VAL B 72 -4.16 -8.47 -54.36
CA VAL B 72 -4.23 -9.02 -53.00
C VAL B 72 -5.59 -8.75 -52.33
N MET B 73 -6.14 -7.56 -52.54
CA MET B 73 -7.46 -7.24 -52.04
C MET B 73 -8.57 -8.03 -52.72
N ARG B 74 -8.53 -8.14 -54.05
CA ARG B 74 -9.51 -8.94 -54.77
C ARG B 74 -9.56 -10.35 -54.22
N ASP B 75 -8.40 -10.95 -54.01
CA ASP B 75 -8.31 -12.26 -53.38
C ASP B 75 -9.01 -12.30 -52.04
N GLN B 76 -8.86 -11.23 -51.24
CA GLN B 76 -9.52 -11.09 -49.94
C GLN B 76 -11.03 -10.98 -50.03
N LEU B 77 -11.55 -10.45 -51.14
CA LEU B 77 -13.00 -10.29 -51.27
C LEU B 77 -13.71 -11.56 -51.72
N LYS B 78 -12.96 -12.51 -52.27
CA LYS B 78 -13.53 -13.75 -52.83
C LYS B 78 -14.64 -14.41 -52.00
N PRO B 79 -14.35 -14.76 -50.72
CA PRO B 79 -15.35 -15.46 -49.89
C PRO B 79 -16.66 -14.71 -49.57
N TYR B 80 -16.69 -13.40 -49.79
CA TYR B 80 -17.93 -12.63 -49.62
C TYR B 80 -18.96 -12.87 -50.73
N SER B 81 -18.55 -13.53 -51.80
CA SER B 81 -19.48 -13.81 -52.90
C SER B 81 -19.88 -15.29 -53.01
N GLU B 82 -19.17 -16.16 -52.30
CA GLU B 82 -19.52 -17.60 -52.20
C GLU B 82 -20.89 -17.76 -51.53
N PRO B 83 -21.67 -18.78 -51.95
CA PRO B 83 -23.00 -18.85 -51.33
C PRO B 83 -22.92 -19.11 -49.82
N ARG B 84 -23.93 -18.66 -49.08
CA ARG B 84 -23.99 -18.88 -47.65
C ARG B 84 -24.20 -20.34 -47.27
N GLY B 85 -23.84 -20.67 -46.03
CA GLY B 85 -24.20 -21.95 -45.44
C GLY B 85 -25.64 -21.87 -44.96
N LEU B 86 -26.11 -22.94 -44.34
CA LEU B 86 -27.51 -22.97 -43.92
C LEU B 86 -27.67 -22.26 -42.59
N LEU B 87 -28.83 -21.62 -42.45
CA LEU B 87 -29.35 -21.19 -41.18
C LEU B 87 -29.65 -22.43 -40.31
N PRO B 88 -29.35 -22.38 -38.99
CA PRO B 88 -29.73 -23.46 -38.08
C PRO B 88 -31.24 -23.61 -38.02
N PRO B 89 -31.73 -24.80 -37.64
CA PRO B 89 -33.18 -25.04 -37.60
C PRO B 89 -33.86 -23.93 -36.83
N GLN B 90 -34.93 -23.41 -37.38
CA GLN B 90 -35.58 -22.23 -36.83
C GLN B 90 -35.80 -22.37 -35.34
N GLU B 91 -36.36 -23.51 -34.94
CA GLU B 91 -36.85 -23.72 -33.59
C GLU B 91 -35.71 -23.63 -32.57
N ILE B 92 -34.59 -24.27 -32.90
CA ILE B 92 -33.35 -24.18 -32.15
C ILE B 92 -32.78 -22.76 -32.09
N LEU B 93 -32.76 -22.09 -33.25
CA LEU B 93 -32.27 -20.72 -33.38
C LEU B 93 -33.09 -19.72 -32.58
N ASP B 94 -34.41 -19.90 -32.55
CA ASP B 94 -35.30 -19.12 -31.67
C ASP B 94 -34.97 -19.31 -30.18
N ALA B 95 -34.73 -20.54 -29.79
CA ALA B 95 -34.53 -20.88 -28.39
C ALA B 95 -33.16 -20.41 -27.92
N VAL B 96 -32.14 -20.60 -28.76
CA VAL B 96 -30.78 -20.11 -28.48
C VAL B 96 -30.78 -18.61 -28.24
N CYS B 97 -31.46 -17.88 -29.11
CA CYS B 97 -31.55 -16.43 -28.98
C CYS B 97 -32.22 -15.99 -27.69
N ASP B 98 -33.38 -16.59 -27.38
CA ASP B 98 -34.09 -16.31 -26.14
C ASP B 98 -33.24 -16.58 -24.91
N ALA B 99 -32.42 -17.62 -24.98
CA ALA B 99 -31.59 -18.01 -23.85
C ALA B 99 -30.39 -17.06 -23.66
N ILE B 100 -29.75 -16.70 -24.75
CA ILE B 100 -28.63 -15.76 -24.69
C ILE B 100 -29.15 -14.43 -24.14
N GLU B 101 -30.26 -13.97 -24.71
CA GLU B 101 -30.90 -12.73 -24.28
C GLU B 101 -31.31 -12.78 -22.81
N ASN B 102 -31.83 -13.92 -22.38
CA ASN B 102 -32.28 -14.04 -21.02
C ASN B 102 -31.09 -13.90 -20.06
N ARG B 103 -30.02 -14.65 -20.33
CA ARG B 103 -28.75 -14.51 -19.60
C ARG B 103 -28.21 -13.08 -19.53
N LEU B 104 -28.33 -12.32 -20.61
CA LEU B 104 -27.84 -10.96 -20.62
C LEU B 104 -28.75 -10.01 -19.80
N GLU B 105 -30.07 -10.16 -19.95
CA GLU B 105 -31.01 -9.42 -19.09
C GLU B 105 -30.64 -9.59 -17.61
N ASN B 106 -30.47 -10.85 -17.18
CA ASN B 106 -30.12 -11.21 -15.80
C ASN B 106 -28.78 -10.65 -15.33
N THR B 107 -27.82 -10.48 -16.24
CA THR B 107 -26.45 -10.15 -15.84
C THR B 107 -26.02 -8.71 -16.06
N LEU B 108 -26.49 -8.08 -17.15
CA LEU B 108 -26.02 -6.75 -17.52
C LEU B 108 -26.72 -5.68 -16.69
N GLU B 109 -25.92 -4.76 -16.13
CA GLU B 109 -26.41 -3.59 -15.40
C GLU B 109 -26.91 -2.52 -16.36
N PRO B 110 -28.17 -2.07 -16.21
CA PRO B 110 -28.78 -1.11 -17.14
C PRO B 110 -28.09 0.26 -17.10
N GLN B 111 -27.73 0.76 -18.28
CA GLN B 111 -26.89 1.95 -18.36
C GLN B 111 -27.66 3.20 -18.76
N LYS B 112 -27.06 4.36 -18.49
CA LYS B 112 -27.53 5.62 -19.03
C LYS B 112 -27.17 5.71 -20.52
N PRO B 113 -28.05 6.30 -21.34
CA PRO B 113 -27.72 6.51 -22.76
C PRO B 113 -26.41 7.28 -22.95
N TRP B 114 -25.77 7.09 -24.10
CA TRP B 114 -24.60 7.86 -24.43
C TRP B 114 -24.98 9.22 -25.05
N THR B 115 -24.30 10.26 -24.61
CA THR B 115 -24.47 11.57 -25.23
C THR B 115 -23.61 11.62 -26.48
N PHE B 116 -23.78 12.68 -27.25
CA PHE B 116 -22.91 12.95 -28.38
C PHE B 116 -21.44 13.11 -27.94
N LYS B 117 -21.24 13.70 -26.76
CA LYS B 117 -19.89 13.97 -26.24
C LYS B 117 -19.09 12.71 -25.92
N LYS B 118 -19.73 11.75 -25.25
CA LYS B 118 -19.12 10.48 -24.85
C LYS B 118 -18.86 9.57 -26.05
N ALA B 119 -19.75 9.65 -27.03
CA ALA B 119 -19.57 9.02 -28.33
C ALA B 119 -18.32 9.56 -29.03
N CYS B 120 -18.21 10.89 -29.14
CA CYS B 120 -17.00 11.51 -29.70
C CYS B 120 -15.75 11.21 -28.88
N GLU B 121 -15.89 11.20 -27.56
CA GLU B 121 -14.79 10.85 -26.68
C GLU B 121 -14.23 9.48 -26.97
N SER B 122 -15.12 8.52 -27.22
CA SER B 122 -14.76 7.12 -27.40
C SER B 122 -14.05 6.76 -28.69
N LEU B 123 -14.14 7.61 -29.72
CA LEU B 123 -13.47 7.31 -30.99
C LEU B 123 -11.96 7.34 -30.86
N ASP B 124 -11.30 6.41 -31.56
CA ASP B 124 -9.85 6.44 -31.62
C ASP B 124 -9.39 7.61 -32.49
N LYS B 125 -8.68 8.54 -31.86
CA LYS B 125 -8.30 9.75 -32.54
C LYS B 125 -7.07 9.60 -33.45
N ASN B 126 -6.45 8.41 -33.47
CA ASN B 126 -5.25 8.17 -34.31
C ASN B 126 -5.51 7.36 -35.58
N THR B 127 -6.75 6.92 -35.77
CA THR B 127 -7.17 6.24 -37.01
C THR B 127 -7.87 7.20 -37.97
N SER B 128 -8.09 6.75 -39.20
CA SER B 128 -8.72 7.58 -40.22
C SER B 128 -10.20 7.75 -39.99
N SER B 129 -10.72 8.91 -40.37
CA SER B 129 -12.15 9.22 -40.30
C SER B 129 -12.91 8.50 -41.42
N GLY B 130 -12.18 7.88 -42.34
CA GLY B 130 -12.76 7.24 -43.50
C GLY B 130 -13.50 8.22 -44.37
N TYR B 131 -14.45 7.72 -45.14
CA TYR B 131 -15.26 8.50 -46.06
C TYR B 131 -15.97 9.69 -45.39
N PRO B 132 -15.89 10.90 -46.00
CA PRO B 132 -15.24 11.18 -47.27
C PRO B 132 -13.90 11.90 -47.14
N TYR B 133 -13.59 12.39 -45.94
CA TYR B 133 -12.41 13.22 -45.74
C TYR B 133 -11.15 12.41 -45.50
N HIS B 134 -11.34 11.11 -45.23
CA HIS B 134 -10.23 10.20 -44.99
C HIS B 134 -9.08 10.82 -44.21
N LYS B 135 -9.38 11.55 -43.15
CA LYS B 135 -8.34 12.21 -42.39
C LYS B 135 -8.23 11.70 -40.96
N GLN B 136 -7.02 11.78 -40.42
CA GLN B 136 -6.78 11.39 -39.04
C GLN B 136 -7.68 12.19 -38.11
N LYS B 137 -8.50 11.48 -37.35
CA LYS B 137 -9.48 12.09 -36.44
C LYS B 137 -8.93 13.24 -35.57
N SER B 138 -7.71 13.07 -35.08
CA SER B 138 -7.07 14.11 -34.26
C SER B 138 -6.99 15.49 -34.96
N LYS B 139 -6.81 15.48 -36.29
CA LYS B 139 -6.65 16.71 -37.07
C LYS B 139 -7.79 17.72 -36.90
N ASP B 140 -8.96 17.26 -36.46
CA ASP B 140 -10.13 18.15 -36.22
C ASP B 140 -10.68 18.07 -34.80
N TRP B 141 -9.84 17.66 -33.85
CA TRP B 141 -10.28 17.42 -32.46
C TRP B 141 -9.65 18.42 -31.48
N THR B 142 -10.50 19.18 -30.80
CA THR B 142 -10.04 20.20 -29.87
C THR B 142 -9.65 19.61 -28.52
N GLY B 143 -9.82 18.30 -28.35
CA GLY B 143 -9.55 17.66 -27.07
C GLY B 143 -10.83 17.46 -26.27
N SER B 144 -11.93 18.04 -26.75
CA SER B 144 -13.25 17.85 -26.13
C SER B 144 -14.38 17.80 -27.14
N ALA B 145 -14.09 18.17 -28.39
CA ALA B 145 -15.09 18.25 -29.46
C ALA B 145 -14.44 18.17 -30.85
N PHE B 146 -15.20 17.70 -31.84
CA PHE B 146 -14.72 17.68 -33.21
C PHE B 146 -15.09 19.01 -33.86
N ILE B 147 -14.11 19.64 -34.51
CA ILE B 147 -14.35 20.90 -35.24
C ILE B 147 -14.14 20.70 -36.73
N GLY B 148 -14.32 21.79 -37.48
CA GLY B 148 -14.03 21.80 -38.92
C GLY B 148 -14.79 20.72 -39.67
N ASP B 149 -14.10 20.13 -40.64
CA ASP B 149 -14.66 19.10 -41.52
C ASP B 149 -15.41 18.01 -40.74
N LEU B 150 -14.67 17.36 -39.86
CA LEU B 150 -15.17 16.26 -39.05
C LEU B 150 -16.30 16.69 -38.12
N GLY B 151 -16.24 17.91 -37.62
CA GLY B 151 -17.27 18.48 -36.77
C GLY B 151 -18.63 18.43 -37.47
N ASP B 152 -18.66 18.86 -38.73
CA ASP B 152 -19.91 18.85 -39.51
C ASP B 152 -20.42 17.47 -39.86
N GLN B 153 -19.50 16.52 -40.03
CA GLN B 153 -19.85 15.12 -40.27
C GLN B 153 -20.39 14.48 -39.00
N ALA B 154 -19.77 14.79 -37.87
CA ALA B 154 -20.18 14.28 -36.59
C ALA B 154 -21.54 14.83 -36.19
N THR B 155 -21.67 16.15 -36.28
CA THR B 155 -22.88 16.88 -35.89
C THR B 155 -24.05 16.38 -36.70
N HIS B 156 -23.85 16.24 -38.01
CA HIS B 156 -24.89 15.76 -38.92
C HIS B 156 -25.32 14.32 -38.61
N ALA B 157 -24.33 13.43 -38.47
CA ALA B 157 -24.55 12.05 -38.02
C ALA B 157 -25.40 11.98 -36.76
N ASN B 158 -25.05 12.80 -35.78
CA ASN B 158 -25.77 12.81 -34.54
C ASN B 158 -27.23 13.25 -34.73
N ASN B 159 -27.45 14.19 -35.65
CA ASN B 159 -28.81 14.64 -35.97
C ASN B 159 -29.69 13.50 -36.52
N MET B 160 -29.14 12.70 -37.41
CA MET B 160 -29.86 11.54 -37.99
C MET B 160 -30.16 10.49 -36.94
N TYR B 161 -29.18 10.21 -36.09
CA TYR B 161 -29.36 9.29 -34.98
C TYR B 161 -30.54 9.73 -34.13
N GLU B 162 -30.54 11.00 -33.72
CA GLU B 162 -31.55 11.50 -32.78
C GLU B 162 -32.94 11.60 -33.41
N MET B 163 -32.99 11.62 -34.74
CA MET B 163 -34.25 11.71 -35.49
C MET B 163 -34.78 10.35 -35.97
N GLY B 164 -34.14 9.28 -35.51
CA GLY B 164 -34.44 7.94 -36.00
C GLY B 164 -34.27 7.82 -37.51
N LYS B 165 -33.35 8.60 -38.07
CA LYS B 165 -33.21 8.56 -39.52
C LYS B 165 -32.01 7.75 -39.95
N SER B 166 -32.21 7.02 -41.05
CA SER B 166 -31.22 6.12 -41.60
C SER B 166 -30.14 6.82 -42.45
N MET B 167 -28.91 6.31 -42.36
CA MET B 167 -27.80 6.70 -43.25
C MET B 167 -27.12 5.43 -43.75
N ARG B 168 -26.66 5.46 -44.99
CA ARG B 168 -25.96 4.30 -45.53
C ARG B 168 -24.49 4.43 -45.16
N PRO B 169 -23.97 3.47 -44.38
CA PRO B 169 -22.54 3.48 -44.08
C PRO B 169 -21.74 3.20 -45.35
N ILE B 170 -20.61 3.89 -45.50
CA ILE B 170 -19.67 3.57 -46.57
C ILE B 170 -18.38 3.17 -45.89
N TYR B 171 -18.00 1.92 -46.10
CA TYR B 171 -16.74 1.42 -45.59
C TYR B 171 -15.63 1.68 -46.61
N THR B 172 -14.40 1.83 -46.10
CA THR B 172 -13.26 2.04 -46.96
C THR B 172 -12.37 0.86 -46.67
N ALA B 173 -11.89 0.20 -47.73
CA ALA B 173 -11.11 -1.03 -47.54
C ALA B 173 -9.63 -0.72 -47.33
N ALA B 174 -8.98 -1.49 -46.44
CA ALA B 174 -7.52 -1.43 -46.26
C ALA B 174 -7.02 -2.85 -46.08
N LEU B 175 -5.69 -3.00 -45.93
CA LEU B 175 -5.08 -4.31 -45.68
C LEU B 175 -4.14 -4.24 -44.49
N LYS B 176 -4.30 -5.16 -43.55
CA LYS B 176 -3.64 -5.05 -42.26
C LYS B 176 -2.12 -5.00 -42.34
N ASP B 177 -1.54 -3.87 -41.93
CA ASP B 177 -0.11 -3.80 -41.71
C ASP B 177 0.18 -4.42 -40.35
N GLU B 178 0.70 -5.65 -40.39
CA GLU B 178 1.03 -6.47 -39.21
C GLU B 178 2.17 -7.45 -39.55
N LEU B 179 2.71 -8.10 -38.52
CA LEU B 179 3.72 -9.16 -38.69
C LEU B 179 3.07 -10.45 -39.16
N VAL B 180 3.74 -11.19 -40.03
CA VAL B 180 3.18 -12.42 -40.57
C VAL B 180 4.25 -13.47 -40.84
N LYS B 181 3.86 -14.75 -40.91
CA LYS B 181 4.75 -15.83 -41.35
C LYS B 181 5.34 -15.55 -42.73
N PRO B 182 6.66 -15.76 -42.90
CA PRO B 182 7.40 -15.63 -44.16
C PRO B 182 6.68 -16.16 -45.40
N ASP B 183 5.96 -17.27 -45.23
CA ASP B 183 5.16 -17.91 -46.29
C ASP B 183 4.14 -16.95 -46.91
N LYS B 184 3.55 -16.10 -46.07
CA LYS B 184 2.58 -15.08 -46.53
C LYS B 184 3.24 -13.95 -47.29
N ILE B 185 4.57 -13.87 -47.19
CA ILE B 185 5.36 -12.91 -47.95
C ILE B 185 6.04 -13.57 -49.15
N TYR B 186 6.73 -14.68 -48.91
CA TYR B 186 7.55 -15.34 -49.96
C TYR B 186 6.91 -16.52 -50.71
N GLY B 187 5.80 -17.04 -50.20
CA GLY B 187 5.00 -18.03 -50.92
C GLY B 187 3.78 -17.32 -51.49
N LYS B 188 2.60 -17.87 -51.19
CA LYS B 188 1.32 -17.26 -51.57
C LYS B 188 1.10 -16.01 -50.71
N ILE B 189 1.11 -14.87 -51.38
CA ILE B 189 0.99 -13.60 -50.70
C ILE B 189 -0.45 -13.34 -50.29
N LYS B 190 -0.65 -13.03 -49.01
CA LYS B 190 -1.94 -12.67 -48.46
C LYS B 190 -1.75 -11.61 -47.41
N LYS B 191 -2.69 -10.67 -47.35
CA LYS B 191 -2.72 -9.59 -46.37
C LYS B 191 -4.17 -9.42 -45.95
N ARG B 192 -4.43 -9.32 -44.66
CA ARG B 192 -5.80 -9.32 -44.13
C ARG B 192 -6.62 -8.09 -44.57
N LEU B 193 -7.86 -8.33 -45.01
CA LEU B 193 -8.78 -7.25 -45.34
C LEU B 193 -9.34 -6.54 -44.10
N LEU B 194 -9.20 -5.23 -44.07
CA LEU B 194 -9.78 -4.37 -43.05
C LEU B 194 -10.92 -3.55 -43.64
N TRP B 195 -11.95 -3.30 -42.84
CA TRP B 195 -13.05 -2.44 -43.25
C TRP B 195 -12.99 -1.19 -42.43
N GLY B 196 -12.74 -0.07 -43.10
CA GLY B 196 -12.59 1.21 -42.43
C GLY B 196 -13.90 1.96 -42.52
N SER B 197 -14.58 2.05 -41.39
CA SER B 197 -15.87 2.71 -41.29
C SER B 197 -15.75 4.21 -41.52
N ASP B 198 -16.87 4.87 -41.80
CA ASP B 198 -16.89 6.32 -41.91
C ASP B 198 -17.29 6.89 -40.58
N LEU B 199 -16.89 8.14 -40.35
CA LEU B 199 -17.05 8.83 -39.06
C LEU B 199 -18.48 8.90 -38.56
N GLY B 200 -19.42 9.14 -39.48
CA GLY B 200 -20.83 9.28 -39.15
C GLY B 200 -21.37 7.99 -38.57
N THR B 201 -21.00 6.88 -39.20
CA THR B 201 -21.33 5.55 -38.74
C THR B 201 -20.69 5.30 -37.38
N MET B 202 -19.45 5.72 -37.20
CA MET B 202 -18.80 5.51 -35.92
C MET B 202 -19.58 6.19 -34.80
N ILE B 203 -19.96 7.45 -35.03
CA ILE B 203 -20.69 8.23 -34.03
C ILE B 203 -22.02 7.60 -33.69
N ARG B 204 -22.77 7.22 -34.71
CA ARG B 204 -24.08 6.66 -34.53
C ARG B 204 -24.00 5.33 -33.77
N ALA B 205 -23.06 4.48 -34.18
CA ALA B 205 -22.86 3.17 -33.54
C ALA B 205 -22.40 3.31 -32.09
N ALA B 206 -21.54 4.30 -31.84
CA ALA B 206 -21.08 4.58 -30.48
C ALA B 206 -22.25 4.98 -29.60
N ARG B 207 -23.04 5.96 -29.99
CA ARG B 207 -24.22 6.33 -29.19
C ARG B 207 -25.21 5.19 -29.05
N ALA B 208 -25.46 4.45 -30.10
CA ALA B 208 -26.42 3.35 -30.02
C ALA B 208 -25.93 2.24 -29.08
N PHE B 209 -24.69 1.81 -29.26
CA PHE B 209 -24.23 0.55 -28.69
C PHE B 209 -23.14 0.64 -27.61
N GLY B 210 -22.56 1.82 -27.44
CA GLY B 210 -21.60 2.07 -26.37
C GLY B 210 -22.09 1.68 -24.98
N PRO B 211 -23.37 1.98 -24.66
CA PRO B 211 -23.94 1.55 -23.38
C PRO B 211 -23.91 0.03 -23.21
N PHE B 212 -24.39 -0.70 -24.21
CA PHE B 212 -24.33 -2.16 -24.22
C PHE B 212 -22.90 -2.70 -24.03
N CYS B 213 -21.95 -2.18 -24.82
CA CYS B 213 -20.54 -2.56 -24.66
C CYS B 213 -20.00 -2.33 -23.25
N ASP B 214 -20.34 -1.18 -22.65
CA ASP B 214 -20.00 -0.93 -21.25
C ASP B 214 -20.53 -2.06 -20.38
N ALA B 215 -21.86 -2.23 -20.38
CA ALA B 215 -22.52 -3.27 -19.58
C ALA B 215 -21.87 -4.64 -19.82
N LEU B 216 -21.56 -4.92 -21.08
CA LEU B 216 -20.98 -6.20 -21.43
C LEU B 216 -19.56 -6.36 -20.91
N LYS B 217 -18.76 -5.32 -21.01
CA LYS B 217 -17.38 -5.36 -20.50
C LYS B 217 -17.31 -5.68 -19.01
N GLU B 218 -18.27 -5.16 -18.23
CA GLU B 218 -18.38 -5.41 -16.79
C GLU B 218 -18.53 -6.89 -16.44
N THR B 219 -19.16 -7.65 -17.33
CA THR B 219 -19.47 -9.05 -17.03
C THR B 219 -18.55 -10.01 -17.78
N CYS B 220 -17.33 -9.59 -18.08
CA CYS B 220 -16.41 -10.41 -18.90
C CYS B 220 -15.98 -11.69 -18.17
N ILE B 221 -16.23 -11.73 -16.86
CA ILE B 221 -15.98 -12.92 -16.10
C ILE B 221 -17.24 -13.80 -16.09
N PHE B 222 -18.40 -13.18 -15.80
CA PHE B 222 -19.66 -13.89 -15.68
C PHE B 222 -20.31 -14.29 -17.02
N ASN B 223 -19.95 -13.60 -18.09
CA ASN B 223 -20.50 -13.92 -19.40
C ASN B 223 -19.43 -14.37 -20.35
N PRO B 224 -19.80 -15.15 -21.39
CA PRO B 224 -18.80 -15.77 -22.24
C PRO B 224 -18.18 -14.83 -23.26
N ILE B 225 -18.79 -13.68 -23.49
CA ILE B 225 -18.11 -12.69 -24.32
C ILE B 225 -16.97 -12.03 -23.52
N ARG B 226 -15.76 -12.35 -23.93
CA ARG B 226 -14.59 -12.07 -23.12
C ARG B 226 -13.93 -10.71 -23.43
N VAL B 227 -14.60 -9.87 -24.22
CA VAL B 227 -14.05 -8.57 -24.60
C VAL B 227 -13.99 -7.61 -23.41
N GLY B 228 -12.79 -7.09 -23.15
CA GLY B 228 -12.53 -6.25 -21.99
C GLY B 228 -11.70 -6.93 -20.92
N MET B 229 -11.55 -8.24 -20.99
CA MET B 229 -10.75 -8.98 -20.02
C MET B 229 -9.26 -8.60 -20.06
N SER B 230 -8.62 -8.66 -18.88
CA SER B 230 -7.16 -8.62 -18.80
C SER B 230 -6.68 -10.05 -18.63
N MET B 231 -5.79 -10.49 -19.52
CA MET B 231 -5.21 -11.83 -19.45
C MET B 231 -4.61 -12.14 -18.07
N ASN B 232 -3.91 -11.18 -17.48
CA ASN B 232 -3.21 -11.41 -16.22
C ASN B 232 -4.07 -11.32 -14.97
N GLU B 233 -4.98 -10.35 -14.91
CA GLU B 233 -5.89 -10.34 -13.77
C GLU B 233 -7.17 -11.17 -13.94
N ASP B 234 -7.65 -11.35 -15.17
CA ASP B 234 -8.90 -12.10 -15.35
C ASP B 234 -8.69 -13.55 -15.79
N GLY B 235 -7.60 -13.80 -16.52
CA GLY B 235 -7.28 -15.13 -17.01
C GLY B 235 -7.33 -16.23 -15.95
N PRO B 236 -6.64 -16.02 -14.81
CA PRO B 236 -6.60 -17.11 -13.84
C PRO B 236 -7.98 -17.52 -13.35
N PHE B 237 -8.89 -16.58 -13.18
CA PHE B 237 -10.27 -16.90 -12.80
C PHE B 237 -11.05 -17.54 -13.98
N ILE B 238 -10.92 -16.94 -15.16
CA ILE B 238 -11.63 -17.42 -16.33
C ILE B 238 -11.30 -18.89 -16.63
N PHE B 239 -10.01 -19.20 -16.61
CA PHE B 239 -9.55 -20.53 -16.91
C PHE B 239 -9.83 -21.49 -15.77
N ALA B 240 -9.90 -20.99 -14.55
CA ALA B 240 -10.29 -21.83 -13.44
C ALA B 240 -11.76 -22.24 -13.60
N ARG B 241 -12.59 -21.34 -14.13
CA ARG B 241 -14.01 -21.68 -14.36
C ARG B 241 -14.15 -22.74 -15.46
N HIS B 242 -13.34 -22.61 -16.52
CA HIS B 242 -13.37 -23.56 -17.63
C HIS B 242 -13.03 -24.96 -17.14
N ALA B 243 -12.10 -25.02 -16.20
CA ALA B 243 -11.52 -26.27 -15.72
C ALA B 243 -12.45 -27.02 -14.78
N ASN B 244 -13.56 -26.39 -14.41
CA ASN B 244 -14.62 -27.09 -13.69
C ASN B 244 -15.31 -28.08 -14.62
N PHE B 245 -14.94 -28.07 -15.89
CA PHE B 245 -15.67 -28.83 -16.90
C PHE B 245 -14.82 -29.91 -17.53
N ARG B 246 -15.48 -31.04 -17.82
CA ARG B 246 -14.82 -32.25 -18.26
C ARG B 246 -14.05 -32.13 -19.58
N TYR B 247 -14.73 -31.67 -20.62
CA TYR B 247 -14.16 -31.69 -21.97
C TYR B 247 -13.90 -30.30 -22.51
N HIS B 248 -12.80 -30.15 -23.25
CA HIS B 248 -12.37 -28.84 -23.72
C HIS B 248 -12.01 -28.89 -25.17
N MET B 249 -12.29 -27.79 -25.89
CA MET B 249 -12.10 -27.72 -27.32
C MET B 249 -12.06 -26.30 -27.86
N ASP B 250 -11.48 -26.14 -29.05
CA ASP B 250 -11.36 -24.86 -29.77
C ASP B 250 -11.51 -25.16 -31.25
N ALA B 251 -12.50 -24.53 -31.88
CA ALA B 251 -12.84 -24.85 -33.26
C ALA B 251 -11.88 -24.20 -34.26
N ASP B 252 -11.12 -23.21 -33.79
CA ASP B 252 -10.10 -22.56 -34.58
C ASP B 252 -10.54 -22.29 -36.04
N TYR B 253 -11.44 -21.33 -36.23
CA TYR B 253 -12.05 -21.06 -37.53
C TYR B 253 -11.14 -20.35 -38.53
N THR B 254 -11.25 -20.76 -39.80
CA THR B 254 -10.70 -20.02 -40.94
C THR B 254 -11.79 -19.14 -41.57
N ARG B 255 -11.42 -17.90 -41.89
CA ARG B 255 -12.29 -16.93 -42.57
C ARG B 255 -13.64 -16.78 -41.88
N TRP B 256 -13.60 -16.67 -40.56
CA TRP B 256 -14.77 -16.46 -39.77
C TRP B 256 -15.63 -15.35 -40.35
N ASP B 257 -15.05 -14.15 -40.51
CA ASP B 257 -15.76 -12.95 -40.91
C ASP B 257 -16.52 -13.06 -42.23
N SER B 258 -15.81 -13.51 -43.27
CA SER B 258 -16.39 -13.59 -44.59
C SER B 258 -17.35 -14.76 -44.73
N THR B 259 -17.40 -15.63 -43.73
CA THR B 259 -18.32 -16.76 -43.77
C THR B 259 -19.58 -16.52 -42.95
N GLN B 260 -19.61 -15.42 -42.20
CA GLN B 260 -20.81 -15.03 -41.45
C GLN B 260 -22.02 -14.83 -42.34
N GLN B 261 -23.21 -15.09 -41.80
CA GLN B 261 -24.44 -14.90 -42.52
C GLN B 261 -25.08 -13.67 -41.93
N ARG B 262 -25.64 -12.80 -42.77
CA ARG B 262 -26.33 -11.62 -42.25
C ARG B 262 -27.52 -12.00 -41.38
N ALA B 263 -28.22 -13.06 -41.79
CA ALA B 263 -29.35 -13.59 -41.02
C ALA B 263 -29.02 -13.85 -39.56
N ILE B 264 -27.84 -14.44 -39.31
CA ILE B 264 -27.37 -14.69 -37.96
C ILE B 264 -27.03 -13.35 -37.31
N LEU B 265 -26.33 -12.50 -38.06
CA LEU B 265 -25.91 -11.20 -37.56
C LEU B 265 -27.08 -10.33 -37.13
N LYS B 266 -28.19 -10.47 -37.85
CA LYS B 266 -29.45 -9.82 -37.52
C LYS B 266 -29.91 -10.21 -36.12
N ARG B 267 -29.83 -11.51 -35.83
CA ARG B 267 -30.32 -12.03 -34.57
C ARG B 267 -29.48 -11.51 -33.42
N ALA B 268 -28.17 -11.49 -33.62
CA ALA B 268 -27.26 -10.87 -32.66
C ALA B 268 -27.61 -9.39 -32.50
N GLY B 269 -27.91 -8.74 -33.62
CA GLY B 269 -28.30 -7.35 -33.61
C GLY B 269 -29.59 -7.10 -32.87
N ASP B 270 -30.55 -8.01 -33.02
CA ASP B 270 -31.80 -7.91 -32.30
C ASP B 270 -31.54 -7.86 -30.79
N ILE B 271 -30.53 -8.61 -30.34
CA ILE B 271 -30.22 -8.70 -28.92
C ILE B 271 -29.59 -7.40 -28.41
N MET B 272 -28.61 -6.89 -29.15
CA MET B 272 -27.99 -5.62 -28.81
C MET B 272 -29.01 -4.49 -28.76
N VAL B 273 -29.88 -4.42 -29.77
CA VAL B 273 -30.93 -3.42 -29.79
C VAL B 273 -31.84 -3.50 -28.54
N ARG B 274 -32.45 -4.65 -28.29
CA ARG B 274 -33.36 -4.80 -27.16
C ARG B 274 -32.71 -4.36 -25.85
N LEU B 275 -31.43 -4.72 -25.67
CA LEU B 275 -30.70 -4.41 -24.44
C LEU B 275 -29.99 -3.05 -24.42
N SER B 276 -30.36 -2.17 -25.34
CA SER B 276 -29.80 -0.81 -25.40
C SER B 276 -30.75 0.20 -24.78
N PRO B 277 -30.22 1.24 -24.12
CA PRO B 277 -31.11 2.20 -23.43
C PRO B 277 -32.05 2.98 -24.38
N GLU B 278 -31.67 3.08 -25.66
CA GLU B 278 -32.51 3.73 -26.67
C GLU B 278 -32.85 2.75 -27.80
N PRO B 279 -33.63 1.70 -27.49
CA PRO B 279 -33.93 0.64 -28.47
C PRO B 279 -34.36 1.19 -29.83
N ASP B 280 -35.23 2.17 -29.85
CA ASP B 280 -35.78 2.68 -31.10
C ASP B 280 -34.73 3.35 -31.96
N LEU B 281 -33.83 4.12 -31.35
CA LEU B 281 -32.75 4.79 -32.09
C LEU B 281 -31.71 3.79 -32.58
N ALA B 282 -31.42 2.78 -31.73
CA ALA B 282 -30.40 1.79 -31.99
C ALA B 282 -30.82 0.89 -33.12
N ARG B 283 -32.12 0.60 -33.19
CA ARG B 283 -32.71 -0.26 -34.22
C ARG B 283 -32.38 0.26 -35.62
N VAL B 284 -32.56 1.56 -35.78
CA VAL B 284 -32.20 2.26 -37.01
C VAL B 284 -30.74 2.01 -37.39
N VAL B 285 -29.84 2.16 -36.43
CA VAL B 285 -28.41 2.05 -36.71
C VAL B 285 -28.05 0.61 -37.05
N MET B 286 -28.56 -0.32 -36.25
CA MET B 286 -28.35 -1.74 -36.51
C MET B 286 -28.78 -2.13 -37.93
N ASP B 287 -29.99 -1.71 -38.32
CA ASP B 287 -30.50 -2.00 -39.66
C ASP B 287 -29.54 -1.41 -40.70
N ASP B 288 -29.09 -0.17 -40.50
CA ASP B 288 -28.11 0.42 -41.40
C ASP B 288 -26.82 -0.41 -41.46
N LEU B 289 -26.38 -0.91 -40.30
CA LEU B 289 -25.17 -1.71 -40.22
C LEU B 289 -25.29 -3.01 -40.99
N LEU B 290 -26.46 -3.65 -40.94
CA LEU B 290 -26.60 -5.00 -41.50
C LEU B 290 -27.12 -5.03 -42.94
N ALA B 291 -27.51 -3.87 -43.46
CA ALA B 291 -27.98 -3.76 -44.83
C ALA B 291 -26.78 -3.97 -45.77
N PRO B 292 -27.04 -4.33 -47.04
CA PRO B 292 -25.96 -4.56 -47.98
C PRO B 292 -24.92 -3.48 -47.81
N SER B 293 -23.68 -3.90 -47.62
CA SER B 293 -22.64 -2.98 -47.22
C SER B 293 -21.99 -2.36 -48.44
N LEU B 294 -21.83 -1.04 -48.36
CA LEU B 294 -21.10 -0.28 -49.36
C LEU B 294 -19.62 -0.24 -48.96
N LEU B 295 -18.77 -0.86 -49.79
CA LEU B 295 -17.33 -0.94 -49.51
C LEU B 295 -16.55 -0.25 -50.62
N ASP B 296 -15.75 0.74 -50.25
CA ASP B 296 -15.02 1.53 -51.23
C ASP B 296 -13.62 0.97 -51.37
N VAL B 297 -13.38 0.25 -52.46
CA VAL B 297 -12.10 -0.46 -52.70
C VAL B 297 -11.13 0.31 -53.56
N GLY B 298 -11.43 1.59 -53.75
CA GLY B 298 -10.57 2.44 -54.57
C GLY B 298 -11.20 2.81 -55.90
N ASP B 299 -11.16 1.89 -56.86
CA ASP B 299 -11.71 2.18 -58.18
C ASP B 299 -13.22 2.36 -58.09
N TYR B 300 -13.85 1.44 -57.35
CA TYR B 300 -15.29 1.39 -57.22
C TYR B 300 -15.71 1.25 -55.77
N LYS B 301 -16.99 1.52 -55.53
CA LYS B 301 -17.67 1.07 -54.34
C LYS B 301 -18.52 -0.13 -54.75
N ILE B 302 -18.37 -1.24 -54.03
CA ILE B 302 -19.10 -2.48 -54.27
C ILE B 302 -20.08 -2.76 -53.15
N VAL B 303 -21.03 -3.64 -53.41
CA VAL B 303 -22.05 -4.01 -52.44
C VAL B 303 -21.73 -5.41 -51.98
N VAL B 304 -21.63 -5.57 -50.66
CA VAL B 304 -21.37 -6.89 -50.14
C VAL B 304 -22.48 -7.20 -49.17
N GLU B 305 -23.32 -8.14 -49.62
CA GLU B 305 -24.61 -8.42 -48.99
C GLU B 305 -24.49 -9.40 -47.81
N GLU B 306 -23.39 -10.18 -47.80
CA GLU B 306 -23.16 -11.20 -46.78
C GLU B 306 -21.82 -11.04 -46.10
N GLY B 307 -21.58 -11.84 -45.06
CA GLY B 307 -20.36 -11.70 -44.25
C GLY B 307 -20.44 -10.57 -43.23
N LEU B 308 -19.40 -10.46 -42.41
CA LEU B 308 -19.35 -9.45 -41.37
C LEU B 308 -18.56 -8.22 -41.85
N PRO B 309 -19.18 -7.04 -41.77
CA PRO B 309 -18.54 -5.75 -41.99
C PRO B 309 -17.85 -5.25 -40.73
N SER B 310 -16.52 -5.39 -40.71
CA SER B 310 -15.67 -5.02 -39.57
C SER B 310 -15.64 -3.49 -39.26
N GLY B 311 -14.63 -3.08 -38.49
CA GLY B 311 -14.43 -1.66 -38.18
C GLY B 311 -14.78 -1.30 -36.75
N CYS B 312 -16.01 -0.81 -36.57
CA CYS B 312 -16.58 -0.35 -35.29
C CYS B 312 -15.82 -0.79 -34.06
N CYS B 314 -21.03 -2.20 -31.25
CA CYS B 314 -19.76 -2.27 -31.98
C CYS B 314 -19.44 -3.70 -32.42
N THR B 315 -18.81 -3.82 -33.59
CA THR B 315 -18.70 -5.08 -34.35
C THR B 315 -18.03 -6.29 -33.69
N THR B 316 -17.01 -6.08 -32.87
CA THR B 316 -16.35 -7.22 -32.22
C THR B 316 -17.25 -7.82 -31.14
N GLN B 317 -18.19 -7.02 -30.65
CA GLN B 317 -19.18 -7.50 -29.69
C GLN B 317 -20.36 -8.14 -30.41
N LEU B 318 -20.72 -7.62 -31.58
CA LEU B 318 -21.74 -8.26 -32.43
C LEU B 318 -21.21 -9.57 -33.01
N ASN B 319 -19.91 -9.62 -33.29
CA ASN B 319 -19.28 -10.79 -33.86
C ASN B 319 -19.10 -11.91 -32.85
N SER B 320 -18.96 -11.54 -31.58
CA SER B 320 -18.83 -12.50 -30.50
C SER B 320 -20.17 -13.13 -30.20
N LEU B 321 -21.17 -12.27 -30.09
CA LEU B 321 -22.56 -12.65 -29.95
C LEU B 321 -23.01 -13.66 -30.99
N ALA B 322 -22.61 -13.46 -32.26
CA ALA B 322 -23.02 -14.37 -33.34
C ALA B 322 -22.35 -15.73 -33.17
N HIS B 323 -21.09 -15.69 -32.76
CA HIS B 323 -20.29 -16.85 -32.43
C HIS B 323 -20.98 -17.66 -31.33
N TRP B 324 -21.44 -16.93 -30.31
CA TRP B 324 -22.14 -17.50 -29.17
C TRP B 324 -23.44 -18.14 -29.66
N ILE B 325 -24.22 -17.41 -30.44
CA ILE B 325 -25.39 -17.97 -31.11
C ILE B 325 -25.07 -19.24 -31.92
N LEU B 326 -24.07 -19.18 -32.80
CA LEU B 326 -23.68 -20.31 -33.64
C LEU B 326 -23.18 -21.54 -32.87
N THR B 327 -22.20 -21.35 -31.99
CA THR B 327 -21.74 -22.41 -31.11
C THR B 327 -22.88 -23.10 -30.36
N LEU B 328 -23.76 -22.30 -29.77
CA LEU B 328 -24.76 -22.86 -28.91
C LEU B 328 -25.77 -23.60 -29.76
N CYS B 329 -26.10 -23.06 -30.94
CA CYS B 329 -27.01 -23.73 -31.90
C CYS B 329 -26.55 -25.12 -32.27
N ALA B 330 -25.27 -25.24 -32.63
CA ALA B 330 -24.70 -26.53 -33.03
C ALA B 330 -24.76 -27.52 -31.87
N MET B 331 -24.37 -27.06 -30.68
CA MET B 331 -24.40 -27.88 -29.47
C MET B 331 -25.80 -28.39 -29.18
N VAL B 332 -26.79 -27.50 -29.26
CA VAL B 332 -28.17 -27.88 -29.02
C VAL B 332 -28.63 -28.84 -30.10
N GLU B 333 -28.33 -28.50 -31.35
CA GLU B 333 -28.69 -29.37 -32.47
C GLU B 333 -28.27 -30.81 -32.17
N VAL B 334 -27.08 -30.95 -31.60
CA VAL B 334 -26.40 -32.25 -31.49
C VAL B 334 -26.73 -33.01 -30.20
N THR B 335 -26.59 -32.38 -29.04
CA THR B 335 -26.88 -33.04 -27.77
C THR B 335 -28.37 -33.16 -27.50
N ARG B 336 -29.17 -32.32 -28.17
CA ARG B 336 -30.62 -32.15 -27.92
C ARG B 336 -30.95 -31.55 -26.54
N VAL B 337 -29.93 -31.04 -25.85
CA VAL B 337 -30.14 -30.40 -24.56
C VAL B 337 -30.58 -28.96 -24.80
N ASP B 338 -31.53 -28.48 -24.00
CA ASP B 338 -32.01 -27.09 -24.14
C ASP B 338 -30.86 -26.12 -23.92
N PRO B 339 -30.86 -24.99 -24.67
CA PRO B 339 -29.70 -24.09 -24.60
C PRO B 339 -29.37 -23.54 -23.19
N ASP B 340 -30.38 -23.31 -22.37
CA ASP B 340 -30.13 -22.85 -20.99
C ASP B 340 -29.41 -23.90 -20.19
N ILE B 341 -29.79 -25.16 -20.40
CA ILE B 341 -29.11 -26.30 -19.75
C ILE B 341 -27.72 -26.51 -20.31
N VAL B 342 -27.53 -26.30 -21.62
CA VAL B 342 -26.19 -26.36 -22.20
C VAL B 342 -25.26 -25.36 -21.50
N MET B 343 -25.81 -24.19 -21.20
CA MET B 343 -25.04 -23.14 -20.53
C MET B 343 -24.85 -23.40 -19.03
N GLN B 344 -25.75 -24.19 -18.43
CA GLN B 344 -25.52 -24.69 -17.08
C GLN B 344 -24.38 -25.70 -17.07
N GLU B 345 -24.23 -26.41 -18.19
CA GLU B 345 -23.28 -27.52 -18.25
C GLU B 345 -22.01 -27.20 -19.02
N SER B 346 -21.74 -25.92 -19.23
CA SER B 346 -20.63 -25.47 -20.07
C SER B 346 -20.06 -24.10 -19.69
N GLU B 347 -18.79 -23.89 -20.04
CA GLU B 347 -18.22 -22.56 -19.98
C GLU B 347 -17.71 -22.19 -21.37
N PHE B 348 -18.07 -20.98 -21.79
CA PHE B 348 -17.73 -20.49 -23.10
C PHE B 348 -16.81 -19.29 -22.96
N SER B 349 -15.81 -19.21 -23.83
CA SER B 349 -15.05 -17.96 -23.98
C SER B 349 -15.03 -17.52 -25.42
N PHE B 350 -15.57 -16.32 -25.65
CA PHE B 350 -15.63 -15.77 -26.99
C PHE B 350 -15.00 -14.39 -27.08
N TYR B 351 -14.29 -14.19 -28.19
CA TYR B 351 -13.73 -12.89 -28.56
C TYR B 351 -13.69 -12.90 -30.08
N GLY B 352 -14.77 -12.40 -30.68
CA GLY B 352 -14.92 -12.48 -32.14
C GLY B 352 -14.79 -13.92 -32.57
N ASP B 353 -13.85 -14.20 -33.46
CA ASP B 353 -13.66 -15.55 -33.97
C ASP B 353 -13.03 -16.51 -32.95
N ASP B 354 -12.29 -15.97 -31.97
CA ASP B 354 -11.58 -16.82 -30.99
C ASP B 354 -12.49 -17.43 -29.92
N GLU B 355 -12.42 -18.74 -29.74
CA GLU B 355 -13.28 -19.41 -28.76
C GLU B 355 -12.56 -20.40 -27.84
N VAL B 356 -13.11 -20.58 -26.65
CA VAL B 356 -12.88 -21.81 -25.87
C VAL B 356 -14.22 -22.29 -25.34
N VAL B 357 -14.56 -23.54 -25.66
CA VAL B 357 -15.80 -24.18 -25.20
C VAL B 357 -15.40 -25.33 -24.28
N SER B 358 -15.93 -25.31 -23.07
CA SER B 358 -15.75 -26.41 -22.13
C SER B 358 -17.13 -26.89 -21.74
N THR B 359 -17.28 -28.21 -21.56
CA THR B 359 -18.60 -28.81 -21.30
C THR B 359 -18.55 -30.18 -20.60
N ASN B 360 -19.58 -30.45 -19.81
CA ASN B 360 -19.76 -31.75 -19.19
C ASN B 360 -20.59 -32.63 -20.10
N LEU B 361 -21.20 -32.01 -21.10
CA LEU B 361 -22.07 -32.71 -22.00
C LEU B 361 -21.22 -33.61 -22.87
N GLU B 362 -21.82 -34.72 -23.32
CA GLU B 362 -21.10 -35.64 -24.19
C GLU B 362 -21.30 -35.23 -25.66
N LEU B 363 -20.45 -34.32 -26.11
CA LEU B 363 -20.58 -33.78 -27.44
C LEU B 363 -20.00 -34.72 -28.46
N ASP B 364 -20.86 -35.22 -29.34
CA ASP B 364 -20.41 -36.03 -30.44
C ASP B 364 -19.69 -35.11 -31.40
N MET B 365 -18.37 -35.22 -31.44
CA MET B 365 -17.54 -34.28 -32.19
C MET B 365 -17.75 -34.30 -33.72
N VAL B 366 -17.98 -35.49 -34.29
CA VAL B 366 -18.24 -35.60 -35.73
C VAL B 366 -19.52 -34.86 -36.09
N LYS B 367 -20.60 -35.14 -35.36
CA LYS B 367 -21.90 -34.48 -35.59
C LYS B 367 -21.84 -32.96 -35.37
N TYR B 368 -21.04 -32.54 -34.40
CA TYR B 368 -20.86 -31.14 -34.03
C TYR B 368 -20.14 -30.40 -35.14
N THR B 369 -19.06 -31.01 -35.64
CA THR B 369 -18.29 -30.46 -36.73
C THR B 369 -19.14 -30.34 -37.99
N MET B 370 -19.89 -31.39 -38.33
CA MET B 370 -20.83 -31.33 -39.44
C MET B 370 -21.82 -30.17 -39.27
N ALA B 371 -22.28 -29.94 -38.05
CA ALA B 371 -23.24 -28.88 -37.80
C ALA B 371 -22.65 -27.49 -38.08
N LEU B 372 -21.48 -27.21 -37.50
CA LEU B 372 -20.78 -25.96 -37.80
C LEU B 372 -20.56 -25.75 -39.29
N ARG B 373 -20.14 -26.80 -39.99
CA ARG B 373 -19.87 -26.73 -41.45
C ARG B 373 -21.15 -26.58 -42.28
N ARG B 374 -22.26 -27.03 -41.74
CA ARG B 374 -23.52 -26.88 -42.44
C ARG B 374 -23.96 -25.44 -42.32
N TYR B 375 -23.54 -24.78 -41.24
CA TYR B 375 -23.83 -23.35 -41.07
C TYR B 375 -22.95 -22.50 -41.98
N GLY B 376 -21.88 -23.10 -42.52
CA GLY B 376 -21.03 -22.42 -43.47
C GLY B 376 -19.71 -21.98 -42.88
N LEU B 377 -19.46 -22.38 -41.63
CA LEU B 377 -18.24 -22.04 -40.95
C LEU B 377 -17.14 -23.01 -41.35
N LEU B 378 -15.88 -22.63 -41.11
CA LEU B 378 -14.77 -23.51 -41.45
C LEU B 378 -13.91 -23.83 -40.22
N PRO B 379 -14.42 -24.69 -39.30
CA PRO B 379 -13.56 -25.12 -38.19
C PRO B 379 -12.36 -25.90 -38.73
N THR B 380 -11.28 -25.96 -37.97
CA THR B 380 -10.10 -26.68 -38.43
C THR B 380 -9.44 -27.43 -37.29
N ARG B 381 -8.97 -28.64 -37.60
CA ARG B 381 -8.34 -29.52 -36.61
C ARG B 381 -7.01 -28.95 -36.10
N ALA B 382 -6.71 -29.21 -34.84
CA ALA B 382 -5.45 -28.78 -34.20
C ALA B 382 -4.24 -29.06 -35.08
N ASP B 383 -4.34 -30.07 -35.95
CA ASP B 383 -3.21 -30.50 -36.78
C ASP B 383 -3.34 -30.10 -38.25
N LYS B 384 -4.48 -29.53 -38.63
CA LYS B 384 -4.78 -29.12 -40.02
C LYS B 384 -5.21 -30.26 -40.97
N GLU B 385 -5.53 -31.43 -40.43
CA GLU B 385 -6.11 -32.54 -41.21
C GLU B 385 -7.64 -32.40 -41.35
N GLU B 386 -8.21 -33.01 -42.40
CA GLU B 386 -9.59 -32.72 -42.82
C GLU B 386 -10.76 -33.26 -41.94
N GLY B 387 -10.45 -34.05 -40.92
CA GLY B 387 -11.49 -34.68 -40.06
C GLY B 387 -12.27 -33.75 -39.13
N PRO B 388 -12.83 -34.30 -38.02
CA PRO B 388 -13.61 -33.51 -37.06
C PRO B 388 -12.77 -32.85 -35.97
N LEU B 389 -13.36 -31.91 -35.23
CA LEU B 389 -12.67 -31.29 -34.11
C LEU B 389 -12.48 -32.26 -32.97
N GLU B 390 -11.33 -32.18 -32.31
CA GLU B 390 -11.02 -33.07 -31.21
C GLU B 390 -11.48 -32.47 -29.89
N ARG B 391 -11.92 -33.29 -28.95
CA ARG B 391 -12.22 -32.79 -27.61
C ARG B 391 -11.22 -33.38 -26.63
N ARG B 392 -10.63 -32.55 -25.77
CA ARG B 392 -9.64 -33.05 -24.82
C ARG B 392 -10.16 -33.08 -23.37
N GLN B 393 -9.49 -33.87 -22.52
CA GLN B 393 -9.91 -34.08 -21.13
C GLN B 393 -9.23 -33.08 -20.18
N THR B 394 -8.30 -32.29 -20.71
CA THR B 394 -7.62 -31.28 -19.94
C THR B 394 -7.61 -29.94 -20.67
N LEU B 395 -7.61 -28.85 -19.90
CA LEU B 395 -7.63 -27.51 -20.46
C LEU B 395 -6.25 -27.08 -21.02
N GLN B 396 -5.19 -27.78 -20.61
CA GLN B 396 -3.83 -27.46 -21.10
C GLN B 396 -3.60 -27.89 -22.53
N GLY B 397 -3.10 -26.95 -23.32
CA GLY B 397 -2.99 -27.12 -24.76
C GLY B 397 -3.76 -26.01 -25.46
N ILE B 398 -5.01 -25.79 -25.04
CA ILE B 398 -5.89 -24.85 -25.72
C ILE B 398 -5.34 -23.43 -25.60
N SER B 399 -5.53 -22.66 -26.65
CA SER B 399 -5.04 -21.29 -26.69
C SER B 399 -6.22 -20.34 -26.67
N PHE B 400 -6.02 -19.12 -26.16
CA PHE B 400 -7.03 -18.08 -26.20
C PHE B 400 -6.35 -16.72 -26.13
N LEU B 401 -6.77 -15.80 -27.00
CA LEU B 401 -6.16 -14.47 -27.15
C LEU B 401 -4.65 -14.50 -27.43
N ARG B 402 -4.21 -15.51 -28.20
CA ARG B 402 -2.80 -15.67 -28.60
C ARG B 402 -1.90 -16.09 -27.43
N ARG B 403 -2.50 -16.27 -26.25
CA ARG B 403 -1.84 -16.86 -25.09
C ARG B 403 -2.19 -18.35 -25.03
N ALA B 404 -1.24 -19.18 -24.61
CA ALA B 404 -1.53 -20.60 -24.33
C ALA B 404 -1.94 -20.76 -22.86
N ILE B 405 -2.79 -21.75 -22.58
CA ILE B 405 -3.31 -21.94 -21.22
C ILE B 405 -2.51 -22.96 -20.44
N VAL B 406 -1.78 -22.47 -19.44
CA VAL B 406 -1.00 -23.33 -18.58
C VAL B 406 -1.66 -23.41 -17.22
N GLY B 407 -1.66 -24.62 -16.67
CA GLY B 407 -2.01 -24.87 -15.27
C GLY B 407 -0.83 -25.42 -14.49
N ASP B 408 -0.60 -24.87 -13.29
CA ASP B 408 0.39 -25.41 -12.38
C ASP B 408 -0.22 -25.51 -10.98
N GLN B 409 0.62 -25.67 -9.96
CA GLN B 409 0.12 -25.87 -8.61
C GLN B 409 -0.55 -24.63 -8.02
N PHE B 410 -0.34 -23.48 -8.66
CA PHE B 410 -0.88 -22.22 -8.14
C PHE B 410 -2.24 -21.84 -8.73
N GLY B 411 -2.53 -22.39 -9.92
CA GLY B 411 -3.71 -22.01 -10.69
C GLY B 411 -3.45 -22.11 -12.19
N TRP B 412 -4.28 -21.41 -12.97
CA TRP B 412 -4.17 -21.39 -14.41
C TRP B 412 -3.79 -20.00 -14.81
N TYR B 413 -3.11 -19.89 -15.95
CA TYR B 413 -2.76 -18.59 -16.50
C TYR B 413 -2.54 -18.70 -18.00
N GLY B 414 -2.43 -17.54 -18.65
CA GLY B 414 -2.20 -17.50 -20.07
C GLY B 414 -0.77 -17.15 -20.34
N ARG B 415 -0.07 -18.00 -21.08
CA ARG B 415 1.34 -17.77 -21.38
C ARG B 415 1.55 -17.52 -22.87
N LEU B 416 2.03 -16.33 -23.20
CA LEU B 416 2.41 -15.98 -24.56
C LEU B 416 3.59 -16.85 -24.96
N ASP B 417 3.61 -17.32 -26.20
CA ASP B 417 4.61 -18.29 -26.63
C ASP B 417 5.90 -17.61 -27.03
N ARG B 418 6.96 -18.42 -27.07
CA ARG B 418 8.32 -17.92 -27.28
C ARG B 418 8.48 -17.23 -28.64
N ALA B 419 7.97 -17.84 -29.71
CA ALA B 419 8.07 -17.22 -31.04
C ALA B 419 7.54 -15.78 -31.04
N SER B 420 6.45 -15.55 -30.30
CA SER B 420 5.86 -14.22 -30.21
C SER B 420 6.71 -13.27 -29.36
N ILE B 421 7.32 -13.80 -28.30
CA ILE B 421 8.23 -13.01 -27.46
C ILE B 421 9.51 -12.60 -28.22
N ASP B 422 10.17 -13.56 -28.87
CA ASP B 422 11.31 -13.27 -29.75
C ASP B 422 10.93 -12.22 -30.80
N ARG B 423 9.83 -12.48 -31.51
CA ARG B 423 9.23 -11.52 -32.45
C ARG B 423 9.13 -10.09 -31.94
N GLN B 424 8.58 -9.89 -30.75
CA GLN B 424 8.41 -8.54 -30.20
C GLN B 424 9.74 -7.88 -29.78
N LEU B 425 10.83 -8.64 -29.81
CA LEU B 425 12.17 -8.10 -29.57
C LEU B 425 12.83 -7.74 -30.88
N LEU B 426 12.47 -8.47 -31.93
CA LEU B 426 13.06 -8.29 -33.25
C LEU B 426 12.46 -7.09 -33.99
N TRP B 427 11.32 -6.60 -33.50
CA TRP B 427 10.61 -5.51 -34.19
C TRP B 427 10.03 -4.48 -33.23
N THR B 428 10.14 -3.20 -33.59
CA THR B 428 9.47 -2.17 -32.83
C THR B 428 8.58 -1.33 -33.78
N LYS B 429 7.61 -0.63 -33.21
CA LYS B 429 6.75 0.25 -33.99
C LYS B 429 7.39 1.60 -34.10
N GLY B 430 7.01 2.35 -35.14
CA GLY B 430 7.55 3.68 -35.41
C GLY B 430 6.75 4.27 -36.54
N PRO B 431 7.18 5.42 -37.08
CA PRO B 431 6.44 6.00 -38.19
C PRO B 431 6.52 5.16 -39.47
N ASN B 432 5.57 5.37 -40.39
CA ASN B 432 5.51 4.58 -41.61
C ASN B 432 6.75 4.74 -42.48
N HIS B 433 7.28 3.61 -42.97
CA HIS B 433 8.41 3.59 -43.90
C HIS B 433 8.33 2.41 -44.89
N GLN B 434 9.00 2.53 -46.03
CA GLN B 434 8.91 1.53 -47.09
C GLN B 434 9.73 0.25 -46.84
N ASN B 435 10.89 0.40 -46.23
CA ASN B 435 11.78 -0.74 -45.98
C ASN B 435 11.82 -1.15 -44.50
N PRO B 436 11.15 -2.26 -44.15
CA PRO B 436 11.07 -2.64 -42.73
C PRO B 436 12.41 -2.98 -42.06
N PHE B 437 13.43 -3.32 -42.86
CA PHE B 437 14.73 -3.71 -42.30
C PHE B 437 15.59 -2.53 -41.81
N GLU B 438 15.29 -1.33 -42.29
CA GLU B 438 15.89 -0.11 -41.74
C GLU B 438 15.65 -0.09 -40.25
N THR B 439 16.64 0.38 -39.49
CA THR B 439 16.53 0.43 -38.03
C THR B 439 16.08 1.81 -37.58
N LEU B 440 15.43 1.87 -36.43
CA LEU B 440 14.91 3.11 -35.87
C LEU B 440 16.08 3.98 -35.43
N PRO B 441 16.33 5.09 -36.14
CA PRO B 441 17.57 5.87 -36.08
C PRO B 441 17.86 6.52 -34.73
N GLY B 442 16.84 6.65 -33.89
CA GLY B 442 17.06 7.19 -32.56
C GLY B 442 17.32 6.12 -31.54
N HIS B 443 16.72 6.29 -30.36
CA HIS B 443 16.81 5.33 -29.29
C HIS B 443 15.47 4.62 -29.19
N ALA B 444 15.41 3.36 -29.66
CA ALA B 444 14.19 2.54 -29.58
C ALA B 444 13.69 2.47 -28.12
N GLN B 445 12.87 3.45 -27.75
CA GLN B 445 12.50 3.73 -26.35
C GLN B 445 11.16 3.08 -26.00
N ARG B 446 11.23 1.86 -25.43
CA ARG B 446 10.04 1.11 -25.07
C ARG B 446 10.24 0.46 -23.68
N PRO B 447 10.17 1.27 -22.61
CA PRO B 447 10.43 0.75 -21.26
C PRO B 447 9.33 -0.21 -20.79
N SER B 448 8.08 0.21 -20.92
CA SER B 448 6.90 -0.59 -20.54
C SER B 448 6.85 -1.90 -21.32
N GLN B 449 6.93 -1.79 -22.65
CA GLN B 449 6.88 -2.97 -23.51
C GLN B 449 7.99 -3.97 -23.18
N LEU B 450 9.18 -3.44 -22.87
CA LEU B 450 10.30 -4.28 -22.46
C LEU B 450 10.07 -4.88 -21.06
N MET B 451 9.40 -4.10 -20.21
CA MET B 451 9.07 -4.54 -18.87
C MET B 451 8.13 -5.74 -18.97
N ALA B 452 7.03 -5.58 -19.71
CA ALA B 452 6.01 -6.64 -19.82
C ALA B 452 6.56 -7.92 -20.42
N LEU B 453 7.46 -7.78 -21.40
CA LEU B 453 8.08 -8.93 -22.07
C LEU B 453 8.87 -9.80 -21.11
N LEU B 454 9.59 -9.16 -20.19
CA LEU B 454 10.24 -9.84 -19.07
C LEU B 454 9.20 -10.68 -18.33
N GLY B 455 8.08 -10.04 -18.00
CA GLY B 455 6.95 -10.72 -17.40
C GLY B 455 6.61 -12.02 -18.11
N GLU B 456 6.37 -11.93 -19.42
CA GLU B 456 5.96 -13.09 -20.22
C GLU B 456 7.05 -14.14 -20.30
N ALA B 457 8.30 -13.68 -20.34
CA ALA B 457 9.45 -14.58 -20.46
C ALA B 457 9.67 -15.41 -19.19
N ALA B 458 9.46 -14.79 -18.04
CA ALA B 458 9.61 -15.49 -16.77
C ALA B 458 8.75 -16.76 -16.71
N MET B 459 7.52 -16.67 -17.18
CA MET B 459 6.57 -17.79 -17.13
C MET B 459 7.06 -19.03 -17.89
N HIS B 460 8.19 -18.89 -18.61
CA HIS B 460 8.83 -20.00 -19.32
C HIS B 460 10.03 -20.61 -18.57
N GLY B 461 10.32 -20.12 -17.36
CA GLY B 461 11.44 -20.60 -16.53
C GLY B 461 12.70 -19.73 -16.64
N GLU B 462 13.60 -19.85 -15.65
CA GLU B 462 14.84 -19.04 -15.62
C GLU B 462 15.75 -19.26 -16.84
N LYS B 463 15.85 -20.50 -17.29
CA LYS B 463 16.66 -20.86 -18.46
C LYS B 463 16.33 -19.97 -19.67
N TYR B 464 15.06 -19.89 -20.04
CA TYR B 464 14.61 -19.00 -21.13
C TYR B 464 14.64 -17.53 -20.74
N TYR B 465 14.16 -17.21 -19.53
CA TYR B 465 14.21 -15.84 -19.02
C TYR B 465 15.63 -15.28 -19.07
N ARG B 466 16.62 -16.17 -18.96
CA ARG B 466 18.02 -15.79 -19.12
C ARG B 466 18.32 -15.35 -20.55
N THR B 467 17.92 -16.16 -21.54
CA THR B 467 18.21 -15.87 -22.94
C THR B 467 17.48 -14.61 -23.46
N VAL B 468 16.56 -14.08 -22.66
CA VAL B 468 15.75 -12.90 -23.00
C VAL B 468 16.26 -11.62 -22.33
N ALA B 469 16.54 -11.69 -21.03
CA ALA B 469 16.96 -10.52 -20.25
C ALA B 469 18.29 -9.94 -20.74
N SER B 470 19.13 -10.82 -21.28
CA SER B 470 20.38 -10.45 -21.94
C SER B 470 20.08 -9.55 -23.13
N ARG B 471 19.19 -10.00 -24.01
CA ARG B 471 18.76 -9.24 -25.19
C ARG B 471 18.01 -7.95 -24.82
N VAL B 472 17.44 -7.91 -23.62
CA VAL B 472 16.77 -6.71 -23.13
C VAL B 472 17.80 -5.65 -22.75
N SER B 473 18.74 -6.02 -21.88
CA SER B 473 19.81 -5.11 -21.47
C SER B 473 20.73 -4.73 -22.63
N LYS B 474 20.78 -5.57 -23.67
CA LYS B 474 21.54 -5.25 -24.87
C LYS B 474 20.92 -4.05 -25.61
N GLU B 475 19.60 -3.89 -25.52
CA GLU B 475 18.91 -2.80 -26.21
C GLU B 475 18.35 -1.73 -25.26
N ALA B 476 18.31 -2.04 -23.96
CA ALA B 476 17.90 -1.06 -22.96
C ALA B 476 19.07 -0.16 -22.61
N ALA B 477 20.29 -0.65 -22.83
CA ALA B 477 21.51 0.12 -22.60
C ALA B 477 21.71 1.14 -23.72
N GLN B 478 21.22 0.80 -24.91
CA GLN B 478 21.38 1.64 -26.09
C GLN B 478 20.25 2.67 -26.27
N SER B 479 19.52 2.97 -25.18
CA SER B 479 18.43 3.95 -25.21
C SER B 479 18.37 4.84 -23.96
N GLY B 480 19.19 4.52 -22.95
CA GLY B 480 19.22 5.26 -21.69
C GLY B 480 18.55 4.52 -20.53
N VAL B 484 17.59 -1.92 -15.00
CA VAL B 484 16.74 -2.36 -13.91
C VAL B 484 16.12 -3.73 -14.25
N VAL B 485 17.00 -4.72 -14.44
CA VAL B 485 16.59 -6.09 -14.81
C VAL B 485 16.63 -7.04 -13.59
N PRO B 486 15.46 -7.29 -12.96
CA PRO B 486 15.38 -7.98 -11.65
C PRO B 486 15.68 -9.49 -11.69
N ARG B 487 15.69 -10.10 -10.50
CA ARG B 487 15.87 -11.55 -10.33
C ARG B 487 14.67 -12.30 -10.96
N HIS B 488 14.92 -13.52 -11.42
CA HIS B 488 13.89 -14.31 -12.13
C HIS B 488 12.60 -14.55 -11.34
N ARG B 489 12.70 -15.16 -10.15
CA ARG B 489 11.50 -15.50 -9.37
C ARG B 489 10.81 -14.27 -8.78
N SER B 490 11.59 -13.20 -8.57
CA SER B 490 11.04 -11.92 -8.12
C SER B 490 10.01 -11.34 -9.10
N VAL B 491 10.24 -11.54 -10.39
CA VAL B 491 9.33 -11.01 -11.40
C VAL B 491 8.28 -12.05 -11.81
N LEU B 492 8.61 -13.33 -11.61
CA LEU B 492 7.67 -14.45 -11.78
C LEU B 492 6.58 -14.38 -10.73
N ARG B 493 6.96 -14.03 -9.52
CA ARG B 493 6.03 -13.89 -8.42
C ARG B 493 5.14 -12.69 -8.68
N TRP B 494 5.74 -11.62 -9.19
CA TRP B 494 4.99 -10.40 -9.48
C TRP B 494 3.92 -10.66 -10.54
N VAL B 495 4.32 -11.22 -11.68
CA VAL B 495 3.41 -11.40 -12.82
C VAL B 495 2.24 -12.31 -12.50
N ARG B 496 2.49 -13.35 -11.71
CA ARG B 496 1.47 -14.33 -11.35
C ARG B 496 0.58 -13.82 -10.22
N PHE B 497 1.22 -13.25 -9.19
CA PHE B 497 0.52 -12.95 -7.95
C PHE B 497 0.34 -11.45 -7.69
N GLY B 498 1.40 -10.67 -7.85
CA GLY B 498 1.37 -9.23 -7.55
C GLY B 498 0.42 -8.42 -8.42
N PRO C 15 14.92 32.62 50.05
CA PRO C 15 16.19 32.03 49.60
C PRO C 15 17.21 31.81 50.74
N SER C 16 17.69 30.57 50.85
CA SER C 16 18.57 30.12 51.94
C SER C 16 19.27 28.82 51.54
N GLY C 17 20.58 28.77 51.78
CA GLY C 17 21.40 27.61 51.47
C GLY C 17 22.07 27.71 50.11
N THR C 18 23.03 26.82 49.88
CA THR C 18 23.89 26.91 48.72
C THR C 18 24.04 25.53 48.10
N TYR C 19 24.04 25.48 46.78
CA TYR C 19 24.32 24.25 46.08
C TYR C 19 25.16 24.56 44.85
N ALA C 20 26.29 23.86 44.72
CA ALA C 20 27.23 24.09 43.61
C ALA C 20 27.65 25.57 43.51
N GLY C 21 27.77 26.21 44.67
CA GLY C 21 28.14 27.62 44.76
C GLY C 21 27.01 28.60 44.51
N LEU C 22 25.81 28.07 44.24
CA LEU C 22 24.69 28.93 43.88
C LEU C 22 23.61 28.89 44.95
N PRO C 23 22.86 29.99 45.10
CA PRO C 23 21.75 30.03 46.10
C PRO C 23 20.62 29.05 45.81
N ILE C 24 20.08 28.45 46.87
CA ILE C 24 18.95 27.53 46.77
C ILE C 24 17.66 28.31 46.98
N ALA C 25 16.76 28.29 46.01
CA ALA C 25 15.51 29.04 46.11
C ALA C 25 14.36 28.15 46.56
N ASP C 26 14.44 26.86 46.24
CA ASP C 26 13.35 25.95 46.57
C ASP C 26 13.78 24.51 46.45
N TYR C 27 12.87 23.61 46.84
CA TYR C 27 13.05 22.18 46.61
C TYR C 27 12.89 21.87 45.13
N GLY C 28 13.59 20.84 44.69
CA GLY C 28 13.54 20.44 43.28
C GLY C 28 12.43 19.48 42.99
N ASP C 29 11.93 19.52 41.77
CA ASP C 29 10.92 18.58 41.30
C ASP C 29 11.38 17.77 40.08
N ALA C 30 12.60 18.04 39.63
CA ALA C 30 13.10 17.42 38.41
C ALA C 30 13.24 15.92 38.58
N PRO C 31 12.98 15.14 37.52
CA PRO C 31 13.26 13.73 37.68
C PRO C 31 14.77 13.50 37.61
N PRO C 32 15.23 12.29 37.99
CA PRO C 32 16.67 12.02 37.98
C PRO C 32 17.32 12.05 36.60
N LEU C 33 18.56 12.49 36.58
CA LEU C 33 19.32 12.55 35.35
C LEU C 33 19.36 11.17 34.76
N SER C 34 19.15 11.11 33.45
CA SER C 34 19.15 9.86 32.71
C SER C 34 20.53 9.22 32.78
N THR C 35 20.54 7.90 32.93
CA THR C 35 21.80 7.16 32.96
C THR C 35 21.92 6.41 31.64
N LYS C 36 21.05 6.74 30.69
CA LYS C 36 20.93 5.99 29.46
C LYS C 36 21.33 6.80 28.23
N THR C 37 21.86 6.12 27.22
CA THR C 37 22.20 6.76 25.94
C THR C 37 21.27 6.27 24.82
N MET C 38 21.12 7.11 23.80
CA MET C 38 20.30 6.81 22.61
C MET C 38 21.14 6.19 21.49
N PHE C 39 22.46 6.14 21.69
CA PHE C 39 23.37 5.64 20.67
C PHE C 39 23.66 4.17 20.82
N TRP C 40 23.68 3.49 19.67
CA TRP C 40 24.02 2.09 19.59
C TRP C 40 25.13 1.92 18.59
N ARG C 41 26.01 0.94 18.84
CA ARG C 41 27.00 0.56 17.84
C ARG C 41 26.28 -0.09 16.67
N THR C 42 26.90 -0.05 15.50
CA THR C 42 26.30 -0.61 14.29
C THR C 42 26.85 -2.01 14.01
N SER C 43 28.01 -2.31 14.59
CA SER C 43 28.67 -3.61 14.46
C SER C 43 29.34 -3.98 15.79
N PRO C 44 29.55 -5.29 16.05
CA PRO C 44 30.21 -5.64 17.31
C PRO C 44 31.73 -5.57 17.21
N GLU C 45 32.26 -5.40 16.00
CA GLU C 45 33.68 -5.14 15.82
C GLU C 45 34.15 -4.16 16.90
N LYS C 46 35.29 -4.45 17.54
CA LYS C 46 35.87 -3.51 18.49
C LYS C 46 36.19 -2.21 17.78
N LEU C 47 35.99 -1.11 18.48
CA LEU C 47 36.06 0.23 17.91
C LEU C 47 37.50 0.63 17.56
N PRO C 48 37.67 1.46 16.52
CA PRO C 48 39.01 1.97 16.20
C PRO C 48 39.59 2.78 17.36
N PRO C 49 40.88 2.61 17.65
CA PRO C 49 41.51 3.39 18.73
C PRO C 49 41.29 4.90 18.57
N GLY C 50 41.10 5.58 19.70
CA GLY C 50 40.78 7.01 19.71
C GLY C 50 39.40 7.41 19.19
N ALA C 51 38.46 6.44 19.09
CA ALA C 51 37.14 6.70 18.51
C ALA C 51 36.14 7.26 19.50
N TRP C 52 35.23 8.07 18.99
CA TRP C 52 34.22 8.72 19.79
C TRP C 52 33.19 7.73 20.29
N GLU C 53 32.59 8.06 21.43
CA GLU C 53 31.64 7.23 22.13
C GLU C 53 30.63 8.13 22.83
N PRO C 54 29.43 7.61 23.17
CA PRO C 54 28.47 8.43 23.94
C PRO C 54 29.07 8.92 25.24
N ALA C 55 28.70 10.12 25.63
CA ALA C 55 29.17 10.71 26.87
C ALA C 55 28.90 9.82 28.10
N TYR C 56 29.67 10.03 29.17
CA TYR C 56 29.59 9.30 30.44
C TYR C 56 28.15 9.17 30.93
N LEU C 57 27.79 8.00 31.46
CA LEU C 57 26.39 7.72 31.86
C LEU C 57 26.16 7.61 33.38
N GLY C 58 27.15 8.00 34.17
CA GLY C 58 27.05 7.94 35.62
C GLY C 58 27.61 6.68 36.24
N SER C 59 27.17 6.39 37.47
CA SER C 59 27.78 5.32 38.25
C SER C 59 27.55 3.94 37.63
N LYS C 60 26.43 3.79 36.93
CA LYS C 60 26.09 2.54 36.25
C LYS C 60 26.85 2.33 34.94
N ASP C 61 27.75 3.25 34.59
CA ASP C 61 28.46 3.17 33.32
C ASP C 61 29.60 2.16 33.37
N GLU C 62 29.37 0.98 32.79
CA GLU C 62 30.39 -0.08 32.72
C GLU C 62 31.76 0.39 32.21
N ARG C 63 31.79 1.28 31.22
CA ARG C 63 33.05 1.66 30.55
C ARG C 63 34.17 2.12 31.47
N VAL C 64 33.79 2.86 32.51
CA VAL C 64 34.73 3.52 33.39
C VAL C 64 33.99 3.81 34.69
N ASP C 65 34.75 3.99 35.75
CA ASP C 65 34.16 4.32 37.04
C ASP C 65 34.45 5.78 37.35
N GLY C 66 33.38 6.55 37.55
CA GLY C 66 33.51 7.99 37.74
C GLY C 66 32.54 8.54 38.75
N PRO C 67 32.41 9.86 38.78
CA PRO C 67 31.55 10.43 39.82
C PRO C 67 30.07 10.29 39.48
N SER C 68 29.20 10.75 40.37
CA SER C 68 27.78 10.79 40.09
C SER C 68 27.49 11.77 38.94
N LEU C 69 26.45 11.50 38.16
CA LEU C 69 25.97 12.49 37.19
C LEU C 69 25.77 13.86 37.84
N GLN C 70 25.31 13.88 39.09
CA GLN C 70 25.12 15.10 39.85
C GLN C 70 26.42 15.87 40.04
N GLN C 71 27.50 15.17 40.35
CA GLN C 71 28.82 15.80 40.43
C GLN C 71 29.24 16.34 39.07
N VAL C 72 29.02 15.59 38.01
CA VAL C 72 29.35 16.04 36.63
C VAL C 72 28.57 17.32 36.31
N MET C 73 27.32 17.38 36.75
CA MET C 73 26.52 18.57 36.61
C MET C 73 27.03 19.72 37.47
N ARG C 74 27.46 19.45 38.71
CA ARG C 74 27.99 20.51 39.59
C ARG C 74 29.19 21.21 38.95
N ASP C 75 30.04 20.43 38.27
CA ASP C 75 31.18 20.99 37.55
C ASP C 75 30.71 21.95 36.47
N GLN C 76 29.73 21.51 35.68
CA GLN C 76 29.08 22.33 34.66
C GLN C 76 28.59 23.70 35.14
N LEU C 77 28.17 23.78 36.40
CA LEU C 77 27.61 25.03 36.89
C LEU C 77 28.62 26.01 37.46
N LYS C 78 29.88 25.60 37.59
CA LYS C 78 30.88 26.46 38.19
C LYS C 78 31.02 27.79 37.48
N PRO C 79 31.10 27.77 36.13
CA PRO C 79 31.36 29.04 35.46
C PRO C 79 30.27 30.10 35.65
N TYR C 80 29.07 29.68 36.07
CA TYR C 80 27.98 30.61 36.34
C TYR C 80 28.17 31.45 37.63
N SER C 81 29.06 31.02 38.52
CA SER C 81 29.39 31.80 39.73
C SER C 81 30.70 32.62 39.56
N GLU C 82 31.40 32.42 38.45
CA GLU C 82 32.51 33.28 38.09
C GLU C 82 32.00 34.70 37.97
N PRO C 83 32.81 35.68 38.42
CA PRO C 83 32.40 37.04 38.14
C PRO C 83 32.36 37.27 36.63
N ARG C 84 31.53 38.22 36.20
CA ARG C 84 31.38 38.55 34.81
C ARG C 84 32.59 39.28 34.25
N GLY C 85 32.67 39.34 32.93
CA GLY C 85 33.59 40.21 32.25
C GLY C 85 33.04 41.61 32.29
N LEU C 86 33.74 42.53 31.63
CA LEU C 86 33.38 43.94 31.67
C LEU C 86 32.43 44.27 30.54
N LEU C 87 31.65 45.33 30.70
CA LEU C 87 30.84 45.80 29.59
C LEU C 87 31.75 46.54 28.64
N PRO C 88 31.46 46.44 27.32
CA PRO C 88 32.07 47.33 26.34
C PRO C 88 31.79 48.78 26.70
N PRO C 89 32.70 49.70 26.37
CA PRO C 89 32.41 51.11 26.57
C PRO C 89 30.96 51.44 26.19
N GLN C 90 30.27 52.25 27.01
CA GLN C 90 28.85 52.53 26.81
C GLN C 90 28.52 53.17 25.46
N GLU C 91 29.28 54.20 25.07
CA GLU C 91 29.08 54.85 23.77
C GLU C 91 29.11 53.84 22.64
N ILE C 92 30.00 52.85 22.74
CA ILE C 92 30.12 51.81 21.71
C ILE C 92 28.90 50.87 21.71
N LEU C 93 28.58 50.32 22.89
CA LEU C 93 27.37 49.51 23.12
C LEU C 93 26.12 50.16 22.52
N ASP C 94 25.88 51.42 22.88
CA ASP C 94 24.72 52.17 22.37
C ASP C 94 24.73 52.32 20.86
N ALA C 95 25.91 52.65 20.31
CA ALA C 95 26.08 52.84 18.87
C ALA C 95 25.91 51.53 18.10
N VAL C 96 26.41 50.44 18.70
CA VAL C 96 26.31 49.11 18.10
C VAL C 96 24.88 48.58 18.09
N CYS C 97 24.20 48.71 19.21
CA CYS C 97 22.80 48.31 19.32
C CYS C 97 21.92 48.96 18.29
N ASP C 98 22.11 50.27 18.11
CA ASP C 98 21.39 51.07 17.16
C ASP C 98 21.59 50.55 15.74
N ALA C 99 22.85 50.43 15.32
CA ALA C 99 23.20 49.88 14.00
C ALA C 99 22.51 48.56 13.79
N ILE C 100 22.60 47.68 14.79
CA ILE C 100 22.00 46.36 14.65
C ILE C 100 20.50 46.49 14.60
N GLU C 101 19.90 47.31 15.46
CA GLU C 101 18.46 47.48 15.41
C GLU C 101 18.06 48.08 14.05
N ASN C 102 18.84 49.07 13.62
CA ASN C 102 18.62 49.69 12.34
C ASN C 102 18.61 48.70 11.19
N ARG C 103 19.60 47.81 11.14
CA ARG C 103 19.68 46.87 10.03
C ARG C 103 18.45 45.97 9.97
N LEU C 104 17.93 45.58 11.12
CA LEU C 104 16.82 44.65 11.12
C LEU C 104 15.52 45.36 10.77
N GLU C 105 15.35 46.59 11.24
CA GLU C 105 14.27 47.45 10.77
C GLU C 105 14.22 47.53 9.23
N ASN C 106 15.38 47.76 8.61
CA ASN C 106 15.45 47.82 7.15
C ASN C 106 15.37 46.47 6.43
N THR C 107 15.37 45.37 7.18
CA THR C 107 15.38 44.07 6.54
C THR C 107 14.25 43.17 6.95
N LEU C 108 13.81 43.27 8.20
CA LEU C 108 12.75 42.38 8.65
C LEU C 108 11.39 42.87 8.14
N GLU C 109 10.65 41.95 7.53
CA GLU C 109 9.27 42.22 7.15
C GLU C 109 8.39 42.19 8.40
N PRO C 110 7.57 43.25 8.61
CA PRO C 110 6.63 43.25 9.74
C PRO C 110 5.72 42.02 9.72
N GLN C 111 5.42 41.49 10.91
CA GLN C 111 4.65 40.26 11.02
C GLN C 111 3.39 40.44 11.86
N LYS C 112 2.39 39.61 11.58
CA LYS C 112 1.19 39.60 12.40
C LYS C 112 1.53 38.96 13.74
N PRO C 113 0.82 39.34 14.81
CA PRO C 113 0.95 38.64 16.09
C PRO C 113 0.68 37.15 15.96
N TRP C 114 1.23 36.36 16.87
CA TRP C 114 1.08 34.93 16.84
C TRP C 114 -0.04 34.55 17.78
N THR C 115 -0.90 33.64 17.34
CA THR C 115 -2.05 33.21 18.11
C THR C 115 -1.56 32.16 19.08
N PHE C 116 -2.41 31.86 20.06
CA PHE C 116 -2.22 30.75 20.98
C PHE C 116 -2.10 29.42 20.23
N LYS C 117 -2.96 29.21 19.24
CA LYS C 117 -2.92 28.03 18.40
C LYS C 117 -1.56 27.89 17.71
N LYS C 118 -1.03 29.01 17.20
CA LYS C 118 0.18 29.00 16.39
C LYS C 118 1.37 28.66 17.26
N ALA C 119 1.36 29.23 18.46
CA ALA C 119 2.43 29.01 19.44
C ALA C 119 2.46 27.56 19.93
N CYS C 120 1.31 26.96 20.17
CA CYS C 120 1.25 25.54 20.54
C CYS C 120 1.76 24.66 19.41
N GLU C 121 1.32 24.94 18.18
CA GLU C 121 1.77 24.21 17.01
C GLU C 121 3.29 24.24 16.84
N SER C 122 3.92 25.35 17.21
CA SER C 122 5.33 25.54 16.95
C SER C 122 6.21 24.64 17.82
N LEU C 123 5.69 24.27 18.99
CA LEU C 123 6.46 23.52 19.98
C LEU C 123 6.89 22.15 19.50
N ASP C 124 8.11 21.76 19.87
CA ASP C 124 8.59 20.41 19.64
C ASP C 124 7.81 19.45 20.54
N LYS C 125 6.99 18.61 19.93
CA LYS C 125 6.14 17.69 20.68
C LYS C 125 6.87 16.40 21.08
N ASN C 126 8.15 16.31 20.74
CA ASN C 126 8.97 15.14 21.06
C ASN C 126 9.86 15.32 22.29
N THR C 127 9.79 16.47 22.92
CA THR C 127 10.63 16.78 24.08
C THR C 127 9.75 16.98 25.32
N SER C 128 10.35 16.99 26.49
CA SER C 128 9.61 17.12 27.75
C SER C 128 8.92 18.47 27.94
N SER C 129 7.77 18.44 28.61
CA SER C 129 7.05 19.63 29.02
C SER C 129 7.80 20.42 30.10
N GLY C 130 8.84 19.81 30.67
CA GLY C 130 9.51 20.40 31.82
C GLY C 130 8.57 20.58 33.00
N TYR C 131 8.93 21.50 33.88
CA TYR C 131 8.19 21.77 35.12
C TYR C 131 6.76 22.11 34.78
N PRO C 132 5.76 21.58 35.52
CA PRO C 132 5.88 20.63 36.63
C PRO C 132 5.60 19.19 36.25
N TYR C 133 5.18 18.93 35.02
CA TYR C 133 4.63 17.61 34.65
C TYR C 133 5.68 16.68 34.09
N HIS C 134 6.69 17.26 33.44
CA HIS C 134 7.87 16.52 33.00
C HIS C 134 7.56 15.37 32.08
N LYS C 135 6.60 15.58 31.18
CA LYS C 135 6.12 14.52 30.30
C LYS C 135 6.28 14.95 28.87
N GLN C 136 6.53 13.99 27.97
CA GLN C 136 6.60 14.31 26.53
C GLN C 136 5.38 15.14 26.16
N LYS C 137 5.61 16.16 25.35
CA LYS C 137 4.54 17.08 24.95
C LYS C 137 3.43 16.38 24.16
N SER C 138 3.83 15.43 23.29
CA SER C 138 2.90 14.75 22.41
C SER C 138 1.82 14.05 23.21
N LYS C 139 2.16 13.76 24.47
CA LYS C 139 1.30 12.94 25.34
C LYS C 139 -0.04 13.60 25.67
N ASP C 140 -0.06 14.92 25.67
CA ASP C 140 -1.30 15.67 25.88
C ASP C 140 -1.71 16.47 24.64
N TRP C 141 -1.25 16.01 23.49
CA TRP C 141 -1.42 16.72 22.24
C TRP C 141 -2.36 15.99 21.26
N THR C 142 -3.53 16.58 21.03
CA THR C 142 -4.61 15.97 20.26
C THR C 142 -4.32 15.96 18.78
N GLY C 143 -3.21 16.61 18.42
CA GLY C 143 -2.91 16.94 17.05
C GLY C 143 -3.17 18.41 16.80
N SER C 144 -4.04 19.03 17.59
CA SER C 144 -4.38 20.44 17.33
C SER C 144 -4.30 21.34 18.55
N ALA C 145 -4.46 20.76 19.74
CA ALA C 145 -4.45 21.52 20.97
C ALA C 145 -3.87 20.69 22.10
N PHE C 146 -3.49 21.35 23.19
CA PHE C 146 -3.14 20.68 24.43
C PHE C 146 -4.37 20.47 25.32
N ILE C 147 -4.57 19.23 25.74
CA ILE C 147 -5.61 18.87 26.69
C ILE C 147 -4.97 18.40 28.01
N GLY C 148 -5.79 17.83 28.89
CA GLY C 148 -5.31 17.33 30.18
C GLY C 148 -4.47 18.33 30.98
N ASP C 149 -3.35 17.83 31.48
CA ASP C 149 -2.44 18.57 32.35
C ASP C 149 -1.72 19.68 31.62
N LEU C 150 -1.13 19.34 30.47
CA LEU C 150 -0.48 20.30 29.59
C LEU C 150 -1.42 21.37 29.04
N GLY C 151 -2.67 21.01 28.79
CA GLY C 151 -3.71 21.96 28.42
C GLY C 151 -3.97 23.02 29.49
N ASP C 152 -3.97 22.62 30.77
CA ASP C 152 -4.15 23.56 31.87
C ASP C 152 -2.98 24.55 31.95
N GLN C 153 -1.76 24.02 31.83
CA GLN C 153 -0.55 24.84 31.91
C GLN C 153 -0.42 25.80 30.73
N ALA C 154 -0.61 25.29 29.53
CA ALA C 154 -0.63 26.12 28.31
C ALA C 154 -1.69 27.22 28.37
N THR C 155 -2.90 26.87 28.78
CA THR C 155 -4.01 27.82 28.81
C THR C 155 -3.81 28.92 29.84
N HIS C 156 -3.31 28.53 31.01
CA HIS C 156 -3.08 29.48 32.07
C HIS C 156 -1.98 30.46 31.64
N ALA C 157 -0.89 29.93 31.10
CA ALA C 157 0.23 30.77 30.60
C ALA C 157 -0.22 31.75 29.51
N ASN C 158 -1.12 31.30 28.65
CA ASN C 158 -1.66 32.14 27.60
C ASN C 158 -2.47 33.28 28.19
N ASN C 159 -3.23 32.97 29.24
CA ASN C 159 -3.96 34.00 29.97
C ASN C 159 -3.03 35.09 30.48
N MET C 160 -1.96 34.68 31.17
CA MET C 160 -0.99 35.61 31.75
C MET C 160 -0.31 36.47 30.68
N TYR C 161 -0.03 35.86 29.53
CA TYR C 161 0.54 36.55 28.40
C TYR C 161 -0.34 37.70 27.93
N GLU C 162 -1.62 37.39 27.76
CA GLU C 162 -2.58 38.36 27.22
C GLU C 162 -2.89 39.49 28.20
N MET C 163 -2.75 39.21 29.48
CA MET C 163 -2.95 40.21 30.53
C MET C 163 -1.64 40.87 30.95
N GLY C 164 -0.55 40.62 30.20
CA GLY C 164 0.76 41.20 30.50
C GLY C 164 1.20 40.96 31.94
N LYS C 165 1.00 39.73 32.42
CA LYS C 165 1.33 39.38 33.78
C LYS C 165 2.58 38.48 33.83
N SER C 166 3.42 38.74 34.82
CA SER C 166 4.71 38.10 34.92
C SER C 166 4.62 36.71 35.54
N MET C 167 5.34 35.75 34.97
CA MET C 167 5.47 34.39 35.53
C MET C 167 6.96 34.10 35.63
N ARG C 168 7.37 33.43 36.70
CA ARG C 168 8.77 33.02 36.83
C ARG C 168 9.03 31.77 35.97
N PRO C 169 9.95 31.86 35.00
CA PRO C 169 10.28 30.63 34.29
C PRO C 169 10.93 29.62 35.25
N ILE C 170 10.78 28.32 34.97
CA ILE C 170 11.49 27.31 35.73
C ILE C 170 12.12 26.30 34.80
N TYR C 171 13.45 26.19 34.89
CA TYR C 171 14.23 25.37 33.97
C TYR C 171 14.67 24.09 34.64
N THR C 172 14.70 22.99 33.88
CA THR C 172 15.10 21.68 34.39
C THR C 172 16.46 21.28 33.82
N ALA C 173 17.41 20.97 34.69
CA ALA C 173 18.74 20.60 34.22
C ALA C 173 18.79 19.18 33.66
N ALA C 174 19.43 19.01 32.52
CA ALA C 174 19.77 17.69 32.01
C ALA C 174 21.21 17.73 31.53
N LEU C 175 21.72 16.57 31.14
CA LEU C 175 23.06 16.45 30.55
C LEU C 175 22.97 15.82 29.14
N LYS C 176 23.54 16.51 28.17
CA LYS C 176 23.45 16.09 26.76
C LYS C 176 24.01 14.70 26.42
N ASP C 177 23.17 13.87 25.81
CA ASP C 177 23.58 12.56 25.33
C ASP C 177 24.07 12.65 23.90
N GLU C 178 25.39 12.63 23.73
CA GLU C 178 26.00 12.87 22.45
C GLU C 178 27.37 12.23 22.40
N LEU C 179 27.83 11.95 21.18
CA LEU C 179 29.12 11.34 20.96
C LEU C 179 30.17 12.38 21.28
N VAL C 180 31.18 11.95 22.03
CA VAL C 180 32.23 12.85 22.45
C VAL C 180 33.57 12.23 22.14
N LYS C 181 34.63 13.03 22.17
CA LYS C 181 35.98 12.49 22.07
C LYS C 181 36.25 11.61 23.31
N PRO C 182 37.00 10.51 23.12
CA PRO C 182 37.36 9.52 24.15
C PRO C 182 37.78 10.08 25.50
N ASP C 183 38.52 11.19 25.49
CA ASP C 183 39.08 11.72 26.71
C ASP C 183 38.06 12.27 27.69
N LYS C 184 36.92 12.72 27.17
CA LYS C 184 35.82 13.19 28.00
C LYS C 184 35.13 12.07 28.77
N ILE C 185 35.56 10.83 28.53
CA ILE C 185 35.01 9.67 29.24
C ILE C 185 36.08 9.01 30.13
N TYR C 186 37.25 8.75 29.55
CA TYR C 186 38.27 7.95 30.21
C TYR C 186 39.37 8.81 30.85
N GLY C 187 39.32 10.11 30.59
CA GLY C 187 40.18 11.08 31.25
C GLY C 187 39.31 11.90 32.19
N LYS C 188 39.40 13.22 32.07
CA LYS C 188 38.60 14.13 32.87
C LYS C 188 37.18 14.22 32.28
N ILE C 189 36.22 13.67 33.04
CA ILE C 189 34.84 13.52 32.59
C ILE C 189 34.10 14.85 32.53
N LYS C 190 33.48 15.11 31.38
CA LYS C 190 32.66 16.28 31.17
C LYS C 190 31.46 15.88 30.31
N LYS C 191 30.33 16.53 30.55
CA LYS C 191 29.11 16.31 29.80
C LYS C 191 28.32 17.63 29.80
N ARG C 192 27.85 18.07 28.63
CA ARG C 192 27.24 19.40 28.52
C ARG C 192 25.91 19.59 29.25
N LEU C 193 25.81 20.72 29.95
CA LEU C 193 24.60 21.06 30.68
C LEU C 193 23.51 21.61 29.77
N LEU C 194 22.30 21.06 29.89
CA LEU C 194 21.14 21.59 29.17
C LEU C 194 20.10 22.16 30.13
N TRP C 195 19.49 23.28 29.73
CA TRP C 195 18.41 23.91 30.48
C TRP C 195 17.16 23.56 29.70
N GLY C 196 16.18 22.94 30.33
CA GLY C 196 14.94 22.62 29.65
C GLY C 196 13.86 23.54 30.17
N SER C 197 13.14 24.17 29.26
CA SER C 197 12.15 25.16 29.66
C SER C 197 10.88 24.50 30.16
N ASP C 198 10.03 25.30 30.81
CA ASP C 198 8.71 24.85 31.22
C ASP C 198 7.74 25.23 30.10
N LEU C 199 6.74 24.37 29.87
CA LEU C 199 5.75 24.62 28.83
C LEU C 199 5.19 26.05 28.90
N GLY C 200 4.96 26.54 30.11
CA GLY C 200 4.39 27.86 30.29
C GLY C 200 5.20 28.92 29.55
N THR C 201 6.49 29.01 29.92
CA THR C 201 7.46 29.89 29.29
C THR C 201 7.50 29.67 27.77
N MET C 202 7.67 28.42 27.35
CA MET C 202 7.72 28.08 25.93
C MET C 202 6.54 28.70 25.20
N ILE C 203 5.34 28.53 25.75
CA ILE C 203 4.16 29.17 25.19
C ILE C 203 4.29 30.69 25.15
N ARG C 204 4.56 31.32 26.29
CA ARG C 204 4.73 32.77 26.37
C ARG C 204 5.82 33.31 25.41
N ALA C 205 6.91 32.59 25.26
CA ALA C 205 8.02 33.04 24.42
C ALA C 205 7.69 32.86 22.96
N ALA C 206 6.96 31.79 22.67
CA ALA C 206 6.55 31.54 21.33
C ALA C 206 5.60 32.63 20.84
N ARG C 207 4.60 33.03 21.63
CA ARG C 207 3.71 34.11 21.15
C ARG C 207 4.44 35.43 21.03
N ALA C 208 5.30 35.70 22.00
CA ALA C 208 6.04 36.95 22.03
C ALA C 208 6.97 37.02 20.86
N PHE C 209 7.76 35.96 20.67
CA PHE C 209 8.94 36.08 19.81
C PHE C 209 8.90 35.27 18.53
N GLY C 210 7.95 34.35 18.45
CA GLY C 210 7.68 33.63 17.19
C GLY C 210 7.65 34.49 15.91
N PRO C 211 6.92 35.63 15.91
CA PRO C 211 6.93 36.49 14.73
C PRO C 211 8.34 37.02 14.38
N PHE C 212 9.04 37.56 15.38
CA PHE C 212 10.43 38.00 15.20
C PHE C 212 11.32 36.93 14.61
N CYS C 213 11.27 35.71 15.14
CA CYS C 213 12.08 34.61 14.62
C CYS C 213 11.67 34.19 13.21
N ASP C 214 10.39 34.31 12.88
CA ASP C 214 9.94 34.11 11.51
C ASP C 214 10.57 35.14 10.58
N ALA C 215 10.49 36.40 10.98
CA ALA C 215 11.00 37.50 10.18
C ALA C 215 12.51 37.36 9.99
N LEU C 216 13.20 37.05 11.07
CA LEU C 216 14.66 36.89 11.08
C LEU C 216 15.10 35.77 10.15
N LYS C 217 14.45 34.62 10.28
CA LYS C 217 14.79 33.40 9.58
C LYS C 217 14.68 33.63 8.09
N GLU C 218 13.71 34.42 7.66
CA GLU C 218 13.51 34.73 6.24
C GLU C 218 14.67 35.53 5.63
N THR C 219 15.46 36.18 6.47
CA THR C 219 16.59 36.98 6.02
C THR C 219 17.93 36.32 6.36
N CYS C 220 17.89 35.00 6.64
CA CYS C 220 19.11 34.28 7.02
C CYS C 220 20.28 34.47 6.02
N ILE C 221 20.01 34.96 4.81
CA ILE C 221 21.09 35.26 3.86
C ILE C 221 21.62 36.69 4.01
N PHE C 222 20.73 37.66 3.96
CA PHE C 222 21.14 39.05 4.03
C PHE C 222 21.55 39.46 5.41
N ASN C 223 21.09 38.71 6.42
CA ASN C 223 21.45 39.00 7.81
C ASN C 223 22.37 37.96 8.43
N PRO C 224 23.23 38.37 9.37
CA PRO C 224 24.28 37.45 9.87
C PRO C 224 23.79 36.36 10.81
N ILE C 225 22.64 36.56 11.47
CA ILE C 225 22.02 35.45 12.19
C ILE C 225 21.51 34.44 11.17
N ARG C 226 22.02 33.23 11.29
CA ARG C 226 21.98 32.21 10.24
C ARG C 226 21.02 31.10 10.61
N VAL C 227 20.35 31.26 11.75
CA VAL C 227 19.38 30.28 12.23
C VAL C 227 18.30 30.04 11.16
N GLY C 228 18.14 28.78 10.76
CA GLY C 228 17.13 28.39 9.78
C GLY C 228 17.69 28.25 8.37
N MET C 229 19.02 28.18 8.27
CA MET C 229 19.66 28.04 6.97
C MET C 229 19.78 26.58 6.59
N SER C 230 19.76 26.29 5.30
CA SER C 230 20.12 24.97 4.81
C SER C 230 21.57 25.02 4.37
N MET C 231 22.34 24.02 4.75
CA MET C 231 23.77 24.00 4.34
C MET C 231 23.90 23.74 2.83
N ASN C 232 23.07 22.82 2.31
CA ASN C 232 23.12 22.47 0.88
C ASN C 232 22.71 23.63 0.00
N GLU C 233 21.54 24.20 0.27
CA GLU C 233 21.02 25.21 -0.63
C GLU C 233 21.44 26.65 -0.31
N ASP C 234 21.64 26.97 0.97
CA ASP C 234 22.00 28.34 1.36
C ASP C 234 23.49 28.56 1.57
N GLY C 235 24.19 27.50 1.95
CA GLY C 235 25.64 27.53 2.16
C GLY C 235 26.45 28.21 1.06
N PRO C 236 26.24 27.78 -0.20
CA PRO C 236 27.07 28.34 -1.27
C PRO C 236 26.91 29.86 -1.35
N PHE C 237 25.68 30.34 -1.25
CA PHE C 237 25.45 31.79 -1.27
C PHE C 237 26.06 32.45 -0.03
N ILE C 238 25.87 31.85 1.13
CA ILE C 238 26.39 32.46 2.35
C ILE C 238 27.92 32.53 2.32
N PHE C 239 28.55 31.47 1.82
CA PHE C 239 30.01 31.44 1.80
C PHE C 239 30.61 32.24 0.65
N ALA C 240 29.88 32.34 -0.47
CA ALA C 240 30.30 33.24 -1.54
C ALA C 240 30.28 34.69 -1.04
N ARG C 241 29.26 35.03 -0.26
CA ARG C 241 29.18 36.37 0.34
C ARG C 241 30.37 36.66 1.24
N HIS C 242 30.73 35.70 2.11
CA HIS C 242 31.89 35.82 2.98
C HIS C 242 33.18 36.04 2.19
N ALA C 243 33.28 35.35 1.05
CA ALA C 243 34.50 35.37 0.24
C ALA C 243 34.70 36.69 -0.51
N ASN C 244 33.69 37.56 -0.49
CA ASN C 244 33.83 38.91 -1.03
C ASN C 244 34.78 39.78 -0.17
N PHE C 245 35.19 39.28 0.99
CA PHE C 245 35.96 40.06 1.95
C PHE C 245 37.34 39.48 2.18
N ARG C 246 38.26 40.31 2.64
CA ARG C 246 39.67 39.99 2.58
C ARG C 246 40.16 39.02 3.68
N TYR C 247 39.80 39.31 4.93
CA TYR C 247 40.32 38.56 6.07
C TYR C 247 39.27 37.71 6.77
N HIS C 248 39.62 36.48 7.10
CA HIS C 248 38.66 35.56 7.73
C HIS C 248 39.11 34.95 9.04
N MET C 249 38.19 34.85 9.99
CA MET C 249 38.53 34.28 11.28
C MET C 249 37.41 33.56 12.03
N ASP C 250 37.80 32.77 13.01
CA ASP C 250 36.88 32.08 13.88
C ASP C 250 37.47 32.07 15.27
N ALA C 251 36.84 32.82 16.17
CA ALA C 251 37.31 32.97 17.55
C ALA C 251 37.19 31.69 18.41
N ASP C 252 36.34 30.75 17.97
CA ASP C 252 36.23 29.44 18.61
C ASP C 252 36.17 29.58 20.15
N TYR C 253 35.01 29.98 20.65
CA TYR C 253 34.81 30.28 22.05
C TYR C 253 34.63 29.02 22.87
N THR C 254 35.18 29.05 24.07
CA THR C 254 34.93 28.03 25.08
C THR C 254 33.87 28.59 25.99
N ARG C 255 32.97 27.73 26.45
CA ARG C 255 32.00 28.07 27.50
C ARG C 255 31.24 29.36 27.22
N TRP C 256 30.84 29.53 25.97
CA TRP C 256 30.12 30.72 25.54
C TRP C 256 28.95 31.05 26.45
N ASP C 257 28.03 30.09 26.57
CA ASP C 257 26.78 30.31 27.28
C ASP C 257 26.97 30.79 28.71
N SER C 258 27.88 30.14 29.43
CA SER C 258 28.11 30.45 30.84
C SER C 258 28.86 31.76 31.05
N THR C 259 29.54 32.24 30.02
CA THR C 259 30.28 33.50 30.18
C THR C 259 29.47 34.71 29.74
N GLN C 260 28.17 34.54 29.49
CA GLN C 260 27.38 35.67 29.02
C GLN C 260 27.05 36.60 30.15
N GLN C 261 26.93 37.87 29.84
CA GLN C 261 26.51 38.87 30.80
C GLN C 261 25.05 39.18 30.52
N ARG C 262 24.22 39.20 31.57
CA ARG C 262 22.79 39.48 31.43
C ARG C 262 22.53 40.88 30.89
N ALA C 263 23.43 41.81 31.20
CA ALA C 263 23.40 43.16 30.66
C ALA C 263 23.48 43.15 29.13
N ILE C 264 24.27 42.23 28.57
CA ILE C 264 24.40 42.10 27.13
C ILE C 264 23.12 41.48 26.56
N LEU C 265 22.73 40.34 27.14
CA LEU C 265 21.49 39.64 26.79
C LEU C 265 20.24 40.54 26.87
N LYS C 266 20.23 41.44 27.86
CA LYS C 266 19.21 42.49 28.01
C LYS C 266 19.12 43.43 26.79
N ARG C 267 20.27 43.78 26.21
CA ARG C 267 20.33 44.59 25.00
C ARG C 267 19.78 43.80 23.81
N ALA C 268 20.23 42.55 23.67
CA ALA C 268 19.66 41.69 22.65
C ALA C 268 18.14 41.62 22.80
N GLY C 269 17.69 41.39 24.03
CA GLY C 269 16.26 41.27 24.30
C GLY C 269 15.51 42.54 23.96
N ASP C 270 16.08 43.69 24.34
CA ASP C 270 15.51 45.00 24.02
C ASP C 270 15.18 45.11 22.53
N ILE C 271 16.11 44.68 21.68
CA ILE C 271 15.95 44.77 20.25
C ILE C 271 14.82 43.85 19.80
N MET C 272 14.79 42.63 20.35
CA MET C 272 13.78 41.65 19.98
C MET C 272 12.40 42.19 20.33
N VAL C 273 12.27 42.74 21.53
CA VAL C 273 11.02 43.32 22.00
C VAL C 273 10.54 44.42 21.06
N ARG C 274 11.42 45.41 20.84
CA ARG C 274 11.15 46.61 20.02
C ARG C 274 10.68 46.21 18.64
N LEU C 275 11.27 45.14 18.11
CA LEU C 275 10.92 44.62 16.80
C LEU C 275 9.88 43.47 16.84
N SER C 276 9.04 43.43 17.87
CA SER C 276 7.97 42.45 17.91
C SER C 276 6.59 43.07 17.70
N PRO C 277 5.68 42.36 17.01
CA PRO C 277 4.33 42.88 16.77
C PRO C 277 3.61 43.30 18.08
N GLU C 278 3.94 42.65 19.19
CA GLU C 278 3.34 43.02 20.49
C GLU C 278 4.35 43.40 21.58
N PRO C 279 4.99 44.58 21.44
CA PRO C 279 6.10 44.97 22.30
C PRO C 279 5.75 44.96 23.78
N ASP C 280 4.52 45.34 24.12
CA ASP C 280 4.15 45.44 25.54
C ASP C 280 4.02 44.07 26.19
N LEU C 281 3.38 43.15 25.48
CA LEU C 281 3.27 41.76 25.89
C LEU C 281 4.63 41.07 25.86
N ALA C 282 5.39 41.40 24.81
CA ALA C 282 6.72 40.88 24.63
C ALA C 282 7.67 41.34 25.73
N ARG C 283 7.55 42.58 26.18
CA ARG C 283 8.44 43.12 27.23
C ARG C 283 8.32 42.34 28.56
N VAL C 284 7.10 41.98 28.94
CA VAL C 284 6.89 41.17 30.15
C VAL C 284 7.61 39.82 30.06
N VAL C 285 7.43 39.12 28.94
CA VAL C 285 8.12 37.84 28.75
C VAL C 285 9.65 38.01 28.78
N MET C 286 10.20 38.99 28.05
CA MET C 286 11.64 39.12 28.05
C MET C 286 12.17 39.40 29.45
N ASP C 287 11.47 40.26 30.19
CA ASP C 287 11.87 40.58 31.55
C ASP C 287 11.92 39.31 32.42
N ASP C 288 10.95 38.42 32.25
CA ASP C 288 10.93 37.13 32.93
C ASP C 288 12.12 36.22 32.56
N LEU C 289 12.40 36.12 31.27
CA LEU C 289 13.55 35.38 30.76
C LEU C 289 14.90 35.82 31.34
N LEU C 290 15.11 37.12 31.50
CA LEU C 290 16.41 37.61 31.97
C LEU C 290 16.48 37.80 33.50
N ALA C 291 15.35 37.62 34.17
CA ALA C 291 15.35 37.71 35.62
C ALA C 291 16.27 36.61 36.14
N PRO C 292 16.90 36.82 37.31
CA PRO C 292 17.61 35.69 37.91
C PRO C 292 16.87 34.37 37.67
N SER C 293 17.55 33.41 37.07
CA SER C 293 16.92 32.20 36.55
C SER C 293 16.81 31.08 37.57
N LEU C 294 15.69 30.35 37.52
CA LEU C 294 15.46 29.19 38.38
C LEU C 294 15.77 27.86 37.68
N LEU C 295 16.78 27.15 38.18
CA LEU C 295 17.21 25.89 37.60
C LEU C 295 17.04 24.71 38.58
N ASP C 296 16.19 23.76 38.21
CA ASP C 296 15.88 22.56 38.98
C ASP C 296 16.91 21.46 38.69
N VAL C 297 17.90 21.35 39.55
CA VAL C 297 18.94 20.33 39.39
C VAL C 297 18.55 18.98 40.02
N GLY C 298 17.26 18.78 40.30
CA GLY C 298 16.82 17.56 40.98
C GLY C 298 16.40 17.78 42.43
N ASP C 299 17.37 17.82 43.34
CA ASP C 299 17.08 18.01 44.75
C ASP C 299 16.63 19.43 45.04
N TYR C 300 17.09 20.39 44.23
CA TYR C 300 16.87 21.82 44.48
C TYR C 300 16.57 22.62 43.21
N LYS C 301 15.93 23.77 43.39
CA LYS C 301 15.87 24.79 42.37
C LYS C 301 16.86 25.83 42.81
N ILE C 302 17.83 26.15 41.96
CA ILE C 302 18.89 27.11 42.31
C ILE C 302 18.73 28.39 41.52
N VAL C 303 19.32 29.49 42.01
CA VAL C 303 19.19 30.78 41.33
C VAL C 303 20.43 31.03 40.49
N VAL C 304 20.26 31.23 39.19
CA VAL C 304 21.37 31.56 38.33
C VAL C 304 21.20 32.98 37.78
N GLU C 305 21.82 33.94 38.46
CA GLU C 305 21.81 35.37 38.15
C GLU C 305 22.41 35.74 36.79
N GLU C 306 23.48 35.06 36.41
CA GLU C 306 24.25 35.44 35.25
C GLU C 306 24.40 34.32 34.22
N GLY C 307 24.98 34.64 33.07
CA GLY C 307 25.05 33.70 31.97
C GLY C 307 23.74 33.54 31.21
N LEU C 308 23.76 32.67 30.20
CA LEU C 308 22.63 32.43 29.34
C LEU C 308 21.88 31.14 29.72
N PRO C 309 20.56 31.26 29.96
CA PRO C 309 19.65 30.12 30.02
C PRO C 309 19.35 29.48 28.65
N SER C 310 19.95 28.31 28.40
CA SER C 310 19.71 27.50 27.17
C SER C 310 18.24 27.11 26.79
N GLY C 311 17.25 27.57 27.56
CA GLY C 311 15.88 27.03 27.40
C GLY C 311 14.91 27.82 26.54
N CYS C 312 14.73 27.36 25.29
CA CYS C 312 13.74 27.92 24.32
C CYS C 312 13.86 27.22 22.97
N THR C 315 15.69 31.31 22.10
CA THR C 315 16.89 31.88 22.69
C THR C 315 18.15 31.73 21.82
N THR C 316 18.13 30.79 20.86
CA THR C 316 19.23 30.67 19.91
C THR C 316 19.39 31.98 19.15
N GLN C 317 18.28 32.67 18.93
CA GLN C 317 18.30 33.96 18.26
C GLN C 317 18.74 35.07 19.22
N LEU C 318 18.31 35.01 20.48
CA LEU C 318 18.73 35.97 21.49
C LEU C 318 20.23 35.85 21.67
N ASN C 319 20.70 34.60 21.70
CA ASN C 319 22.09 34.32 21.85
C ASN C 319 22.95 34.78 20.65
N SER C 320 22.47 34.50 19.44
CA SER C 320 23.13 34.92 18.20
C SER C 320 23.20 36.43 18.19
N LEU C 321 22.15 37.06 18.66
CA LEU C 321 22.05 38.50 18.69
C LEU C 321 23.02 39.14 19.70
N ALA C 322 23.24 38.47 20.82
CA ALA C 322 24.25 38.89 21.80
C ALA C 322 25.61 38.73 21.16
N HIS C 323 25.80 37.59 20.50
CA HIS C 323 27.04 37.30 19.81
C HIS C 323 27.32 38.44 18.83
N TRP C 324 26.27 38.87 18.12
CA TRP C 324 26.38 39.96 17.14
C TRP C 324 26.86 41.27 17.82
N ILE C 325 26.22 41.63 18.94
CA ILE C 325 26.62 42.79 19.74
C ILE C 325 28.08 42.72 20.22
N LEU C 326 28.47 41.60 20.80
CA LEU C 326 29.84 41.45 21.30
C LEU C 326 30.87 41.59 20.20
N THR C 327 30.75 40.79 19.14
CA THR C 327 31.71 40.85 18.06
C THR C 327 31.86 42.27 17.49
N LEU C 328 30.72 42.89 17.16
CA LEU C 328 30.70 44.24 16.66
C LEU C 328 31.32 45.26 17.65
N CYS C 329 30.98 45.16 18.94
CA CYS C 329 31.64 45.99 19.95
C CYS C 329 33.15 45.86 19.90
N ALA C 330 33.64 44.63 19.89
CA ALA C 330 35.06 44.34 19.78
C ALA C 330 35.69 44.93 18.51
N MET C 331 35.01 44.79 17.37
CA MET C 331 35.58 45.34 16.14
C MET C 331 35.63 46.87 16.18
N VAL C 332 34.57 47.50 16.68
CA VAL C 332 34.53 48.96 16.79
C VAL C 332 35.58 49.49 17.78
N GLU C 333 35.74 48.79 18.90
CA GLU C 333 36.73 49.19 19.91
C GLU C 333 38.10 49.36 19.32
N VAL C 334 38.49 48.39 18.51
CA VAL C 334 39.86 48.21 18.07
C VAL C 334 40.11 49.04 16.81
N THR C 335 39.20 48.94 15.84
CA THR C 335 39.37 49.64 14.58
C THR C 335 38.96 51.10 14.66
N ARG C 336 38.08 51.43 15.61
CA ARG C 336 37.52 52.77 15.76
C ARG C 336 36.56 53.13 14.60
N VAL C 337 36.21 52.13 13.80
CA VAL C 337 35.25 52.32 12.69
C VAL C 337 33.80 52.28 13.21
N ASP C 338 32.96 53.13 12.64
CA ASP C 338 31.51 53.10 12.92
C ASP C 338 30.86 51.71 12.71
N PRO C 339 30.00 51.29 13.66
CA PRO C 339 29.33 49.98 13.57
C PRO C 339 28.59 49.74 12.24
N ASP C 340 27.92 50.77 11.73
CA ASP C 340 27.34 50.71 10.38
C ASP C 340 28.40 50.48 9.31
N ILE C 341 29.56 51.11 9.45
CA ILE C 341 30.60 50.99 8.45
C ILE C 341 31.28 49.63 8.53
N VAL C 342 31.50 49.14 9.74
CA VAL C 342 32.17 47.84 9.89
C VAL C 342 31.31 46.85 9.12
N MET C 343 30.00 46.97 9.32
CA MET C 343 29.02 46.17 8.61
C MET C 343 28.98 46.38 7.10
N GLN C 344 29.41 47.54 6.64
CA GLN C 344 29.58 47.73 5.21
C GLN C 344 30.75 46.92 4.71
N GLU C 345 31.71 46.69 5.61
CA GLU C 345 33.03 46.19 5.24
C GLU C 345 33.26 44.76 5.69
N SER C 346 32.18 44.12 6.12
CA SER C 346 32.24 42.81 6.76
C SER C 346 31.05 41.92 6.39
N GLU C 347 31.26 40.61 6.58
CA GLU C 347 30.20 39.63 6.53
C GLU C 347 30.34 38.78 7.80
N PHE C 348 29.24 38.59 8.49
CA PHE C 348 29.24 37.83 9.73
C PHE C 348 28.34 36.62 9.55
N SER C 349 28.69 35.54 10.22
CA SER C 349 27.75 34.45 10.42
C SER C 349 27.73 34.06 11.88
N PHE C 350 26.55 34.11 12.49
CA PHE C 350 26.41 33.65 13.86
C PHE C 350 25.33 32.59 13.97
N TYR C 351 25.58 31.61 14.82
CA TYR C 351 24.57 30.62 15.21
C TYR C 351 24.89 30.33 16.67
N GLY C 352 24.25 31.07 17.57
CA GLY C 352 24.60 31.04 18.99
C GLY C 352 26.07 31.37 19.15
N ASP C 353 26.85 30.42 19.65
CA ASP C 353 28.26 30.65 19.83
C ASP C 353 29.13 30.45 18.55
N ASP C 354 28.55 29.82 17.53
CA ASP C 354 29.28 29.48 16.31
C ASP C 354 29.39 30.72 15.40
N GLU C 355 30.56 30.90 14.79
CA GLU C 355 30.83 32.11 14.03
C GLU C 355 31.78 31.95 12.85
N VAL C 356 31.60 32.83 11.86
CA VAL C 356 32.65 33.21 10.94
C VAL C 356 32.59 34.72 10.79
N VAL C 357 33.75 35.37 10.85
CA VAL C 357 33.82 36.81 10.67
C VAL C 357 34.78 37.16 9.55
N SER C 358 34.23 37.75 8.51
CA SER C 358 34.96 38.20 7.34
C SER C 358 34.92 39.73 7.30
N THR C 359 36.07 40.34 6.99
CA THR C 359 36.15 41.79 6.93
C THR C 359 37.27 42.22 6.05
N ASN C 360 37.10 43.39 5.46
CA ASN C 360 38.18 44.07 4.74
C ASN C 360 39.04 44.91 5.67
N LEU C 361 38.54 45.17 6.87
CA LEU C 361 39.23 46.08 7.78
C LEU C 361 40.52 45.47 8.30
N GLU C 362 41.49 46.31 8.59
CA GLU C 362 42.72 45.87 9.24
C GLU C 362 42.52 45.79 10.74
N LEU C 363 42.09 44.62 11.24
CA LEU C 363 41.92 44.39 12.70
C LEU C 363 43.24 44.04 13.35
N ASP C 364 43.56 44.72 14.45
CA ASP C 364 44.69 44.35 15.27
C ASP C 364 44.20 43.17 16.11
N MET C 365 44.75 41.99 15.85
CA MET C 365 44.25 40.74 16.44
C MET C 365 44.58 40.59 17.92
N VAL C 366 45.71 41.18 18.35
CA VAL C 366 46.06 41.25 19.76
C VAL C 366 45.02 42.09 20.48
N LYS C 367 44.73 43.28 19.96
CA LYS C 367 43.72 44.13 20.59
C LYS C 367 42.31 43.51 20.55
N TYR C 368 42.01 42.83 19.45
CA TYR C 368 40.72 42.17 19.28
C TYR C 368 40.52 41.05 20.30
N THR C 369 41.53 40.21 20.46
CA THR C 369 41.49 39.13 21.45
C THR C 369 41.37 39.69 22.87
N MET C 370 42.25 40.63 23.21
CA MET C 370 42.14 41.31 24.49
C MET C 370 40.76 41.92 24.78
N ALA C 371 40.09 42.48 23.78
CA ALA C 371 38.80 43.14 24.02
C ALA C 371 37.75 42.08 24.29
N LEU C 372 37.86 40.99 23.54
CA LEU C 372 37.03 39.81 23.75
C LEU C 372 37.17 39.25 25.17
N ARG C 373 38.41 39.03 25.58
CA ARG C 373 38.68 38.48 26.92
C ARG C 373 38.27 39.47 28.01
N ARG C 374 38.41 40.75 27.71
CA ARG C 374 37.99 41.79 28.66
C ARG C 374 36.49 41.68 28.94
N TYR C 375 35.73 41.36 27.90
CA TYR C 375 34.28 41.15 28.02
C TYR C 375 33.97 39.85 28.74
N GLY C 376 35.00 39.09 29.08
CA GLY C 376 34.82 37.84 29.79
C GLY C 376 34.57 36.66 28.88
N LEU C 377 34.87 36.81 27.59
CA LEU C 377 34.70 35.71 26.66
C LEU C 377 36.00 34.92 26.62
N LEU C 378 35.93 33.69 26.11
CA LEU C 378 37.08 32.81 26.10
C LEU C 378 37.36 32.34 24.66
N PRO C 379 37.88 33.24 23.84
CA PRO C 379 38.25 32.85 22.49
C PRO C 379 39.47 31.95 22.56
N THR C 380 39.60 31.03 21.59
CA THR C 380 40.72 30.08 21.57
C THR C 380 41.26 29.89 20.14
N ARG C 381 42.59 29.81 20.06
CA ARG C 381 43.30 29.65 18.80
C ARG C 381 43.13 28.23 18.34
N ALA C 382 43.11 28.01 17.03
CA ALA C 382 43.05 26.64 16.47
C ALA C 382 44.11 25.66 17.05
N ASP C 383 45.31 26.17 17.32
CA ASP C 383 46.36 25.34 17.92
C ASP C 383 46.25 25.23 19.45
N LYS C 384 45.29 25.95 20.03
CA LYS C 384 45.01 25.93 21.48
C LYS C 384 46.10 26.59 22.33
N GLU C 385 47.11 27.14 21.65
CA GLU C 385 48.13 27.98 22.27
C GLU C 385 47.51 29.20 22.91
N GLU C 386 48.22 29.78 23.85
CA GLU C 386 47.86 31.09 24.38
C GLU C 386 48.41 32.17 23.45
N GLY C 387 47.77 33.34 23.46
CA GLY C 387 48.16 34.45 22.60
C GLY C 387 47.01 34.81 21.68
N PRO C 388 47.26 35.71 20.69
CA PRO C 388 46.22 36.31 19.86
C PRO C 388 45.58 35.35 18.85
N LEU C 389 44.30 35.59 18.53
CA LEU C 389 43.58 34.86 17.49
C LEU C 389 44.17 35.16 16.11
N GLU C 390 44.12 34.20 15.20
CA GLU C 390 44.71 34.43 13.88
C GLU C 390 43.67 34.81 12.85
N ARG C 391 44.07 35.62 11.88
CA ARG C 391 43.25 35.87 10.69
C ARG C 391 43.98 35.30 9.48
N ARG C 392 43.21 34.90 8.48
CA ARG C 392 43.75 34.36 7.25
C ARG C 392 43.10 35.02 6.06
N GLN C 393 43.75 34.93 4.89
CA GLN C 393 43.26 35.57 3.66
C GLN C 393 42.43 34.64 2.77
N THR C 394 42.21 33.44 3.26
CA THR C 394 41.44 32.44 2.55
C THR C 394 40.29 31.95 3.44
N LEU C 395 39.13 31.73 2.85
CA LEU C 395 38.00 31.23 3.64
C LEU C 395 38.09 29.73 3.96
N GLN C 396 38.72 28.96 3.07
CA GLN C 396 38.83 27.51 3.26
C GLN C 396 39.54 27.17 4.55
N GLY C 397 39.05 26.14 5.23
CA GLY C 397 39.64 25.63 6.45
C GLY C 397 38.85 26.07 7.66
N ILE C 398 38.03 27.10 7.46
CA ILE C 398 37.18 27.59 8.53
C ILE C 398 35.92 26.73 8.52
N SER C 399 35.25 26.60 9.66
CA SER C 399 34.04 25.79 9.72
C SER C 399 32.83 26.62 10.08
N PHE C 400 31.65 26.04 9.90
CA PHE C 400 30.40 26.62 10.37
C PHE C 400 29.29 25.57 10.37
N LEU C 401 28.53 25.47 11.46
CA LEU C 401 27.59 24.37 11.65
C LEU C 401 28.20 22.97 11.39
N ARG C 402 29.43 22.75 11.89
CA ARG C 402 30.08 21.42 11.89
C ARG C 402 30.60 20.91 10.53
N ARG C 403 30.56 21.77 9.52
CA ARG C 403 31.13 21.42 8.21
C ARG C 403 32.31 22.32 7.92
N ALA C 404 33.29 21.82 7.18
CA ALA C 404 34.39 22.68 6.72
C ALA C 404 33.92 23.46 5.48
N ILE C 405 34.22 24.76 5.43
CA ILE C 405 33.94 25.55 4.23
C ILE C 405 34.99 25.27 3.17
N VAL C 406 34.53 24.81 2.02
CA VAL C 406 35.39 24.36 0.94
C VAL C 406 34.99 25.06 -0.35
N GLY C 407 35.97 25.55 -1.08
CA GLY C 407 35.74 26.22 -2.38
C GLY C 407 36.40 25.51 -3.54
N ASP C 408 35.69 25.42 -4.66
CA ASP C 408 36.23 24.87 -5.91
C ASP C 408 35.72 25.62 -7.14
N GLN C 409 35.97 25.05 -8.33
CA GLN C 409 35.50 25.56 -9.64
C GLN C 409 34.06 26.10 -9.61
N PHE C 410 33.17 25.37 -8.94
CA PHE C 410 31.75 25.63 -9.05
C PHE C 410 31.25 26.60 -8.01
N GLY C 411 31.99 26.71 -6.90
CA GLY C 411 31.64 27.63 -5.83
C GLY C 411 32.03 27.07 -4.49
N TRP C 412 31.42 27.62 -3.44
CA TRP C 412 31.70 27.21 -2.09
C TRP C 412 30.61 26.28 -1.61
N TYR C 413 30.91 25.54 -0.57
CA TYR C 413 29.93 24.67 0.07
C TYR C 413 30.53 24.21 1.39
N GLY C 414 29.68 23.75 2.30
CA GLY C 414 30.14 23.11 3.52
C GLY C 414 30.19 21.61 3.35
N ARG C 415 31.35 21.04 3.65
CA ARG C 415 31.56 19.61 3.58
C ARG C 415 31.66 19.08 5.00
N LEU C 416 30.95 18.00 5.27
CA LEU C 416 31.10 17.32 6.55
C LEU C 416 32.40 16.53 6.52
N ASP C 417 33.19 16.65 7.58
CA ASP C 417 34.52 16.07 7.60
C ASP C 417 34.51 14.55 7.73
N ARG C 418 35.61 13.93 7.30
CA ARG C 418 35.77 12.48 7.24
C ARG C 418 35.55 11.78 8.58
N ALA C 419 36.01 12.38 9.67
CA ALA C 419 35.88 11.77 11.00
C ALA C 419 34.43 11.68 11.45
N SER C 420 33.59 12.62 11.02
CA SER C 420 32.18 12.60 11.36
C SER C 420 31.41 11.64 10.47
N ILE C 421 31.77 11.57 9.19
CA ILE C 421 31.18 10.58 8.28
C ILE C 421 31.45 9.17 8.82
N ASP C 422 32.65 8.94 9.34
CA ASP C 422 33.00 7.68 10.00
C ASP C 422 32.15 7.42 11.24
N ARG C 423 32.06 8.41 12.13
CA ARG C 423 31.29 8.29 13.37
C ARG C 423 29.87 7.84 13.12
N GLN C 424 29.16 8.54 12.23
CA GLN C 424 27.76 8.21 11.91
C GLN C 424 27.61 6.82 11.30
N LEU C 425 28.75 6.21 11.00
CA LEU C 425 28.79 4.85 10.48
C LEU C 425 28.95 3.84 11.59
N LEU C 426 29.66 4.25 12.63
CA LEU C 426 29.87 3.41 13.81
C LEU C 426 28.71 3.46 14.81
N TRP C 427 27.87 4.49 14.71
CA TRP C 427 26.81 4.71 15.69
C TRP C 427 25.48 5.04 15.04
N THR C 428 24.42 4.34 15.43
CA THR C 428 23.08 4.74 15.01
C THR C 428 22.20 5.04 16.23
N LYS C 429 21.13 5.80 16.04
CA LYS C 429 20.20 6.07 17.12
C LYS C 429 19.09 5.01 17.25
N GLY C 430 18.69 4.75 18.49
CA GLY C 430 17.60 3.83 18.82
C GLY C 430 17.09 4.22 20.19
N PRO C 431 16.22 3.40 20.81
CA PRO C 431 15.72 3.76 22.14
C PRO C 431 16.84 3.85 23.16
N ASN C 432 16.57 4.50 24.29
CA ASN C 432 17.58 4.62 25.32
C ASN C 432 17.96 3.27 25.90
N HIS C 433 19.27 3.02 25.99
CA HIS C 433 19.82 1.87 26.73
C HIS C 433 21.08 2.23 27.51
N GLN C 434 21.57 1.29 28.31
CA GLN C 434 22.62 1.53 29.27
C GLN C 434 24.01 1.21 28.73
N ASN C 435 24.12 0.20 27.87
CA ASN C 435 25.41 -0.17 27.30
C ASN C 435 25.46 0.19 25.83
N PRO C 436 26.26 1.23 25.51
CA PRO C 436 26.38 1.78 24.16
C PRO C 436 26.94 0.78 23.14
N PHE C 437 27.81 -0.09 23.59
CA PHE C 437 28.46 -1.06 22.72
C PHE C 437 27.54 -2.16 22.19
N GLU C 438 26.37 -2.33 22.83
CA GLU C 438 25.28 -3.19 22.35
C GLU C 438 24.86 -2.81 20.96
N THR C 439 24.70 -3.79 20.08
CA THR C 439 24.18 -3.52 18.75
C THR C 439 22.67 -3.68 18.75
N LEU C 440 22.00 -2.86 17.93
CA LEU C 440 20.54 -2.90 17.77
C LEU C 440 20.17 -4.15 16.97
N PRO C 441 19.36 -5.06 17.58
CA PRO C 441 19.20 -6.46 17.18
C PRO C 441 18.52 -6.68 15.83
N GLY C 442 17.90 -5.61 15.30
CA GLY C 442 17.34 -5.62 13.94
C GLY C 442 18.41 -5.41 12.86
N GLN C 445 18.79 -0.66 9.98
CA GLN C 445 18.17 -0.31 8.70
C GLN C 445 17.66 1.13 8.74
N ARG C 446 18.38 2.01 8.04
CA ARG C 446 18.19 3.46 8.14
C ARG C 446 18.53 4.14 6.78
N PRO C 447 17.49 4.41 5.94
CA PRO C 447 17.76 4.86 4.58
C PRO C 447 18.02 6.37 4.42
N SER C 448 17.17 7.21 5.03
CA SER C 448 17.28 8.67 4.93
C SER C 448 18.64 9.20 5.38
N GLN C 449 19.21 8.57 6.40
CA GLN C 449 20.51 8.97 6.91
C GLN C 449 21.65 8.47 6.01
N LEU C 450 21.58 7.22 5.56
CA LEU C 450 22.64 6.62 4.75
C LEU C 450 22.88 7.30 3.37
N MET C 451 21.81 7.65 2.68
CA MET C 451 21.89 8.35 1.40
C MET C 451 22.55 9.73 1.58
N ALA C 452 22.16 10.42 2.66
CA ALA C 452 22.76 11.71 3.04
C ALA C 452 24.24 11.59 3.37
N LEU C 453 24.64 10.41 3.83
CA LEU C 453 26.03 10.16 4.19
C LEU C 453 26.81 9.80 2.93
N LEU C 454 26.09 9.20 2.01
CA LEU C 454 26.63 8.82 0.73
C LEU C 454 26.89 10.14 -0.01
N GLY C 455 26.01 11.11 0.20
CA GLY C 455 26.21 12.47 -0.30
C GLY C 455 27.49 13.07 0.22
N GLU C 456 27.64 13.10 1.54
CA GLU C 456 28.79 13.73 2.21
C GLU C 456 30.15 13.14 1.77
N ALA C 457 30.19 11.83 1.56
CA ALA C 457 31.43 11.16 1.17
C ALA C 457 31.79 11.53 -0.26
N ALA C 458 30.80 11.59 -1.14
CA ALA C 458 30.99 11.96 -2.52
C ALA C 458 31.79 13.25 -2.68
N MET C 459 31.58 14.21 -1.79
CA MET C 459 32.28 15.50 -1.87
C MET C 459 33.76 15.39 -1.44
N HIS C 460 34.20 14.17 -1.15
CA HIS C 460 35.60 13.91 -0.77
C HIS C 460 36.42 13.26 -1.90
N GLY C 461 35.78 13.00 -3.03
CA GLY C 461 36.42 12.33 -4.18
C GLY C 461 35.97 10.88 -4.33
N GLU C 462 36.32 10.27 -5.47
CA GLU C 462 35.91 8.90 -5.81
C GLU C 462 36.39 7.84 -4.80
N LYS C 463 37.71 7.72 -4.64
CA LYS C 463 38.26 6.64 -3.82
C LYS C 463 37.85 6.68 -2.34
N TYR C 464 37.55 7.85 -1.80
CA TYR C 464 36.96 7.90 -0.45
C TYR C 464 35.53 7.43 -0.46
N TYR C 465 34.73 7.96 -1.39
CA TYR C 465 33.33 7.55 -1.55
C TYR C 465 33.19 6.04 -1.81
N ARG C 466 34.15 5.47 -2.53
CA ARG C 466 34.19 4.03 -2.75
C ARG C 466 34.20 3.28 -1.42
N THR C 467 35.17 3.58 -0.56
CA THR C 467 35.30 2.92 0.75
C THR C 467 34.10 3.18 1.67
N VAL C 468 33.51 4.37 1.57
CA VAL C 468 32.27 4.65 2.30
C VAL C 468 31.12 3.79 1.77
N ALA C 469 30.85 3.86 0.47
CA ALA C 469 29.77 3.08 -0.15
C ALA C 469 29.95 1.58 0.06
N SER C 470 31.21 1.18 0.21
CA SER C 470 31.59 -0.18 0.55
C SER C 470 31.00 -0.56 1.91
N ARG C 471 31.23 0.29 2.90
CA ARG C 471 30.68 0.11 4.25
C ARG C 471 29.17 0.33 4.30
N VAL C 472 28.65 1.18 3.42
CA VAL C 472 27.21 1.49 3.35
C VAL C 472 26.42 0.34 2.73
N SER C 473 27.08 -0.43 1.85
CA SER C 473 26.47 -1.59 1.21
C SER C 473 25.98 -2.63 2.23
N LYS C 474 26.88 -3.12 3.08
CA LYS C 474 26.57 -4.25 3.98
C LYS C 474 25.18 -4.13 4.64
N GLU C 475 24.82 -2.93 5.06
CA GLU C 475 23.48 -2.67 5.60
C GLU C 475 22.41 -2.74 4.51
N VAL C 485 22.18 2.38 -4.40
CA VAL C 485 23.59 2.78 -4.36
C VAL C 485 24.07 3.39 -5.70
N PRO C 486 23.86 4.72 -5.89
CA PRO C 486 24.30 5.41 -7.10
C PRO C 486 25.82 5.45 -7.29
N ARG C 487 26.24 5.83 -8.51
CA ARG C 487 27.66 5.97 -8.84
C ARG C 487 28.16 7.35 -8.38
N HIS C 488 29.45 7.43 -8.10
CA HIS C 488 30.07 8.63 -7.54
C HIS C 488 29.70 9.93 -8.25
N ARG C 489 29.95 9.96 -9.56
CA ARG C 489 29.74 11.16 -10.37
C ARG C 489 28.29 11.61 -10.29
N SER C 490 27.39 10.65 -10.17
CA SER C 490 25.94 10.88 -10.19
C SER C 490 25.41 11.51 -8.88
N VAL C 491 25.97 11.11 -7.75
CA VAL C 491 25.57 11.68 -6.46
C VAL C 491 26.31 13.00 -6.19
N LEU C 492 27.57 13.07 -6.62
CA LEU C 492 28.35 14.32 -6.53
C LEU C 492 27.57 15.47 -7.14
N ARG C 493 27.07 15.25 -8.35
CA ARG C 493 26.21 16.19 -9.04
C ARG C 493 24.94 16.44 -8.24
N TRP C 494 24.30 15.36 -7.80
CA TRP C 494 23.07 15.46 -7.02
C TRP C 494 23.25 16.32 -5.76
N VAL C 495 24.37 16.18 -5.04
CA VAL C 495 24.53 16.90 -3.77
C VAL C 495 24.98 18.35 -3.92
N ARG C 496 25.81 18.61 -4.92
CA ARG C 496 26.34 19.95 -5.15
C ARG C 496 25.33 20.88 -5.84
N PHE C 497 24.61 20.33 -6.81
CA PHE C 497 23.68 21.10 -7.63
C PHE C 497 22.28 20.47 -7.59
N GLY C 498 22.04 19.51 -8.49
CA GLY C 498 20.79 18.73 -8.56
C GLY C 498 19.62 19.22 -7.71
#